data_3M6C
# 
_entry.id   3M6C 
# 
_audit_conform.dict_name       mmcif_pdbx.dic 
_audit_conform.dict_version    5.379 
_audit_conform.dict_location   http://mmcif.pdb.org/dictionaries/ascii/mmcif_pdbx.dic 
# 
loop_
_database_2.database_id 
_database_2.database_code 
_database_2.pdbx_database_accession 
_database_2.pdbx_DOI 
PDB   3M6C         pdb_00003m6c 10.2210/pdb3m6c/pdb 
RCSB  RCSB058163   ?            ?                   
WWPDB D_1000058163 ?            ?                   
# 
_pdbx_database_status.entry_id                        3M6C 
_pdbx_database_status.deposit_site                    RCSB 
_pdbx_database_status.process_site                    RCSB 
_pdbx_database_status.recvd_initial_deposition_date   2010-03-15 
_pdbx_database_status.status_code                     REL 
_pdbx_database_status.status_code_sf                  REL 
_pdbx_database_status.status_code_mr                  ? 
_pdbx_database_status.SG_entry                        ? 
_pdbx_database_status.status_code_cs                  ? 
_pdbx_database_status.pdb_format_compatible           Y 
_pdbx_database_status.methods_development_category    ? 
_pdbx_database_status.status_code_nmr_data            ? 
# 
loop_
_audit_author.name 
_audit_author.pdbx_ordinal 
'Tsai, F.T.F.' 1 
'Sielaff, B.'  2 
'Lee, K.'      3 
# 
_citation.id                        primary 
_citation.title                     
'Structural and functional conservation of Mycobacterium tuberculosis GroEL paralogs suggests that GroEL1 Is a chaperonin.' 
_citation.journal_abbrev            J.Mol.Biol. 
_citation.journal_volume            405 
_citation.page_first                831 
_citation.page_last                 839 
_citation.year                      2011 
_citation.journal_id_ASTM           JMOBAK 
_citation.country                   UK 
_citation.journal_id_ISSN           0022-2836 
_citation.journal_id_CSD            0070 
_citation.book_publisher            ? 
_citation.pdbx_database_id_PubMed   21094166 
_citation.pdbx_database_id_DOI      10.1016/j.jmb.2010.11.021 
# 
loop_
_citation_author.citation_id 
_citation_author.name 
_citation_author.ordinal 
_citation_author.identifier_ORCID 
primary 'Sielaff, B.' 1 ? 
primary 'Lee, K.S.'   2 ? 
primary 'Tsai, F.T.'  3 ? 
# 
_cell.length_a           75.468 
_cell.length_b           78.647 
_cell.length_c           34.891 
_cell.angle_alpha        90.000 
_cell.angle_beta         90.000 
_cell.angle_gamma        90.000 
_cell.entry_id           3M6C 
_cell.pdbx_unique_axis   ? 
_cell.Z_PDB              4 
_cell.length_a_esd       ? 
_cell.length_b_esd       ? 
_cell.length_c_esd       ? 
_cell.angle_alpha_esd    ? 
_cell.angle_beta_esd     ? 
_cell.angle_gamma_esd    ? 
# 
_symmetry.space_group_name_H-M             'P 21 21 2' 
_symmetry.entry_id                         3M6C 
_symmetry.Int_Tables_number                18 
_symmetry.pdbx_full_space_group_name_H-M   ? 
_symmetry.cell_setting                     ? 
_symmetry.space_group_name_Hall            ? 
# 
loop_
_entity.id 
_entity.type 
_entity.src_method 
_entity.pdbx_description 
_entity.formula_weight 
_entity.pdbx_number_of_molecules 
_entity.pdbx_ec 
_entity.pdbx_mutation 
_entity.pdbx_fragment 
_entity.details 
1 polymer man '60 kDa chaperonin 1' 20746.693 1  ? ? 'unp residues 184-377' ? 
2 water   nat water                 18.015    65 ? ? ?                      ? 
# 
_entity_name_com.entity_id   1 
_entity_name_com.name        'Protein Cpn60-1, groEL protein 1' 
# 
_entity_poly.entity_id                      1 
_entity_poly.type                           'polypeptide(L)' 
_entity_poly.nstd_linkage                   no 
_entity_poly.nstd_monomer                   no 
_entity_poly.pdbx_seq_one_letter_code       
;ELEFTEGIGFDKGFLSAYFVTDFDNQQAVLEDALILLHQDKISSLPDLLPLLEKVAGTGKPLLIVAEDVEGEALATLVVN
AIRKTLKAVAVKGPYFGDRRKAFLEDLAVVTGGQVVNPDAGMVLREVGLEVLGSARRVVVSKDDTVIVDGGGTAEAVANR
AKHLRAEIDKSDSDWDREKLGERLAKLAGGVAVI
;
_entity_poly.pdbx_seq_one_letter_code_can   
;ELEFTEGIGFDKGFLSAYFVTDFDNQQAVLEDALILLHQDKISSLPDLLPLLEKVAGTGKPLLIVAEDVEGEALATLVVN
AIRKTLKAVAVKGPYFGDRRKAFLEDLAVVTGGQVVNPDAGMVLREVGLEVLGSARRVVVSKDDTVIVDGGGTAEAVANR
AKHLRAEIDKSDSDWDREKLGERLAKLAGGVAVI
;
_entity_poly.pdbx_strand_id                 A 
_entity_poly.pdbx_target_identifier         ? 
# 
loop_
_entity_poly_seq.entity_id 
_entity_poly_seq.num 
_entity_poly_seq.mon_id 
_entity_poly_seq.hetero 
1 1   GLU n 
1 2   LEU n 
1 3   GLU n 
1 4   PHE n 
1 5   THR n 
1 6   GLU n 
1 7   GLY n 
1 8   ILE n 
1 9   GLY n 
1 10  PHE n 
1 11  ASP n 
1 12  LYS n 
1 13  GLY n 
1 14  PHE n 
1 15  LEU n 
1 16  SER n 
1 17  ALA n 
1 18  TYR n 
1 19  PHE n 
1 20  VAL n 
1 21  THR n 
1 22  ASP n 
1 23  PHE n 
1 24  ASP n 
1 25  ASN n 
1 26  GLN n 
1 27  GLN n 
1 28  ALA n 
1 29  VAL n 
1 30  LEU n 
1 31  GLU n 
1 32  ASP n 
1 33  ALA n 
1 34  LEU n 
1 35  ILE n 
1 36  LEU n 
1 37  LEU n 
1 38  HIS n 
1 39  GLN n 
1 40  ASP n 
1 41  LYS n 
1 42  ILE n 
1 43  SER n 
1 44  SER n 
1 45  LEU n 
1 46  PRO n 
1 47  ASP n 
1 48  LEU n 
1 49  LEU n 
1 50  PRO n 
1 51  LEU n 
1 52  LEU n 
1 53  GLU n 
1 54  LYS n 
1 55  VAL n 
1 56  ALA n 
1 57  GLY n 
1 58  THR n 
1 59  GLY n 
1 60  LYS n 
1 61  PRO n 
1 62  LEU n 
1 63  LEU n 
1 64  ILE n 
1 65  VAL n 
1 66  ALA n 
1 67  GLU n 
1 68  ASP n 
1 69  VAL n 
1 70  GLU n 
1 71  GLY n 
1 72  GLU n 
1 73  ALA n 
1 74  LEU n 
1 75  ALA n 
1 76  THR n 
1 77  LEU n 
1 78  VAL n 
1 79  VAL n 
1 80  ASN n 
1 81  ALA n 
1 82  ILE n 
1 83  ARG n 
1 84  LYS n 
1 85  THR n 
1 86  LEU n 
1 87  LYS n 
1 88  ALA n 
1 89  VAL n 
1 90  ALA n 
1 91  VAL n 
1 92  LYS n 
1 93  GLY n 
1 94  PRO n 
1 95  TYR n 
1 96  PHE n 
1 97  GLY n 
1 98  ASP n 
1 99  ARG n 
1 100 ARG n 
1 101 LYS n 
1 102 ALA n 
1 103 PHE n 
1 104 LEU n 
1 105 GLU n 
1 106 ASP n 
1 107 LEU n 
1 108 ALA n 
1 109 VAL n 
1 110 VAL n 
1 111 THR n 
1 112 GLY n 
1 113 GLY n 
1 114 GLN n 
1 115 VAL n 
1 116 VAL n 
1 117 ASN n 
1 118 PRO n 
1 119 ASP n 
1 120 ALA n 
1 121 GLY n 
1 122 MET n 
1 123 VAL n 
1 124 LEU n 
1 125 ARG n 
1 126 GLU n 
1 127 VAL n 
1 128 GLY n 
1 129 LEU n 
1 130 GLU n 
1 131 VAL n 
1 132 LEU n 
1 133 GLY n 
1 134 SER n 
1 135 ALA n 
1 136 ARG n 
1 137 ARG n 
1 138 VAL n 
1 139 VAL n 
1 140 VAL n 
1 141 SER n 
1 142 LYS n 
1 143 ASP n 
1 144 ASP n 
1 145 THR n 
1 146 VAL n 
1 147 ILE n 
1 148 VAL n 
1 149 ASP n 
1 150 GLY n 
1 151 GLY n 
1 152 GLY n 
1 153 THR n 
1 154 ALA n 
1 155 GLU n 
1 156 ALA n 
1 157 VAL n 
1 158 ALA n 
1 159 ASN n 
1 160 ARG n 
1 161 ALA n 
1 162 LYS n 
1 163 HIS n 
1 164 LEU n 
1 165 ARG n 
1 166 ALA n 
1 167 GLU n 
1 168 ILE n 
1 169 ASP n 
1 170 LYS n 
1 171 SER n 
1 172 ASP n 
1 173 SER n 
1 174 ASP n 
1 175 TRP n 
1 176 ASP n 
1 177 ARG n 
1 178 GLU n 
1 179 LYS n 
1 180 LEU n 
1 181 GLY n 
1 182 GLU n 
1 183 ARG n 
1 184 LEU n 
1 185 ALA n 
1 186 LYS n 
1 187 LEU n 
1 188 ALA n 
1 189 GLY n 
1 190 GLY n 
1 191 VAL n 
1 192 ALA n 
1 193 VAL n 
1 194 ILE n 
# 
_entity_src_gen.entity_id                          1 
_entity_src_gen.pdbx_src_id                        1 
_entity_src_gen.pdbx_alt_source_flag               sample 
_entity_src_gen.pdbx_seq_type                      ? 
_entity_src_gen.pdbx_beg_seq_num                   ? 
_entity_src_gen.pdbx_end_seq_num                   ? 
_entity_src_gen.gene_src_common_name               ? 
_entity_src_gen.gene_src_genus                     ? 
_entity_src_gen.pdbx_gene_src_gene                 'groEL-1, groEL1, groL1, MT3526, MTCY78.12, Rv3417c' 
_entity_src_gen.gene_src_species                   ? 
_entity_src_gen.gene_src_strain                    H37Rv 
_entity_src_gen.gene_src_tissue                    ? 
_entity_src_gen.gene_src_tissue_fraction           ? 
_entity_src_gen.gene_src_details                   ? 
_entity_src_gen.pdbx_gene_src_fragment             ? 
_entity_src_gen.pdbx_gene_src_scientific_name      'Mycobacterium tuberculosis' 
_entity_src_gen.pdbx_gene_src_ncbi_taxonomy_id     83332 
_entity_src_gen.pdbx_gene_src_variant              ? 
_entity_src_gen.pdbx_gene_src_cell_line            ? 
_entity_src_gen.pdbx_gene_src_atcc                 ? 
_entity_src_gen.pdbx_gene_src_organ                ? 
_entity_src_gen.pdbx_gene_src_organelle            ? 
_entity_src_gen.pdbx_gene_src_cell                 ? 
_entity_src_gen.pdbx_gene_src_cellular_location    ? 
_entity_src_gen.host_org_common_name               ? 
_entity_src_gen.pdbx_host_org_scientific_name      'Escherichia coli' 
_entity_src_gen.pdbx_host_org_ncbi_taxonomy_id     562 
_entity_src_gen.host_org_genus                     ? 
_entity_src_gen.pdbx_host_org_gene                 ? 
_entity_src_gen.pdbx_host_org_organ                ? 
_entity_src_gen.host_org_species                   ? 
_entity_src_gen.pdbx_host_org_tissue               ? 
_entity_src_gen.pdbx_host_org_tissue_fraction      ? 
_entity_src_gen.pdbx_host_org_strain               'BL21(DE3) RIL' 
_entity_src_gen.pdbx_host_org_variant              ? 
_entity_src_gen.pdbx_host_org_cell_line            ? 
_entity_src_gen.pdbx_host_org_atcc                 ? 
_entity_src_gen.pdbx_host_org_culture_collection   ? 
_entity_src_gen.pdbx_host_org_cell                 ? 
_entity_src_gen.pdbx_host_org_organelle            ? 
_entity_src_gen.pdbx_host_org_cellular_location    ? 
_entity_src_gen.pdbx_host_org_vector_type          Plasmid 
_entity_src_gen.pdbx_host_org_vector               ? 
_entity_src_gen.host_org_details                   ? 
_entity_src_gen.expression_system_id               ? 
_entity_src_gen.plasmid_name                       'pProEX Htb' 
_entity_src_gen.plasmid_details                    ? 
_entity_src_gen.pdbx_description                   ? 
# 
_struct_ref.id                         1 
_struct_ref.db_name                    UNP 
_struct_ref.db_code                    CH601_MYCTU 
_struct_ref.pdbx_db_accession          P0A518 
_struct_ref.entity_id                  1 
_struct_ref.pdbx_seq_one_letter_code   
;ELEFTEGIGFDKGFLSAYFVTDFDNQQAVLEDALILLHQDKISSLPDLLPLLEKVAGTGKPLLIVAEDVEGEALATLVVN
AIRKTLKAVAVKGPYFGDRRKAFLEDLAVVTGGQVVNPDAGMVLREVGLEVLGSARRVVVSKDDTVIVDGGGTAEAVANR
AKHLRAEIDKSDSDWDREKLGERLAKLAGGVAVI
;
_struct_ref.pdbx_align_begin           184 
_struct_ref.pdbx_db_isoform            ? 
# 
_struct_ref_seq.align_id                      1 
_struct_ref_seq.ref_id                        1 
_struct_ref_seq.pdbx_PDB_id_code              3M6C 
_struct_ref_seq.pdbx_strand_id                A 
_struct_ref_seq.seq_align_beg                 1 
_struct_ref_seq.pdbx_seq_align_beg_ins_code   ? 
_struct_ref_seq.seq_align_end                 194 
_struct_ref_seq.pdbx_seq_align_end_ins_code   ? 
_struct_ref_seq.pdbx_db_accession             P0A518 
_struct_ref_seq.db_align_beg                  184 
_struct_ref_seq.pdbx_db_align_beg_ins_code    ? 
_struct_ref_seq.db_align_end                  377 
_struct_ref_seq.pdbx_db_align_end_ins_code    ? 
_struct_ref_seq.pdbx_auth_seq_align_beg       184 
_struct_ref_seq.pdbx_auth_seq_align_end       377 
# 
loop_
_chem_comp.id 
_chem_comp.type 
_chem_comp.mon_nstd_flag 
_chem_comp.name 
_chem_comp.pdbx_synonyms 
_chem_comp.formula 
_chem_comp.formula_weight 
ALA 'L-peptide linking' y ALANINE         ? 'C3 H7 N O2'     89.093  
ARG 'L-peptide linking' y ARGININE        ? 'C6 H15 N4 O2 1' 175.209 
ASN 'L-peptide linking' y ASPARAGINE      ? 'C4 H8 N2 O3'    132.118 
ASP 'L-peptide linking' y 'ASPARTIC ACID' ? 'C4 H7 N O4'     133.103 
GLN 'L-peptide linking' y GLUTAMINE       ? 'C5 H10 N2 O3'   146.144 
GLU 'L-peptide linking' y 'GLUTAMIC ACID' ? 'C5 H9 N O4'     147.129 
GLY 'peptide linking'   y GLYCINE         ? 'C2 H5 N O2'     75.067  
HIS 'L-peptide linking' y HISTIDINE       ? 'C6 H10 N3 O2 1' 156.162 
HOH non-polymer         . WATER           ? 'H2 O'           18.015  
ILE 'L-peptide linking' y ISOLEUCINE      ? 'C6 H13 N O2'    131.173 
LEU 'L-peptide linking' y LEUCINE         ? 'C6 H13 N O2'    131.173 
LYS 'L-peptide linking' y LYSINE          ? 'C6 H15 N2 O2 1' 147.195 
MET 'L-peptide linking' y METHIONINE      ? 'C5 H11 N O2 S'  149.211 
PHE 'L-peptide linking' y PHENYLALANINE   ? 'C9 H11 N O2'    165.189 
PRO 'L-peptide linking' y PROLINE         ? 'C5 H9 N O2'     115.130 
SER 'L-peptide linking' y SERINE          ? 'C3 H7 N O3'     105.093 
THR 'L-peptide linking' y THREONINE       ? 'C4 H9 N O3'     119.119 
TRP 'L-peptide linking' y TRYPTOPHAN      ? 'C11 H12 N2 O2'  204.225 
TYR 'L-peptide linking' y TYROSINE        ? 'C9 H11 N O3'    181.189 
VAL 'L-peptide linking' y VALINE          ? 'C5 H11 N O2'    117.146 
# 
_exptl.crystals_number   1 
_exptl.entry_id          3M6C 
_exptl.method            'X-RAY DIFFRACTION' 
# 
_exptl_crystal.id                    1 
_exptl_crystal.density_Matthews      2.50 
_exptl_crystal.density_meas          ? 
_exptl_crystal.density_percent_sol   50.71 
_exptl_crystal.description           ? 
_exptl_crystal.F_000                 ? 
_exptl_crystal.preparation           ? 
# 
_exptl_crystal_grow.crystal_id      1 
_exptl_crystal_grow.method          'VAPOR DIFFUSION, HANGING DROP' 
_exptl_crystal_grow.pH              9.0 
_exptl_crystal_grow.temp            294 
_exptl_crystal_grow.temp_details    ? 
_exptl_crystal_grow.pdbx_details    '20% PEG 6000, 0.1M Bicine, pH 9.0, VAPOR DIFFUSION, HANGING DROP, temperature 294K' 
_exptl_crystal_grow.pdbx_pH_range   ? 
# 
_diffrn.id                     1 
_diffrn.ambient_temp           100 
_diffrn.ambient_temp_details   ? 
_diffrn.crystal_id             1 
# 
_diffrn_detector.diffrn_id              1 
_diffrn_detector.detector               'IMAGE PLATE' 
_diffrn_detector.type                   'RIGAKU RAXIS HTC' 
_diffrn_detector.pdbx_collection_date   2008-10-12 
_diffrn_detector.details                'Mirrors Varimax HF' 
# 
_diffrn_radiation.diffrn_id                        1 
_diffrn_radiation.wavelength_id                    1 
_diffrn_radiation.pdbx_diffrn_protocol             'SINGLE WAVELENGTH' 
_diffrn_radiation.monochromator                    ? 
_diffrn_radiation.pdbx_monochromatic_or_laue_m_l   M 
_diffrn_radiation.pdbx_scattering_type             x-ray 
# 
_diffrn_radiation_wavelength.id           1 
_diffrn_radiation_wavelength.wavelength   1.5418 
_diffrn_radiation_wavelength.wt           1.0 
# 
_diffrn_source.diffrn_id                   1 
_diffrn_source.source                      'ROTATING ANODE' 
_diffrn_source.type                        'RIGAKU FR-E+ SUPERBRIGHT' 
_diffrn_source.pdbx_wavelength             ? 
_diffrn_source.pdbx_wavelength_list        1.5418 
_diffrn_source.pdbx_synchrotron_site       ? 
_diffrn_source.pdbx_synchrotron_beamline   ? 
# 
_reflns.entry_id                     3M6C 
_reflns.d_resolution_high            2.200 
_reflns.d_resolution_low             40.000 
_reflns.number_obs                   10994 
_reflns.pdbx_Rmerge_I_obs            0.101 
_reflns.pdbx_netI_over_sigmaI        12.300 
_reflns.pdbx_chi_squared             1.087 
_reflns.pdbx_redundancy              4.300 
_reflns.percent_possible_obs         98.700 
_reflns.observed_criterion_sigma_F   ? 
_reflns.observed_criterion_sigma_I   ? 
_reflns.number_all                   ? 
_reflns.pdbx_Rsym_value              ? 
_reflns.B_iso_Wilson_estimate        ? 
_reflns.R_free_details               ? 
_reflns.limit_h_max                  ? 
_reflns.limit_h_min                  ? 
_reflns.limit_k_max                  ? 
_reflns.limit_k_min                  ? 
_reflns.limit_l_max                  ? 
_reflns.limit_l_min                  ? 
_reflns.observed_criterion_F_max     ? 
_reflns.observed_criterion_F_min     ? 
_reflns.pdbx_scaling_rejects         ? 
_reflns.pdbx_diffrn_id               1 
_reflns.pdbx_ordinal                 1 
# 
_reflns_shell.d_res_high             2.20 
_reflns_shell.d_res_low              2.28 
_reflns_shell.number_measured_obs    ? 
_reflns_shell.number_measured_all    ? 
_reflns_shell.number_unique_obs      ? 
_reflns_shell.Rmerge_I_obs           0.367 
_reflns_shell.meanI_over_sigI_obs    ? 
_reflns_shell.pdbx_Rsym_value        ? 
_reflns_shell.pdbx_chi_squared       0.924 
_reflns_shell.pdbx_redundancy        2.60 
_reflns_shell.percent_possible_obs   ? 
_reflns_shell.number_unique_all      986 
_reflns_shell.percent_possible_all   91.90 
_reflns_shell.pdbx_diffrn_id         ? 
_reflns_shell.pdbx_ordinal           1 
# 
_refine.entry_id                                 3M6C 
_refine.ls_d_res_high                            2.200 
_refine.ls_d_res_low                             20.410 
_refine.pdbx_ls_sigma_F                          0.00 
_refine.pdbx_data_cutoff_high_absF               375010.000 
_refine.pdbx_data_cutoff_low_absF                0.000 
_refine.ls_percent_reflns_obs                    95.000 
_refine.ls_number_reflns_obs                     10517 
_refine.ls_number_reflns_all                     ? 
_refine.pdbx_ls_cross_valid_method               THROUGHOUT 
_refine.pdbx_R_Free_selection_details            RANDOM 
_refine.details                                  'BULK SOLVENT MODEL USED' 
_refine.ls_R_factor_all                          ? 
_refine.ls_R_factor_obs                          ? 
_refine.ls_R_factor_R_work                       0.210 
_refine.ls_wR_factor_R_work                      ? 
_refine.ls_R_factor_R_free                       0.232 
_refine.ls_wR_factor_R_free                      ? 
_refine.ls_percent_reflns_R_free                 5.200 
_refine.ls_number_reflns_R_free                  544 
_refine.ls_R_factor_R_free_error                 0.010 
_refine.B_iso_mean                               30.293 
_refine.solvent_model_param_bsol                 40.122 
_refine.solvent_model_param_ksol                 0.400 
_refine.pdbx_isotropic_thermal_model             RESTRAINED 
_refine.aniso_B[1][1]                            -0.790 
_refine.aniso_B[2][2]                            -3.870 
_refine.aniso_B[3][3]                            4.670 
_refine.aniso_B[1][2]                            0.000 
_refine.aniso_B[1][3]                            0.000 
_refine.aniso_B[2][3]                            0.000 
_refine.correlation_coeff_Fo_to_Fc               ? 
_refine.correlation_coeff_Fo_to_Fc_free          ? 
_refine.overall_SU_R_Cruickshank_DPI             ? 
_refine.overall_SU_R_free                        ? 
_refine.pdbx_overall_ESU_R_Free                  ? 
_refine.overall_SU_ML                            ? 
_refine.overall_SU_B                             ? 
_refine.solvent_model_details                    'FLAT MODEL' 
_refine.pdbx_solvent_vdw_probe_radii             ? 
_refine.pdbx_solvent_ion_probe_radii             ? 
_refine.pdbx_solvent_shrinkage_radii             ? 
_refine.ls_number_parameters                     ? 
_refine.ls_number_restraints                     ? 
_refine.pdbx_starting_model                      'PDB entry 1SJP' 
_refine.pdbx_method_to_determine_struct          'MOLECULAR REPLACEMENT' 
_refine.pdbx_stereochemistry_target_values       ? 
_refine.pdbx_stereochem_target_val_spec_case     ? 
_refine.overall_FOM_work_R_set                   ? 
_refine.B_iso_max                                65.66 
_refine.B_iso_min                                9.98 
_refine.occupancy_max                            1.00 
_refine.occupancy_min                            1.00 
_refine.pdbx_ls_sigma_I                          ? 
_refine.ls_redundancy_reflns_obs                 ? 
_refine.ls_R_factor_R_free_error_details         ? 
_refine.pdbx_data_cutoff_high_rms_absF           ? 
_refine.overall_FOM_free_R_set                   ? 
_refine.pdbx_overall_phase_error                 ? 
_refine.pdbx_refine_id                           'X-RAY DIFFRACTION' 
_refine.pdbx_overall_ESU_R                       ? 
_refine.pdbx_diffrn_id                           1 
_refine.pdbx_TLS_residual_ADP_flag               ? 
_refine.pdbx_overall_SU_R_free_Cruickshank_DPI   ? 
_refine.pdbx_overall_SU_R_Blow_DPI               ? 
_refine.pdbx_overall_SU_R_free_Blow_DPI          ? 
# 
_refine_analyze.entry_id                        3M6C 
_refine_analyze.Luzzati_coordinate_error_obs    0.260 
_refine_analyze.Luzzati_sigma_a_obs             0.220 
_refine_analyze.Luzzati_d_res_low_obs           5.000 
_refine_analyze.Luzzati_coordinate_error_free   0.310 
_refine_analyze.Luzzati_sigma_a_free            0.250 
_refine_analyze.Luzzati_d_res_low_free          ? 
_refine_analyze.number_disordered_residues      ? 
_refine_analyze.occupancy_sum_non_hydrogen      ? 
_refine_analyze.occupancy_sum_hydrogen          ? 
_refine_analyze.pdbx_Luzzati_d_res_high_obs     ? 
_refine_analyze.pdbx_refine_id                  'X-RAY DIFFRACTION' 
# 
_refine_hist.pdbx_refine_id                   'X-RAY DIFFRACTION' 
_refine_hist.cycle_id                         LAST 
_refine_hist.pdbx_number_atoms_protein        1461 
_refine_hist.pdbx_number_atoms_nucleic_acid   0 
_refine_hist.pdbx_number_atoms_ligand         0 
_refine_hist.number_atoms_solvent             65 
_refine_hist.number_atoms_total               1526 
_refine_hist.d_res_high                       2.200 
_refine_hist.d_res_low                        20.410 
# 
loop_
_refine_ls_restr.type 
_refine_ls_restr.number 
_refine_ls_restr.dev_ideal 
_refine_ls_restr.dev_ideal_target 
_refine_ls_restr.weight 
_refine_ls_restr.pdbx_refine_id 
_refine_ls_restr.pdbx_restraint_function 
c_bond_d           ? 0.006  ?     ? 'X-RAY DIFFRACTION' ? 
c_angle_deg        ? 1.200  ?     ? 'X-RAY DIFFRACTION' ? 
c_dihedral_angle_d ? 22.300 ?     ? 'X-RAY DIFFRACTION' ? 
c_improper_angle_d ? 0.700  ?     ? 'X-RAY DIFFRACTION' ? 
c_mcbond_it        ? 1.480  1.500 ? 'X-RAY DIFFRACTION' ? 
c_mcangle_it       ? 2.300  2.000 ? 'X-RAY DIFFRACTION' ? 
c_scbond_it        ? 2.610  2.000 ? 'X-RAY DIFFRACTION' ? 
c_scangle_it       ? 4.120  2.500 ? 'X-RAY DIFFRACTION' ? 
# 
_refine_ls_shell.d_res_high                       2.200 
_refine_ls_shell.d_res_low                        2.340 
_refine_ls_shell.pdbx_total_number_of_bins_used   6 
_refine_ls_shell.percent_reflns_obs               84.200 
_refine_ls_shell.number_reflns_R_work             1458 
_refine_ls_shell.R_factor_all                     ? 
_refine_ls_shell.R_factor_R_work                  0.250 
_refine_ls_shell.R_factor_R_free                  0.289 
_refine_ls_shell.percent_reflns_R_free            4.500 
_refine_ls_shell.number_reflns_R_free             68 
_refine_ls_shell.R_factor_R_free_error            0.035 
_refine_ls_shell.number_reflns_all                1526 
_refine_ls_shell.number_reflns_obs                ? 
_refine_ls_shell.redundancy_reflns_obs            ? 
_refine_ls_shell.pdbx_refine_id                   'X-RAY DIFFRACTION' 
# 
loop_
_pdbx_xplor_file.serial_no 
_pdbx_xplor_file.param_file 
_pdbx_xplor_file.topol_file 
_pdbx_xplor_file.pdbx_refine_id 
1 protein_rep.param protein.top 'X-RAY DIFFRACTION' 
2 water_rep.param   water.top   'X-RAY DIFFRACTION' 
# 
_struct.entry_id                  3M6C 
_struct.title                     'Crystal structure of Mycobacterium tuberculosis GroEL1 apical domain' 
_struct.pdbx_model_details        ? 
_struct.pdbx_CASP_flag            ? 
_struct.pdbx_model_type_details   ? 
# 
_struct_keywords.entry_id        3M6C 
_struct_keywords.pdbx_keywords   CHAPERONE 
_struct_keywords.text            'Chaperone, ATP-binding, Nucleotide-binding' 
# 
loop_
_struct_asym.id 
_struct_asym.pdbx_blank_PDB_chainid_flag 
_struct_asym.pdbx_modified 
_struct_asym.entity_id 
_struct_asym.details 
A N N 1 ? 
B N N 2 ? 
# 
_struct_biol.id        1 
_struct_biol.details   ? 
# 
loop_
_struct_conf.conf_type_id 
_struct_conf.id 
_struct_conf.pdbx_PDB_helix_id 
_struct_conf.beg_label_comp_id 
_struct_conf.beg_label_asym_id 
_struct_conf.beg_label_seq_id 
_struct_conf.pdbx_beg_PDB_ins_code 
_struct_conf.end_label_comp_id 
_struct_conf.end_label_asym_id 
_struct_conf.end_label_seq_id 
_struct_conf.pdbx_end_PDB_ins_code 
_struct_conf.beg_auth_comp_id 
_struct_conf.beg_auth_asym_id 
_struct_conf.beg_auth_seq_id 
_struct_conf.end_auth_comp_id 
_struct_conf.end_auth_asym_id 
_struct_conf.end_auth_seq_id 
_struct_conf.pdbx_PDB_helix_class 
_struct_conf.details 
_struct_conf.pdbx_PDB_helix_length 
HELX_P HELX_P1 1 SER A 16  ? VAL A 20  ? SER A 199 VAL A 203 5 ? 5  
HELX_P HELX_P2 2 SER A 44  ? GLY A 59  ? SER A 227 GLY A 242 1 ? 16 
HELX_P HELX_P3 3 GLU A 70  ? ARG A 83  ? GLU A 253 ARG A 266 1 ? 14 
HELX_P HELX_P4 4 PHE A 96  ? GLY A 112 ? PHE A 279 GLY A 295 1 ? 17 
HELX_P HELX_P5 5 ASN A 117 ? GLY A 121 ? ASN A 300 GLY A 304 5 ? 5  
HELX_P HELX_P6 6 VAL A 123 ? VAL A 127 ? VAL A 306 VAL A 310 5 ? 5  
HELX_P HELX_P7 7 GLY A 128 ? LEU A 132 ? GLY A 311 LEU A 315 5 ? 5  
HELX_P HELX_P8 8 THR A 153 ? LYS A 170 ? THR A 336 LYS A 353 1 ? 18 
HELX_P HELX_P9 9 SER A 173 ? VAL A 191 ? SER A 356 VAL A 374 1 ? 19 
# 
_struct_conf_type.id          HELX_P 
_struct_conf_type.criteria    ? 
_struct_conf_type.reference   ? 
# 
loop_
_struct_sheet.id 
_struct_sheet.type 
_struct_sheet.number_strands 
_struct_sheet.details 
A ? 6 ? 
B ? 2 ? 
# 
loop_
_struct_sheet_order.sheet_id 
_struct_sheet_order.range_id_1 
_struct_sheet_order.range_id_2 
_struct_sheet_order.offset 
_struct_sheet_order.sense 
A 1 2 ? anti-parallel 
A 2 3 ? anti-parallel 
A 3 4 ? anti-parallel 
A 4 5 ? parallel      
A 5 6 ? parallel      
B 1 2 ? parallel      
# 
loop_
_struct_sheet_range.sheet_id 
_struct_sheet_range.id 
_struct_sheet_range.beg_label_comp_id 
_struct_sheet_range.beg_label_asym_id 
_struct_sheet_range.beg_label_seq_id 
_struct_sheet_range.pdbx_beg_PDB_ins_code 
_struct_sheet_range.end_label_comp_id 
_struct_sheet_range.end_label_asym_id 
_struct_sheet_range.end_label_seq_id 
_struct_sheet_range.pdbx_end_PDB_ins_code 
_struct_sheet_range.beg_auth_comp_id 
_struct_sheet_range.beg_auth_asym_id 
_struct_sheet_range.beg_auth_seq_id 
_struct_sheet_range.end_auth_comp_id 
_struct_sheet_range.end_auth_asym_id 
_struct_sheet_range.end_auth_seq_id 
A 1 ILE A 8   ? PHE A 10  ? ILE A 191 PHE A 193 
A 2 THR A 145 ? GLY A 150 ? THR A 328 GLY A 333 
A 3 GLY A 133 ? VAL A 140 ? GLY A 316 VAL A 323 
A 4 ALA A 28  ? LEU A 37  ? ALA A 211 LEU A 220 
A 5 LEU A 62  ? ALA A 66  ? LEU A 245 ALA A 249 
A 6 ALA A 88  ? LYS A 92  ? ALA A 271 LYS A 275 
B 1 LYS A 41  ? ILE A 42  ? LYS A 224 ILE A 225 
B 2 ASP A 68  ? VAL A 69  ? ASP A 251 VAL A 252 
# 
loop_
_pdbx_struct_sheet_hbond.sheet_id 
_pdbx_struct_sheet_hbond.range_id_1 
_pdbx_struct_sheet_hbond.range_id_2 
_pdbx_struct_sheet_hbond.range_1_label_atom_id 
_pdbx_struct_sheet_hbond.range_1_label_comp_id 
_pdbx_struct_sheet_hbond.range_1_label_asym_id 
_pdbx_struct_sheet_hbond.range_1_label_seq_id 
_pdbx_struct_sheet_hbond.range_1_PDB_ins_code 
_pdbx_struct_sheet_hbond.range_1_auth_atom_id 
_pdbx_struct_sheet_hbond.range_1_auth_comp_id 
_pdbx_struct_sheet_hbond.range_1_auth_asym_id 
_pdbx_struct_sheet_hbond.range_1_auth_seq_id 
_pdbx_struct_sheet_hbond.range_2_label_atom_id 
_pdbx_struct_sheet_hbond.range_2_label_comp_id 
_pdbx_struct_sheet_hbond.range_2_label_asym_id 
_pdbx_struct_sheet_hbond.range_2_label_seq_id 
_pdbx_struct_sheet_hbond.range_2_PDB_ins_code 
_pdbx_struct_sheet_hbond.range_2_auth_atom_id 
_pdbx_struct_sheet_hbond.range_2_auth_comp_id 
_pdbx_struct_sheet_hbond.range_2_auth_asym_id 
_pdbx_struct_sheet_hbond.range_2_auth_seq_id 
A 1 2 N PHE A 10  ? N PHE A 193 O THR A 145 ? O THR A 328 
A 2 3 O VAL A 148 ? O VAL A 331 N ARG A 137 ? N ARG A 320 
A 3 4 O ARG A 136 ? O ARG A 319 N ASP A 32  ? N ASP A 215 
A 4 5 N LEU A 36  ? N LEU A 219 O VAL A 65  ? O VAL A 248 
A 5 6 N ILE A 64  ? N ILE A 247 O VAL A 91  ? O VAL A 274 
B 1 2 N ILE A 42  ? N ILE A 225 O ASP A 68  ? O ASP A 251 
# 
_atom_sites.entry_id                    3M6C 
_atom_sites.fract_transf_matrix[1][1]   -0.00190441 
_atom_sites.fract_transf_matrix[1][2]   -0.01311310 
_atom_sites.fract_transf_matrix[1][3]   0.00009417 
_atom_sites.fract_transf_matrix[2][1]   -0.00772727 
_atom_sites.fract_transf_matrix[2][2]   0.00119423 
_atom_sites.fract_transf_matrix[2][3]   0.01002668 
_atom_sites.fract_transf_matrix[3][1]   -0.02238516 
_atom_sites.fract_transf_matrix[3][2]   0.00312442 
_atom_sites.fract_transf_matrix[3][3]   -0.01762372 
_atom_sites.fract_transf_vector[1]      -0.061380 
_atom_sites.fract_transf_vector[2]      0.184988 
_atom_sites.fract_transf_vector[3]      -0.104718 
# 
loop_
_atom_type.symbol 
C 
N 
O 
S 
# 
loop_
_atom_site.group_PDB 
_atom_site.id 
_atom_site.type_symbol 
_atom_site.label_atom_id 
_atom_site.label_alt_id 
_atom_site.label_comp_id 
_atom_site.label_asym_id 
_atom_site.label_entity_id 
_atom_site.label_seq_id 
_atom_site.pdbx_PDB_ins_code 
_atom_site.Cartn_x 
_atom_site.Cartn_y 
_atom_site.Cartn_z 
_atom_site.occupancy 
_atom_site.B_iso_or_equiv 
_atom_site.pdbx_formal_charge 
_atom_site.auth_seq_id 
_atom_site.auth_comp_id 
_atom_site.auth_asym_id 
_atom_site.auth_atom_id 
_atom_site.pdbx_PDB_model_num 
ATOM   1    N N   . GLU A 1 1   ? -2.148  -19.635 15.916  1.00 57.47 ? 184 GLU A N   1 
ATOM   2    C CA  . GLU A 1 1   ? -3.537  -19.404 16.403  1.00 57.30 ? 184 GLU A CA  1 
ATOM   3    C C   . GLU A 1 1   ? -4.503  -19.289 15.231  1.00 55.62 ? 184 GLU A C   1 
ATOM   4    O O   . GLU A 1 1   ? -4.085  -19.092 14.086  1.00 56.74 ? 184 GLU A O   1 
ATOM   5    C CB  . GLU A 1 1   ? -3.596  -18.128 17.247  1.00 59.14 ? 184 GLU A CB  1 
ATOM   6    C CG  . GLU A 1 1   ? -4.961  -17.856 17.853  1.00 62.12 ? 184 GLU A CG  1 
ATOM   7    C CD  . GLU A 1 1   ? -5.515  -19.063 18.591  1.00 64.08 ? 184 GLU A CD  1 
ATOM   8    O OE1 . GLU A 1 1   ? -4.795  -19.610 19.454  1.00 65.66 ? 184 GLU A OE1 1 
ATOM   9    O OE2 . GLU A 1 1   ? -6.667  -19.463 18.313  1.00 64.83 ? 184 GLU A OE2 1 
ATOM   10   N N   . LEU A 1 2   ? -5.793  -19.410 15.521  1.00 52.84 ? 185 LEU A N   1 
ATOM   11   C CA  . LEU A 1 2   ? -6.821  -19.329 14.494  1.00 50.59 ? 185 LEU A CA  1 
ATOM   12   C C   . LEU A 1 2   ? -7.425  -17.934 14.398  1.00 50.48 ? 185 LEU A C   1 
ATOM   13   O O   . LEU A 1 2   ? -8.042  -17.583 13.389  1.00 49.41 ? 185 LEU A O   1 
ATOM   14   C CB  . LEU A 1 2   ? -7.919  -20.351 14.780  1.00 47.65 ? 185 LEU A CB  1 
ATOM   15   C CG  . LEU A 1 2   ? -7.434  -21.799 14.838  1.00 46.54 ? 185 LEU A CG  1 
ATOM   16   C CD1 . LEU A 1 2   ? -8.607  -22.718 15.103  1.00 47.09 ? 185 LEU A CD1 1 
ATOM   17   C CD2 . LEU A 1 2   ? -6.753  -22.165 13.531  1.00 46.05 ? 185 LEU A CD2 1 
ATOM   18   N N   . GLU A 1 3   ? -7.242  -17.145 15.451  1.00 50.52 ? 186 GLU A N   1 
ATOM   19   C CA  . GLU A 1 3   ? -7.763  -15.785 15.490  1.00 51.87 ? 186 GLU A CA  1 
ATOM   20   C C   . GLU A 1 3   ? -6.880  -14.870 14.653  1.00 50.48 ? 186 GLU A C   1 
ATOM   21   O O   . GLU A 1 3   ? -5.683  -15.117 14.497  1.00 50.27 ? 186 GLU A O   1 
ATOM   22   C CB  . GLU A 1 3   ? -7.813  -15.275 16.933  1.00 54.62 ? 186 GLU A CB  1 
ATOM   23   C CG  . GLU A 1 3   ? -8.527  -16.221 17.890  1.00 59.15 ? 186 GLU A CG  1 
ATOM   24   C CD  . GLU A 1 3   ? -9.909  -16.613 17.397  1.00 61.33 ? 186 GLU A CD  1 
ATOM   25   O OE1 . GLU A 1 3   ? -10.802 -15.737 17.350  1.00 63.03 ? 186 GLU A OE1 1 
ATOM   26   O OE2 . GLU A 1 3   ? -10.097 -17.801 17.050  1.00 61.83 ? 186 GLU A OE2 1 
ATOM   27   N N   . PHE A 1 4   ? -7.477  -13.818 14.109  1.00 48.59 ? 187 PHE A N   1 
ATOM   28   C CA  . PHE A 1 4   ? -6.736  -12.874 13.288  1.00 47.65 ? 187 PHE A CA  1 
ATOM   29   C C   . PHE A 1 4   ? -7.493  -11.559 13.186  1.00 48.16 ? 187 PHE A C   1 
ATOM   30   O O   . PHE A 1 4   ? -8.713  -11.522 13.347  1.00 48.37 ? 187 PHE A O   1 
ATOM   31   C CB  . PHE A 1 4   ? -6.533  -13.433 11.878  1.00 45.32 ? 187 PHE A CB  1 
ATOM   32   C CG  . PHE A 1 4   ? -7.807  -13.550 11.084  1.00 43.25 ? 187 PHE A CG  1 
ATOM   33   C CD1 . PHE A 1 4   ? -8.673  -14.624 11.282  1.00 42.70 ? 187 PHE A CD1 1 
ATOM   34   C CD2 . PHE A 1 4   ? -8.159  -12.567 10.162  1.00 40.60 ? 187 PHE A CD2 1 
ATOM   35   C CE1 . PHE A 1 4   ? -9.875  -14.716 10.576  1.00 41.57 ? 187 PHE A CE1 1 
ATOM   36   C CE2 . PHE A 1 4   ? -9.357  -12.647 9.450   1.00 40.99 ? 187 PHE A CE2 1 
ATOM   37   C CZ  . PHE A 1 4   ? -10.218 -13.723 9.656   1.00 41.70 ? 187 PHE A CZ  1 
ATOM   38   N N   . THR A 1 5   ? -6.764  -10.482 12.916  1.00 48.61 ? 188 THR A N   1 
ATOM   39   C CA  . THR A 1 5   ? -7.378  -9.174  12.757  1.00 49.41 ? 188 THR A CA  1 
ATOM   40   C C   . THR A 1 5   ? -7.648  -8.956  11.269  1.00 48.25 ? 188 THR A C   1 
ATOM   41   O O   . THR A 1 5   ? -6.759  -9.136  10.436  1.00 48.50 ? 188 THR A O   1 
ATOM   42   C CB  . THR A 1 5   ? -6.459  -8.049  13.296  1.00 51.04 ? 188 THR A CB  1 
ATOM   43   O OG1 . THR A 1 5   ? -5.116  -8.269  12.849  1.00 52.42 ? 188 THR A OG1 1 
ATOM   44   C CG2 . THR A 1 5   ? -6.489  -8.017  14.824  1.00 52.54 ? 188 THR A CG2 1 
ATOM   45   N N   . GLU A 1 6   ? -8.885  -8.585  10.949  1.00 47.19 ? 189 GLU A N   1 
ATOM   46   C CA  . GLU A 1 6   ? -9.312  -8.350  9.572   1.00 46.42 ? 189 GLU A CA  1 
ATOM   47   C C   . GLU A 1 6   ? -8.405  -7.403  8.788   1.00 44.38 ? 189 GLU A C   1 
ATOM   48   O O   . GLU A 1 6   ? -7.913  -6.409  9.323   1.00 43.94 ? 189 GLU A O   1 
ATOM   49   C CB  . GLU A 1 6   ? -10.738 -7.796  9.558   1.00 48.84 ? 189 GLU A CB  1 
ATOM   50   C CG  . GLU A 1 6   ? -11.264 -7.512  8.161   1.00 53.50 ? 189 GLU A CG  1 
ATOM   51   C CD  . GLU A 1 6   ? -12.665 -6.940  8.167   1.00 56.66 ? 189 GLU A CD  1 
ATOM   52   O OE1 . GLU A 1 6   ? -12.857 -5.830  8.712   1.00 57.79 ? 189 GLU A OE1 1 
ATOM   53   O OE2 . GLU A 1 6   ? -13.575 -7.603  7.622   1.00 58.08 ? 189 GLU A OE2 1 
ATOM   54   N N   . GLY A 1 7   ? -8.199  -7.721  7.511   1.00 41.98 ? 190 GLY A N   1 
ATOM   55   C CA  . GLY A 1 7   ? -7.362  -6.902  6.649   1.00 37.78 ? 190 GLY A CA  1 
ATOM   56   C C   . GLY A 1 7   ? -5.893  -6.936  7.017   1.00 36.04 ? 190 GLY A C   1 
ATOM   57   O O   . GLY A 1 7   ? -5.516  -7.511  8.035   1.00 36.44 ? 190 GLY A O   1 
ATOM   58   N N   . ILE A 1 8   ? -5.054  -6.334  6.179   1.00 34.30 ? 191 ILE A N   1 
ATOM   59   C CA  . ILE A 1 8   ? -3.623  -6.284  6.449   1.00 32.40 ? 191 ILE A CA  1 
ATOM   60   C C   . ILE A 1 8   ? -3.263  -4.865  6.877   1.00 32.54 ? 191 ILE A C   1 
ATOM   61   O O   . ILE A 1 8   ? -3.672  -3.894  6.242   1.00 33.64 ? 191 ILE A O   1 
ATOM   62   C CB  . ILE A 1 8   ? -2.780  -6.686  5.207   1.00 30.53 ? 191 ILE A CB  1 
ATOM   63   C CG1 . ILE A 1 8   ? -1.289  -6.590  5.543   1.00 28.46 ? 191 ILE A CG1 1 
ATOM   64   C CG2 . ILE A 1 8   ? -3.120  -5.801  4.020   1.00 28.02 ? 191 ILE A CG2 1 
ATOM   65   C CD1 . ILE A 1 8   ? -0.362  -7.186  4.473   1.00 29.09 ? 191 ILE A CD1 1 
ATOM   66   N N   . GLY A 1 9   ? -2.507  -4.745  7.960   1.00 32.20 ? 192 GLY A N   1 
ATOM   67   C CA  . GLY A 1 9   ? -2.137  -3.428  8.437   1.00 30.94 ? 192 GLY A CA  1 
ATOM   68   C C   . GLY A 1 9   ? -0.689  -3.303  8.848   1.00 29.64 ? 192 GLY A C   1 
ATOM   69   O O   . GLY A 1 9   ? 0.006   -4.301  9.012   1.00 29.67 ? 192 GLY A O   1 
ATOM   70   N N   . PHE A 1 10  ? -0.235  -2.063  8.992   1.00 28.59 ? 193 PHE A N   1 
ATOM   71   C CA  . PHE A 1 10  ? 1.132   -1.768  9.405   1.00 28.22 ? 193 PHE A CA  1 
ATOM   72   C C   . PHE A 1 10  ? 1.144   -0.463  10.196  1.00 30.14 ? 193 PHE A C   1 
ATOM   73   O O   . PHE A 1 10  ? 0.237   0.365   10.055  1.00 28.84 ? 193 PHE A O   1 
ATOM   74   C CB  . PHE A 1 10  ? 2.071   -1.692  8.194   1.00 25.57 ? 193 PHE A CB  1 
ATOM   75   C CG  . PHE A 1 10  ? 1.544   -0.873  7.049   1.00 25.28 ? 193 PHE A CG  1 
ATOM   76   C CD1 . PHE A 1 10  ? 2.002   0.418   6.831   1.00 26.04 ? 193 PHE A CD1 1 
ATOM   77   C CD2 . PHE A 1 10  ? 0.622   -1.413  6.155   1.00 24.59 ? 193 PHE A CD2 1 
ATOM   78   C CE1 . PHE A 1 10  ? 1.555   1.160   5.733   1.00 26.54 ? 193 PHE A CE1 1 
ATOM   79   C CE2 . PHE A 1 10  ? 0.170   -0.682  5.058   1.00 24.61 ? 193 PHE A CE2 1 
ATOM   80   C CZ  . PHE A 1 10  ? 0.641   0.610   4.845   1.00 24.03 ? 193 PHE A CZ  1 
ATOM   81   N N   . ASP A 1 11  ? 2.163   -0.289  11.031  1.00 32.65 ? 194 ASP A N   1 
ATOM   82   C CA  . ASP A 1 11  ? 2.264   0.888   11.887  1.00 34.69 ? 194 ASP A CA  1 
ATOM   83   C C   . ASP A 1 11  ? 2.802   2.168   11.253  1.00 33.51 ? 194 ASP A C   1 
ATOM   84   O O   . ASP A 1 11  ? 3.803   2.726   11.701  1.00 34.03 ? 194 ASP A O   1 
ATOM   85   C CB  . ASP A 1 11  ? 3.080   0.547   13.138  1.00 38.57 ? 194 ASP A CB  1 
ATOM   86   C CG  . ASP A 1 11  ? 2.422   -0.534  13.984  1.00 43.53 ? 194 ASP A CG  1 
ATOM   87   O OD1 . ASP A 1 11  ? 1.220   -0.394  14.300  1.00 45.38 ? 194 ASP A OD1 1 
ATOM   88   O OD2 . ASP A 1 11  ? 3.106   -1.524  14.336  1.00 47.52 ? 194 ASP A OD2 1 
ATOM   89   N N   . LYS A 1 12  ? 2.121   2.623   10.207  1.00 32.85 ? 195 LYS A N   1 
ATOM   90   C CA  . LYS A 1 12  ? 2.467   3.859   9.514   1.00 30.64 ? 195 LYS A CA  1 
ATOM   91   C C   . LYS A 1 12  ? 1.161   4.581   9.229   1.00 29.83 ? 195 LYS A C   1 
ATOM   92   O O   . LYS A 1 12  ? 0.200   3.965   8.772   1.00 29.22 ? 195 LYS A O   1 
ATOM   93   C CB  . LYS A 1 12  ? 3.202   3.577   8.205   1.00 30.39 ? 195 LYS A CB  1 
ATOM   94   C CG  . LYS A 1 12  ? 4.694   3.345   8.370   1.00 34.00 ? 195 LYS A CG  1 
ATOM   95   C CD  . LYS A 1 12  ? 5.332   4.478   9.164   1.00 36.86 ? 195 LYS A CD  1 
ATOM   96   C CE  . LYS A 1 12  ? 6.835   4.528   8.974   1.00 36.99 ? 195 LYS A CE  1 
ATOM   97   N NZ  . LYS A 1 12  ? 7.506   3.242   9.302   1.00 41.31 ? 195 LYS A NZ  1 
ATOM   98   N N   . GLY A 1 13  ? 1.122   5.878   9.518   1.00 29.17 ? 196 GLY A N   1 
ATOM   99   C CA  . GLY A 1 13  ? -0.089  6.650   9.296   1.00 30.78 ? 196 GLY A CA  1 
ATOM   100  C C   . GLY A 1 13  ? 0.029   7.644   8.157   1.00 31.54 ? 196 GLY A C   1 
ATOM   101  O O   . GLY A 1 13  ? 1.022   7.647   7.431   1.00 31.45 ? 196 GLY A O   1 
ATOM   102  N N   . PHE A 1 14  ? -0.978  8.499   8.004   1.00 31.62 ? 197 PHE A N   1 
ATOM   103  C CA  . PHE A 1 14  ? -0.972  9.491   6.936   1.00 31.08 ? 197 PHE A CA  1 
ATOM   104  C C   . PHE A 1 14  ? 0.197   10.474  7.037   1.00 30.73 ? 197 PHE A C   1 
ATOM   105  O O   . PHE A 1 14  ? 0.623   10.839  8.130   1.00 30.46 ? 197 PHE A O   1 
ATOM   106  C CB  . PHE A 1 14  ? -2.317  10.238  6.898   1.00 30.76 ? 197 PHE A CB  1 
ATOM   107  C CG  . PHE A 1 14  ? -2.742  10.835  8.218   1.00 31.26 ? 197 PHE A CG  1 
ATOM   108  C CD1 . PHE A 1 14  ? -2.079  11.940  8.753   1.00 31.07 ? 197 PHE A CD1 1 
ATOM   109  C CD2 . PHE A 1 14  ? -3.842  10.320  8.904   1.00 30.89 ? 197 PHE A CD2 1 
ATOM   110  C CE1 . PHE A 1 14  ? -2.511  12.529  9.957   1.00 28.42 ? 197 PHE A CE1 1 
ATOM   111  C CE2 . PHE A 1 14  ? -4.280  10.898  10.105  1.00 30.03 ? 197 PHE A CE2 1 
ATOM   112  C CZ  . PHE A 1 14  ? -3.611  12.007  10.629  1.00 28.45 ? 197 PHE A CZ  1 
ATOM   113  N N   . LEU A 1 15  ? 0.718   10.886  5.884   1.00 29.90 ? 198 LEU A N   1 
ATOM   114  C CA  . LEU A 1 15  ? 1.837   11.817  5.824   1.00 30.73 ? 198 LEU A CA  1 
ATOM   115  C C   . LEU A 1 15  ? 1.398   13.270  5.981   1.00 29.87 ? 198 LEU A C   1 
ATOM   116  O O   . LEU A 1 15  ? 2.225   14.156  6.152   1.00 32.56 ? 198 LEU A O   1 
ATOM   117  C CB  . LEU A 1 15  ? 2.591   11.656  4.497   1.00 31.25 ? 198 LEU A CB  1 
ATOM   118  C CG  . LEU A 1 15  ? 3.373   10.352  4.306   1.00 32.81 ? 198 LEU A CG  1 
ATOM   119  C CD1 . LEU A 1 15  ? 3.886   10.246  2.877   1.00 33.55 ? 198 LEU A CD1 1 
ATOM   120  C CD2 . LEU A 1 15  ? 4.522   10.312  5.296   1.00 33.25 ? 198 LEU A CD2 1 
ATOM   121  N N   . SER A 1 16  ? 0.097   13.514  5.916   1.00 30.26 ? 199 SER A N   1 
ATOM   122  C CA  . SER A 1 16  ? -0.414  14.868  6.058   1.00 29.81 ? 199 SER A CA  1 
ATOM   123  C C   . SER A 1 16  ? -1.820  14.858  6.628   1.00 28.58 ? 199 SER A C   1 
ATOM   124  O O   . SER A 1 16  ? -2.633  14.007  6.273   1.00 28.62 ? 199 SER A O   1 
ATOM   125  C CB  . SER A 1 16  ? -0.412  15.581  4.707   1.00 29.93 ? 199 SER A CB  1 
ATOM   126  O OG  . SER A 1 16  ? -0.922  16.894  4.833   1.00 29.93 ? 199 SER A OG  1 
ATOM   127  N N   . ALA A 1 17  ? -2.096  15.818  7.508   1.00 27.53 ? 200 ALA A N   1 
ATOM   128  C CA  . ALA A 1 17  ? -3.400  15.945  8.147   1.00 24.51 ? 200 ALA A CA  1 
ATOM   129  C C   . ALA A 1 17  ? -4.455  16.402  7.156   1.00 24.08 ? 200 ALA A C   1 
ATOM   130  O O   . ALA A 1 17  ? -5.655  16.260  7.406   1.00 24.43 ? 200 ALA A O   1 
ATOM   131  C CB  . ALA A 1 17  ? -3.318  16.931  9.308   1.00 28.14 ? 200 ALA A CB  1 
ATOM   132  N N   . TYR A 1 18  ? -4.013  16.957  6.032   1.00 24.01 ? 201 TYR A N   1 
ATOM   133  C CA  . TYR A 1 18  ? -4.944  17.414  5.011   1.00 25.37 ? 201 TYR A CA  1 
ATOM   134  C C   . TYR A 1 18  ? -5.673  16.235  4.360   1.00 25.09 ? 201 TYR A C   1 
ATOM   135  O O   . TYR A 1 18  ? -6.681  16.427  3.679   1.00 27.24 ? 201 TYR A O   1 
ATOM   136  C CB  . TYR A 1 18  ? -4.210  18.221  3.932   1.00 26.98 ? 201 TYR A CB  1 
ATOM   137  C CG  . TYR A 1 18  ? -3.631  19.531  4.417   1.00 27.67 ? 201 TYR A CG  1 
ATOM   138  C CD1 . TYR A 1 18  ? -4.456  20.547  4.897   1.00 26.81 ? 201 TYR A CD1 1 
ATOM   139  C CD2 . TYR A 1 18  ? -2.251  19.755  4.397   1.00 30.48 ? 201 TYR A CD2 1 
ATOM   140  C CE1 . TYR A 1 18  ? -3.921  21.760  5.349   1.00 27.91 ? 201 TYR A CE1 1 
ATOM   141  C CE2 . TYR A 1 18  ? -1.705  20.961  4.847   1.00 30.52 ? 201 TYR A CE2 1 
ATOM   142  C CZ  . TYR A 1 18  ? -2.546  21.959  5.321   1.00 30.49 ? 201 TYR A CZ  1 
ATOM   143  O OH  . TYR A 1 18  ? -2.009  23.151  5.759   1.00 30.55 ? 201 TYR A OH  1 
ATOM   144  N N   . PHE A 1 19  ? -5.164  15.023  4.567   1.00 22.79 ? 202 PHE A N   1 
ATOM   145  C CA  . PHE A 1 19  ? -5.787  13.831  3.996   1.00 22.38 ? 202 PHE A CA  1 
ATOM   146  C C   . PHE A 1 19  ? -6.921  13.287  4.873   1.00 23.83 ? 202 PHE A C   1 
ATOM   147  O O   . PHE A 1 19  ? -7.680  12.417  4.445   1.00 25.19 ? 202 PHE A O   1 
ATOM   148  C CB  . PHE A 1 19  ? -4.747  12.725  3.794   1.00 20.20 ? 202 PHE A CB  1 
ATOM   149  C CG  . PHE A 1 19  ? -3.688  13.054  2.778   1.00 18.51 ? 202 PHE A CG  1 
ATOM   150  C CD1 . PHE A 1 19  ? -4.028  13.587  1.541   1.00 17.03 ? 202 PHE A CD1 1 
ATOM   151  C CD2 . PHE A 1 19  ? -2.347  12.799  3.049   1.00 17.08 ? 202 PHE A CD2 1 
ATOM   152  C CE1 . PHE A 1 19  ? -3.053  13.859  0.588   1.00 17.46 ? 202 PHE A CE1 1 
ATOM   153  C CE2 . PHE A 1 19  ? -1.362  13.068  2.102   1.00 19.69 ? 202 PHE A CE2 1 
ATOM   154  C CZ  . PHE A 1 19  ? -1.718  13.598  0.869   1.00 17.37 ? 202 PHE A CZ  1 
ATOM   155  N N   . VAL A 1 20  ? -7.020  13.792  6.100   1.00 24.13 ? 203 VAL A N   1 
ATOM   156  C CA  . VAL A 1 20  ? -8.047  13.352  7.045   1.00 24.16 ? 203 VAL A CA  1 
ATOM   157  C C   . VAL A 1 20  ? -9.459  13.602  6.535   1.00 24.19 ? 203 VAL A C   1 
ATOM   158  O O   . VAL A 1 20  ? -9.796  14.715  6.143   1.00 24.58 ? 203 VAL A O   1 
ATOM   159  C CB  . VAL A 1 20  ? -7.881  14.069  8.410   1.00 25.26 ? 203 VAL A CB  1 
ATOM   160  C CG1 . VAL A 1 20  ? -9.054  13.721  9.337   1.00 23.09 ? 203 VAL A CG1 1 
ATOM   161  C CG2 . VAL A 1 20  ? -6.555  13.671  9.044   1.00 22.35 ? 203 VAL A CG2 1 
ATOM   162  N N   . THR A 1 21  ? -10.283 12.561  6.545   1.00 25.83 ? 204 THR A N   1 
ATOM   163  C CA  . THR A 1 21  ? -11.667 12.665  6.079   1.00 28.38 ? 204 THR A CA  1 
ATOM   164  C C   . THR A 1 21  ? -12.642 12.756  7.258   1.00 29.97 ? 204 THR A C   1 
ATOM   165  O O   . THR A 1 21  ? -13.754 13.273  7.118   1.00 30.88 ? 204 THR A O   1 
ATOM   166  C CB  . THR A 1 21  ? -12.065 11.437  5.226   1.00 28.78 ? 204 THR A CB  1 
ATOM   167  O OG1 . THR A 1 21  ? -11.989 10.250  6.029   1.00 27.85 ? 204 THR A OG1 1 
ATOM   168  C CG2 . THR A 1 21  ? -11.140 11.295  4.027   1.00 30.44 ? 204 THR A CG2 1 
ATOM   169  N N   . ASP A 1 22  ? -12.221 12.233  8.408   1.00 30.48 ? 205 ASP A N   1 
ATOM   170  C CA  . ASP A 1 22  ? -13.031 12.231  9.625   1.00 30.87 ? 205 ASP A CA  1 
ATOM   171  C C   . ASP A 1 22  ? -12.165 12.658  10.807  1.00 30.38 ? 205 ASP A C   1 
ATOM   172  O O   . ASP A 1 22  ? -11.438 11.852  11.388  1.00 30.00 ? 205 ASP A O   1 
ATOM   173  C CB  . ASP A 1 22  ? -13.607 10.834  9.862   1.00 34.49 ? 205 ASP A CB  1 
ATOM   174  C CG  . ASP A 1 22  ? -14.320 10.712  11.199  1.00 38.93 ? 205 ASP A CG  1 
ATOM   175  O OD1 . ASP A 1 22  ? -15.216 11.540  11.487  1.00 42.19 ? 205 ASP A OD1 1 
ATOM   176  O OD2 . ASP A 1 22  ? -13.984 9.780   11.960  1.00 40.77 ? 205 ASP A OD2 1 
ATOM   177  N N   . PHE A 1 23  ? -12.249 13.939  11.151  1.00 31.45 ? 206 PHE A N   1 
ATOM   178  C CA  . PHE A 1 23  ? -11.468 14.511  12.238  1.00 33.50 ? 206 PHE A CA  1 
ATOM   179  C C   . PHE A 1 23  ? -11.897 14.058  13.624  1.00 35.12 ? 206 PHE A C   1 
ATOM   180  O O   . PHE A 1 23  ? -11.178 14.277  14.600  1.00 34.69 ? 206 PHE A O   1 
ATOM   181  C CB  . PHE A 1 23  ? -11.505 16.034  12.136  1.00 33.36 ? 206 PHE A CB  1 
ATOM   182  C CG  . PHE A 1 23  ? -10.756 16.565  10.950  1.00 33.51 ? 206 PHE A CG  1 
ATOM   183  C CD1 . PHE A 1 23  ? -9.377  16.756  11.013  1.00 32.35 ? 206 PHE A CD1 1 
ATOM   184  C CD2 . PHE A 1 23  ? -11.416 16.807  9.745   1.00 31.54 ? 206 PHE A CD2 1 
ATOM   185  C CE1 . PHE A 1 23  ? -8.662  17.173  9.892   1.00 32.63 ? 206 PHE A CE1 1 
ATOM   186  C CE2 . PHE A 1 23  ? -10.715 17.220  8.625   1.00 32.32 ? 206 PHE A CE2 1 
ATOM   187  C CZ  . PHE A 1 23  ? -9.333  17.405  8.696   1.00 32.48 ? 206 PHE A CZ  1 
ATOM   188  N N   . ASP A 1 24  ? -13.066 13.433  13.712  1.00 37.34 ? 207 ASP A N   1 
ATOM   189  C CA  . ASP A 1 24  ? -13.559 12.928  14.989  1.00 40.55 ? 207 ASP A CA  1 
ATOM   190  C C   . ASP A 1 24  ? -12.667 11.763  15.391  1.00 41.65 ? 207 ASP A C   1 
ATOM   191  O O   . ASP A 1 24  ? -12.176 11.701  16.519  1.00 42.72 ? 207 ASP A O   1 
ATOM   192  C CB  . ASP A 1 24  ? -15.011 12.455  14.855  1.00 42.78 ? 207 ASP A CB  1 
ATOM   193  C CG  . ASP A 1 24  ? -16.017 13.581  15.060  1.00 45.67 ? 207 ASP A CG  1 
ATOM   194  O OD1 . ASP A 1 24  ? -15.680 14.754  14.784  1.00 46.62 ? 207 ASP A OD1 1 
ATOM   195  O OD2 . ASP A 1 24  ? -17.155 13.290  15.489  1.00 48.40 ? 207 ASP A OD2 1 
ATOM   196  N N   . ASN A 1 25  ? -12.454 10.846  14.451  1.00 42.52 ? 208 ASN A N   1 
ATOM   197  C CA  . ASN A 1 25  ? -11.611 9.682   14.689  1.00 43.28 ? 208 ASN A CA  1 
ATOM   198  C C   . ASN A 1 25  ? -10.209 9.910   14.138  1.00 42.32 ? 208 ASN A C   1 
ATOM   199  O O   . ASN A 1 25  ? -9.370  9.011   14.178  1.00 42.37 ? 208 ASN A O   1 
ATOM   200  C CB  . ASN A 1 25  ? -12.214 8.439   14.033  1.00 45.38 ? 208 ASN A CB  1 
ATOM   201  C CG  . ASN A 1 25  ? -13.572 8.078   14.602  1.00 47.49 ? 208 ASN A CG  1 
ATOM   202  O OD1 . ASN A 1 25  ? -14.582 8.711   14.289  1.00 47.11 ? 208 ASN A OD1 1 
ATOM   203  N ND2 . ASN A 1 25  ? -13.600 7.062   15.456  1.00 48.74 ? 208 ASN A ND2 1 
ATOM   204  N N   . GLN A 1 26  ? -9.968  11.115  13.627  1.00 40.82 ? 209 GLN A N   1 
ATOM   205  C CA  . GLN A 1 26  ? -8.674  11.482  13.058  1.00 38.61 ? 209 GLN A CA  1 
ATOM   206  C C   . GLN A 1 26  ? -8.138  10.416  12.114  1.00 35.25 ? 209 GLN A C   1 
ATOM   207  O O   . GLN A 1 26  ? -7.057  9.861   12.333  1.00 32.64 ? 209 GLN A O   1 
ATOM   208  C CB  . GLN A 1 26  ? -7.648  11.729  14.164  1.00 41.37 ? 209 GLN A CB  1 
ATOM   209  C CG  . GLN A 1 26  ? -7.833  13.034  14.909  1.00 48.65 ? 209 GLN A CG  1 
ATOM   210  C CD  . GLN A 1 26  ? -6.624  13.395  15.758  1.00 52.61 ? 209 GLN A CD  1 
ATOM   211  O OE1 . GLN A 1 26  ? -6.615  14.425  16.437  1.00 56.50 ? 209 GLN A OE1 1 
ATOM   212  N NE2 . GLN A 1 26  ? -5.593  12.549  15.720  1.00 53.90 ? 209 GLN A NE2 1 
ATOM   213  N N   . GLN A 1 27  ? -8.897  10.137  11.063  1.00 31.13 ? 210 GLN A N   1 
ATOM   214  C CA  . GLN A 1 27  ? -8.487  9.134   10.097  1.00 31.14 ? 210 GLN A CA  1 
ATOM   215  C C   . GLN A 1 27  ? -9.024  9.429   8.710   1.00 30.19 ? 210 GLN A C   1 
ATOM   216  O O   . GLN A 1 27  ? -9.988  10.182  8.537   1.00 28.03 ? 210 GLN A O   1 
ATOM   217  C CB  . GLN A 1 27  ? -8.965  7.747   10.537  1.00 30.76 ? 210 GLN A CB  1 
ATOM   218  C CG  . GLN A 1 27  ? -10.459 7.678   10.807  1.00 33.30 ? 210 GLN A CG  1 
ATOM   219  C CD  . GLN A 1 27  ? -10.909 6.345   11.384  1.00 32.97 ? 210 GLN A CD  1 
ATOM   220  O OE1 . GLN A 1 27  ? -10.255 5.777   12.259  1.00 33.02 ? 210 GLN A OE1 1 
ATOM   221  N NE2 . GLN A 1 27  ? -12.046 5.854   10.910  1.00 29.77 ? 210 GLN A NE2 1 
ATOM   222  N N   . ALA A 1 28  ? -8.371  8.822   7.725   1.00 30.50 ? 211 ALA A N   1 
ATOM   223  C CA  . ALA A 1 28  ? -8.749  8.947   6.331   1.00 29.56 ? 211 ALA A CA  1 
ATOM   224  C C   . ALA A 1 28  ? -9.353  7.605   5.943   1.00 29.40 ? 211 ALA A C   1 
ATOM   225  O O   . ALA A 1 28  ? -8.708  6.568   6.073   1.00 28.60 ? 211 ALA A O   1 
ATOM   226  C CB  . ALA A 1 28  ? -7.531  9.235   5.491   1.00 30.14 ? 211 ALA A CB  1 
ATOM   227  N N   . VAL A 1 29  ? -10.598 7.623   5.489   1.00 29.30 ? 212 VAL A N   1 
ATOM   228  C CA  . VAL A 1 29  ? -11.268 6.397   5.092   1.00 29.24 ? 212 VAL A CA  1 
ATOM   229  C C   . VAL A 1 29  ? -11.572 6.388   3.594   1.00 28.49 ? 212 VAL A C   1 
ATOM   230  O O   . VAL A 1 29  ? -12.188 7.312   3.067   1.00 29.65 ? 212 VAL A O   1 
ATOM   231  C CB  . VAL A 1 29  ? -12.580 6.204   5.883   1.00 30.13 ? 212 VAL A CB  1 
ATOM   232  C CG1 . VAL A 1 29  ? -13.234 4.883   5.500   1.00 29.45 ? 212 VAL A CG1 1 
ATOM   233  C CG2 . VAL A 1 29  ? -12.286 6.239   7.387   1.00 28.49 ? 212 VAL A CG2 1 
ATOM   234  N N   . LEU A 1 30  ? -11.121 5.337   2.919   1.00 28.16 ? 213 LEU A N   1 
ATOM   235  C CA  . LEU A 1 30  ? -11.337 5.175   1.484   1.00 28.29 ? 213 LEU A CA  1 
ATOM   236  C C   . LEU A 1 30  ? -12.167 3.910   1.214   1.00 28.69 ? 213 LEU A C   1 
ATOM   237  O O   . LEU A 1 30  ? -11.942 2.868   1.831   1.00 27.24 ? 213 LEU A O   1 
ATOM   238  C CB  . LEU A 1 30  ? -9.987  5.069   0.763   1.00 28.19 ? 213 LEU A CB  1 
ATOM   239  C CG  . LEU A 1 30  ? -9.127  6.317   0.508   1.00 29.50 ? 213 LEU A CG  1 
ATOM   240  C CD1 . LEU A 1 30  ? -9.060  7.213   1.727   1.00 28.17 ? 213 LEU A CD1 1 
ATOM   241  C CD2 . LEU A 1 30  ? -7.732  5.863   0.091   1.00 28.17 ? 213 LEU A CD2 1 
ATOM   242  N N   . GLU A 1 31  ? -13.132 4.016   0.305   1.00 30.31 ? 214 GLU A N   1 
ATOM   243  C CA  . GLU A 1 31  ? -13.985 2.883   -0.067  1.00 33.07 ? 214 GLU A CA  1 
ATOM   244  C C   . GLU A 1 31  ? -13.722 2.503   -1.528  1.00 31.02 ? 214 GLU A C   1 
ATOM   245  O O   . GLU A 1 31  ? -13.698 3.369   -2.405  1.00 29.49 ? 214 GLU A O   1 
ATOM   246  C CB  . GLU A 1 31  ? -15.463 3.250   0.115   1.00 37.50 ? 214 GLU A CB  1 
ATOM   247  C CG  . GLU A 1 31  ? -15.897 3.430   1.565   1.00 44.51 ? 214 GLU A CG  1 
ATOM   248  C CD  . GLU A 1 31  ? -16.521 2.175   2.159   1.00 49.58 ? 214 GLU A CD  1 
ATOM   249  O OE1 . GLU A 1 31  ? -15.966 1.070   1.960   1.00 51.76 ? 214 GLU A OE1 1 
ATOM   250  O OE2 . GLU A 1 31  ? -17.568 2.299   2.835   1.00 52.86 ? 214 GLU A OE2 1 
ATOM   251  N N   . ASP A 1 32  ? -13.521 1.212   -1.785  1.00 29.33 ? 215 ASP A N   1 
ATOM   252  C CA  . ASP A 1 32  ? -13.253 0.722   -3.140  1.00 29.95 ? 215 ASP A CA  1 
ATOM   253  C C   . ASP A 1 32  ? -12.146 1.579   -3.766  1.00 27.57 ? 215 ASP A C   1 
ATOM   254  O O   . ASP A 1 32  ? -12.350 2.254   -4.775  1.00 25.37 ? 215 ASP A O   1 
ATOM   255  C CB  . ASP A 1 32  ? -14.523 0.805   -3.989  1.00 34.12 ? 215 ASP A CB  1 
ATOM   256  C CG  . ASP A 1 32  ? -14.597 -0.292  -5.032  1.00 41.50 ? 215 ASP A CG  1 
ATOM   257  O OD1 . ASP A 1 32  ? -13.646 -0.424  -5.836  1.00 43.83 ? 215 ASP A OD1 1 
ATOM   258  O OD2 . ASP A 1 32  ? -15.607 -1.030  -5.045  1.00 44.83 ? 215 ASP A OD2 1 
ATOM   259  N N   . ALA A 1 33  ? -10.971 1.529   -3.152  1.00 26.03 ? 216 ALA A N   1 
ATOM   260  C CA  . ALA A 1 33  ? -9.831  2.321   -3.579  1.00 25.90 ? 216 ALA A CA  1 
ATOM   261  C C   . ALA A 1 33  ? -8.828  1.633   -4.500  1.00 25.53 ? 216 ALA A C   1 
ATOM   262  O O   . ALA A 1 33  ? -8.782  0.409   -4.601  1.00 24.80 ? 216 ALA A O   1 
ATOM   263  C CB  . ALA A 1 33  ? -9.103  2.839   -2.347  1.00 25.66 ? 216 ALA A CB  1 
ATOM   264  N N   . LEU A 1 34  ? -8.030  2.462   -5.165  1.00 24.15 ? 217 LEU A N   1 
ATOM   265  C CA  . LEU A 1 34  ? -6.960  2.017   -6.051  1.00 22.58 ? 217 LEU A CA  1 
ATOM   266  C C   . LEU A 1 34  ? -5.702  2.224   -5.221  1.00 22.37 ? 217 LEU A C   1 
ATOM   267  O O   . LEU A 1 34  ? -5.627  3.177   -4.442  1.00 21.85 ? 217 LEU A O   1 
ATOM   268  C CB  . LEU A 1 34  ? -6.910  2.881   -7.305  1.00 22.42 ? 217 LEU A CB  1 
ATOM   269  C CG  . LEU A 1 34  ? -8.026  2.624   -8.319  1.00 23.42 ? 217 LEU A CG  1 
ATOM   270  C CD1 . LEU A 1 34  ? -7.917  3.607   -9.474  1.00 19.01 ? 217 LEU A CD1 1 
ATOM   271  C CD2 . LEU A 1 34  ? -7.923  1.184   -8.817  1.00 19.85 ? 217 LEU A CD2 1 
ATOM   272  N N   . ILE A 1 35  ? -4.715  1.351   -5.382  1.00 20.17 ? 218 ILE A N   1 
ATOM   273  C CA  . ILE A 1 35  ? -3.506  1.456   -4.584  1.00 18.09 ? 218 ILE A CA  1 
ATOM   274  C C   . ILE A 1 35  ? -2.211  1.473   -5.384  1.00 19.39 ? 218 ILE A C   1 
ATOM   275  O O   . ILE A 1 35  ? -1.944  0.575   -6.182  1.00 16.17 ? 218 ILE A O   1 
ATOM   276  C CB  . ILE A 1 35  ? -3.452  0.305   -3.559  1.00 19.25 ? 218 ILE A CB  1 
ATOM   277  C CG1 . ILE A 1 35  ? -4.750  0.301   -2.739  1.00 20.88 ? 218 ILE A CG1 1 
ATOM   278  C CG2 . ILE A 1 35  ? -2.223  0.455   -2.662  1.00 19.24 ? 218 ILE A CG2 1 
ATOM   279  C CD1 . ILE A 1 35  ? -4.910  -0.864  -1.803  1.00 22.43 ? 218 ILE A CD1 1 
ATOM   280  N N   . LEU A 1 36  ? -1.408  2.509   -5.165  1.00 17.62 ? 219 LEU A N   1 
ATOM   281  C CA  . LEU A 1 36  ? -0.134  2.634   -5.840  1.00 16.88 ? 219 LEU A CA  1 
ATOM   282  C C   . LEU A 1 36  ? 0.973   2.266   -4.861  1.00 17.33 ? 219 LEU A C   1 
ATOM   283  O O   . LEU A 1 36  ? 1.100   2.869   -3.800  1.00 16.07 ? 219 LEU A O   1 
ATOM   284  C CB  . LEU A 1 36  ? 0.090   4.070   -6.328  1.00 19.05 ? 219 LEU A CB  1 
ATOM   285  C CG  . LEU A 1 36  ? 1.514   4.327   -6.856  1.00 16.37 ? 219 LEU A CG  1 
ATOM   286  C CD1 . LEU A 1 36  ? 1.733   3.488   -8.119  1.00 15.53 ? 219 LEU A CD1 1 
ATOM   287  C CD2 . LEU A 1 36  ? 1.732   5.803   -7.132  1.00 13.92 ? 219 LEU A CD2 1 
ATOM   288  N N   . LEU A 1 37  ? 1.766   1.263   -5.219  1.00 17.62 ? 220 LEU A N   1 
ATOM   289  C CA  . LEU A 1 37  ? 2.878   0.841   -4.377  1.00 20.60 ? 220 LEU A CA  1 
ATOM   290  C C   . LEU A 1 37  ? 4.132   1.283   -5.122  1.00 21.17 ? 220 LEU A C   1 
ATOM   291  O O   . LEU A 1 37  ? 4.375   0.859   -6.251  1.00 21.46 ? 220 LEU A O   1 
ATOM   292  C CB  . LEU A 1 37  ? 2.841   -0.676  -4.193  1.00 19.12 ? 220 LEU A CB  1 
ATOM   293  C CG  . LEU A 1 37  ? 1.445   -1.133  -3.737  1.00 22.08 ? 220 LEU A CG  1 
ATOM   294  C CD1 . LEU A 1 37  ? 1.267   -2.619  -3.976  1.00 20.57 ? 220 LEU A CD1 1 
ATOM   295  C CD2 . LEU A 1 37  ? 1.245   -0.768  -2.261  1.00 16.71 ? 220 LEU A CD2 1 
ATOM   296  N N   . HIS A 1 38  ? 4.901   2.168   -4.500  1.00 21.81 ? 221 HIS A N   1 
ATOM   297  C CA  . HIS A 1 38  ? 6.113   2.698   -5.112  1.00 21.80 ? 221 HIS A CA  1 
ATOM   298  C C   . HIS A 1 38  ? 7.313   2.415   -4.217  1.00 23.89 ? 221 HIS A C   1 
ATOM   299  O O   . HIS A 1 38  ? 7.339   2.792   -3.045  1.00 23.15 ? 221 HIS A O   1 
ATOM   300  C CB  . HIS A 1 38  ? 5.965   4.207   -5.328  1.00 21.03 ? 221 HIS A CB  1 
ATOM   301  C CG  . HIS A 1 38  ? 7.026   4.806   -6.199  1.00 20.49 ? 221 HIS A CG  1 
ATOM   302  N ND1 . HIS A 1 38  ? 6.843   5.034   -7.548  1.00 22.08 ? 221 HIS A ND1 1 
ATOM   303  C CD2 . HIS A 1 38  ? 8.277   5.237   -5.917  1.00 22.52 ? 221 HIS A CD2 1 
ATOM   304  C CE1 . HIS A 1 38  ? 7.931   5.581   -8.056  1.00 19.69 ? 221 HIS A CE1 1 
ATOM   305  N NE2 . HIS A 1 38  ? 8.817   5.715   -7.086  1.00 24.13 ? 221 HIS A NE2 1 
ATOM   306  N N   . GLN A 1 39  ? 8.306   1.746   -4.789  1.00 26.36 ? 222 GLN A N   1 
ATOM   307  C CA  . GLN A 1 39  ? 9.524   1.380   -4.077  1.00 29.91 ? 222 GLN A CA  1 
ATOM   308  C C   . GLN A 1 39  ? 10.292  2.569   -3.482  1.00 31.27 ? 222 GLN A C   1 
ATOM   309  O O   . GLN A 1 39  ? 10.684  2.541   -2.313  1.00 32.59 ? 222 GLN A O   1 
ATOM   310  C CB  . GLN A 1 39  ? 10.448  0.613   -5.025  1.00 31.57 ? 222 GLN A CB  1 
ATOM   311  C CG  . GLN A 1 39  ? 11.765  0.210   -4.407  1.00 37.32 ? 222 GLN A CG  1 
ATOM   312  C CD  . GLN A 1 39  ? 11.606  -0.920  -3.426  1.00 40.99 ? 222 GLN A CD  1 
ATOM   313  O OE1 . GLN A 1 39  ? 11.469  -2.085  -3.817  1.00 42.66 ? 222 GLN A OE1 1 
ATOM   314  N NE2 . GLN A 1 39  ? 11.610  -0.588  -2.139  1.00 41.49 ? 222 GLN A NE2 1 
ATOM   315  N N   . ASP A 1 40  ? 10.504  3.603   -4.286  1.00 31.24 ? 223 ASP A N   1 
ATOM   316  C CA  . ASP A 1 40  ? 11.251  4.783   -3.858  1.00 34.96 ? 223 ASP A CA  1 
ATOM   317  C C   . ASP A 1 40  ? 10.409  5.946   -3.327  1.00 32.91 ? 223 ASP A C   1 
ATOM   318  O O   . ASP A 1 40  ? 9.260   5.775   -2.921  1.00 31.42 ? 223 ASP A O   1 
ATOM   319  C CB  . ASP A 1 40  ? 12.118  5.283   -5.022  1.00 39.75 ? 223 ASP A CB  1 
ATOM   320  C CG  . ASP A 1 40  ? 13.306  4.379   -5.298  1.00 44.60 ? 223 ASP A CG  1 
ATOM   321  O OD1 . ASP A 1 40  ? 13.120  3.143   -5.349  1.00 47.51 ? 223 ASP A OD1 1 
ATOM   322  O OD2 . ASP A 1 40  ? 14.427  4.909   -5.472  1.00 48.77 ? 223 ASP A OD2 1 
ATOM   323  N N   . LYS A 1 41  ? 11.008  7.131   -3.331  1.00 32.15 ? 224 LYS A N   1 
ATOM   324  C CA  . LYS A 1 41  ? 10.345  8.345   -2.868  1.00 32.70 ? 224 LYS A CA  1 
ATOM   325  C C   . LYS A 1 41  ? 9.697   9.062   -4.042  1.00 30.57 ? 224 LYS A C   1 
ATOM   326  O O   . LYS A 1 41  ? 10.276  9.142   -5.125  1.00 29.53 ? 224 LYS A O   1 
ATOM   327  C CB  . LYS A 1 41  ? 11.354  9.290   -2.210  1.00 35.11 ? 224 LYS A CB  1 
ATOM   328  C CG  . LYS A 1 41  ? 12.008  8.743   -0.953  1.00 38.73 ? 224 LYS A CG  1 
ATOM   329  C CD  . LYS A 1 41  ? 12.978  9.755   -0.357  1.00 41.23 ? 224 LYS A CD  1 
ATOM   330  C CE  . LYS A 1 41  ? 13.593  9.229   0.931   1.00 43.88 ? 224 LYS A CE  1 
ATOM   331  N NZ  . LYS A 1 41  ? 14.572  10.187  1.514   1.00 46.08 ? 224 LYS A NZ  1 
ATOM   332  N N   . ILE A 1 42  ? 8.493   9.579   -3.826  1.00 30.46 ? 225 ILE A N   1 
ATOM   333  C CA  . ILE A 1 42  ? 7.776   10.307  -4.868  1.00 31.85 ? 225 ILE A CA  1 
ATOM   334  C C   . ILE A 1 42  ? 7.870   11.805  -4.561  1.00 31.48 ? 225 ILE A C   1 
ATOM   335  O O   . ILE A 1 42  ? 7.437   12.255  -3.502  1.00 30.04 ? 225 ILE A O   1 
ATOM   336  C CB  . ILE A 1 42  ? 6.293   9.880   -4.916  1.00 31.08 ? 225 ILE A CB  1 
ATOM   337  C CG1 . ILE A 1 42  ? 6.197   8.392   -5.254  1.00 31.15 ? 225 ILE A CG1 1 
ATOM   338  C CG2 . ILE A 1 42  ? 5.535   10.720  -5.942  1.00 32.71 ? 225 ILE A CG2 1 
ATOM   339  C CD1 . ILE A 1 42  ? 4.785   7.880   -5.372  1.00 29.02 ? 225 ILE A CD1 1 
ATOM   340  N N   . SER A 1 43  ? 8.443   12.572  -5.481  1.00 33.42 ? 226 SER A N   1 
ATOM   341  C CA  . SER A 1 43  ? 8.592   14.008  -5.270  1.00 36.83 ? 226 SER A CA  1 
ATOM   342  C C   . SER A 1 43  ? 8.292   14.830  -6.514  1.00 36.53 ? 226 SER A C   1 
ATOM   343  O O   . SER A 1 43  ? 7.729   15.923  -6.427  1.00 36.50 ? 226 SER A O   1 
ATOM   344  C CB  . SER A 1 43  ? 10.009  14.323  -4.789  1.00 39.10 ? 226 SER A CB  1 
ATOM   345  O OG  . SER A 1 43  ? 10.189  15.724  -4.653  1.00 45.43 ? 226 SER A OG  1 
ATOM   346  N N   . SER A 1 44  ? 8.677   14.299  -7.668  1.00 35.74 ? 227 SER A N   1 
ATOM   347  C CA  . SER A 1 44  ? 8.450   14.967  -8.937  1.00 34.94 ? 227 SER A CA  1 
ATOM   348  C C   . SER A 1 44  ? 6.993   14.873  -9.358  1.00 34.37 ? 227 SER A C   1 
ATOM   349  O O   . SER A 1 44  ? 6.432   13.784  -9.450  1.00 34.40 ? 227 SER A O   1 
ATOM   350  C CB  . SER A 1 44  ? 9.322   14.339  -10.025 1.00 35.54 ? 227 SER A CB  1 
ATOM   351  O OG  . SER A 1 44  ? 8.907   14.765  -11.312 1.00 35.43 ? 227 SER A OG  1 
ATOM   352  N N   . LEU A 1 45  ? 6.387   16.020  -9.629  1.00 32.94 ? 228 LEU A N   1 
ATOM   353  C CA  . LEU A 1 45  ? 4.999   16.050  -10.059 1.00 32.22 ? 228 LEU A CA  1 
ATOM   354  C C   . LEU A 1 45  ? 4.835   15.577  -11.500 1.00 30.72 ? 228 LEU A C   1 
ATOM   355  O O   . LEU A 1 45  ? 3.910   14.830  -11.810 1.00 31.36 ? 228 LEU A O   1 
ATOM   356  C CB  . LEU A 1 45  ? 4.424   17.463  -9.927  1.00 33.52 ? 228 LEU A CB  1 
ATOM   357  C CG  . LEU A 1 45  ? 2.993   17.596  -10.462 1.00 35.80 ? 228 LEU A CG  1 
ATOM   358  C CD1 . LEU A 1 45  ? 2.068   16.647  -9.686  1.00 36.20 ? 228 LEU A CD1 1 
ATOM   359  C CD2 . LEU A 1 45  ? 2.519   19.037  -10.338 1.00 36.47 ? 228 LEU A CD2 1 
ATOM   360  N N   . PRO A 1 46  ? 5.734   16.008  -12.405 1.00 30.23 ? 229 PRO A N   1 
ATOM   361  C CA  . PRO A 1 46  ? 5.623   15.593  -13.807 1.00 28.64 ? 229 PRO A CA  1 
ATOM   362  C C   . PRO A 1 46  ? 5.619   14.075  -13.983 1.00 28.77 ? 229 PRO A C   1 
ATOM   363  O O   . PRO A 1 46  ? 4.874   13.532  -14.801 1.00 28.82 ? 229 PRO A O   1 
ATOM   364  C CB  . PRO A 1 46  ? 6.846   16.241  -14.455 1.00 28.78 ? 229 PRO A CB  1 
ATOM   365  C CG  . PRO A 1 46  ? 7.085   17.454  -13.598 1.00 28.97 ? 229 PRO A CG  1 
ATOM   366  C CD  . PRO A 1 46  ? 6.891   16.904  -12.217 1.00 28.44 ? 229 PRO A CD  1 
ATOM   367  N N   . ASP A 1 47  ? 6.452   13.398  -13.208 1.00 27.58 ? 230 ASP A N   1 
ATOM   368  C CA  . ASP A 1 47  ? 6.548   11.952  -13.293 1.00 31.20 ? 230 ASP A CA  1 
ATOM   369  C C   . ASP A 1 47  ? 5.281   11.268  -12.745 1.00 29.39 ? 230 ASP A C   1 
ATOM   370  O O   . ASP A 1 47  ? 4.858   10.230  -13.250 1.00 28.22 ? 230 ASP A O   1 
ATOM   371  C CB  . ASP A 1 47  ? 7.806   11.495  -12.540 1.00 36.41 ? 230 ASP A CB  1 
ATOM   372  C CG  . ASP A 1 47  ? 8.272   10.104  -12.942 1.00 42.50 ? 230 ASP A CG  1 
ATOM   373  O OD1 . ASP A 1 47  ? 8.298   9.792   -14.155 1.00 43.56 ? 230 ASP A OD1 1 
ATOM   374  O OD2 . ASP A 1 47  ? 8.635   9.323   -12.038 1.00 45.87 ? 230 ASP A OD2 1 
ATOM   375  N N   . LEU A 1 48  ? 4.655   11.872  -11.739 1.00 27.49 ? 231 LEU A N   1 
ATOM   376  C CA  . LEU A 1 48  ? 3.454   11.298  -11.136 1.00 27.38 ? 231 LEU A CA  1 
ATOM   377  C C   . LEU A 1 48  ? 2.135   11.717  -11.801 1.00 27.71 ? 231 LEU A C   1 
ATOM   378  O O   . LEU A 1 48  ? 1.157   10.961  -11.801 1.00 25.91 ? 231 LEU A O   1 
ATOM   379  C CB  . LEU A 1 48  ? 3.396   11.668  -9.654  1.00 26.65 ? 231 LEU A CB  1 
ATOM   380  C CG  . LEU A 1 48  ? 2.148   11.178  -8.909  1.00 27.87 ? 231 LEU A CG  1 
ATOM   381  C CD1 . LEU A 1 48  ? 2.184   9.659   -8.813  1.00 26.15 ? 231 LEU A CD1 1 
ATOM   382  C CD2 . LEU A 1 48  ? 2.087   11.805  -7.524  1.00 27.02 ? 231 LEU A CD2 1 
ATOM   383  N N   . LEU A 1 49  ? 2.125   12.918  -12.369 1.00 28.81 ? 232 LEU A N   1 
ATOM   384  C CA  . LEU A 1 49  ? 0.935   13.479  -12.991 1.00 29.27 ? 232 LEU A CA  1 
ATOM   385  C C   . LEU A 1 49  ? 0.178   12.584  -13.966 1.00 28.70 ? 232 LEU A C   1 
ATOM   386  O O   . LEU A 1 49  ? -1.040  12.451  -13.866 1.00 29.62 ? 232 LEU A O   1 
ATOM   387  C CB  . LEU A 1 49  ? 1.288   14.805  -13.672 1.00 31.96 ? 232 LEU A CB  1 
ATOM   388  C CG  . LEU A 1 49  ? 0.102   15.702  -14.041 1.00 32.80 ? 232 LEU A CG  1 
ATOM   389  C CD1 . LEU A 1 49  ? -0.723  16.010  -12.792 1.00 30.71 ? 232 LEU A CD1 1 
ATOM   390  C CD2 . LEU A 1 49  ? 0.619   16.987  -14.679 1.00 33.79 ? 232 LEU A CD2 1 
ATOM   391  N N   . PRO A 1 50  ? 0.877   11.968  -14.932 1.00 27.79 ? 233 PRO A N   1 
ATOM   392  C CA  . PRO A 1 50  ? 0.184   11.098  -15.888 1.00 27.78 ? 233 PRO A CA  1 
ATOM   393  C C   . PRO A 1 50  ? -0.699  10.030  -15.234 1.00 27.12 ? 233 PRO A C   1 
ATOM   394  O O   . PRO A 1 50  ? -1.840  9.824   -15.651 1.00 29.04 ? 233 PRO A O   1 
ATOM   395  C CB  . PRO A 1 50  ? 1.332   10.499  -16.696 1.00 27.46 ? 233 PRO A CB  1 
ATOM   396  C CG  . PRO A 1 50  ? 2.306   11.641  -16.746 1.00 28.40 ? 233 PRO A CG  1 
ATOM   397  C CD  . PRO A 1 50  ? 2.293   12.134  -15.308 1.00 28.28 ? 233 PRO A CD  1 
ATOM   398  N N   . LEU A 1 51  ? -0.180  9.352   -14.214 1.00 25.93 ? 234 LEU A N   1 
ATOM   399  C CA  . LEU A 1 51  ? -0.964  8.323   -13.540 1.00 24.90 ? 234 LEU A CA  1 
ATOM   400  C C   . LEU A 1 51  ? -2.088  8.957   -12.719 1.00 22.86 ? 234 LEU A C   1 
ATOM   401  O O   . LEU A 1 51  ? -3.200  8.434   -12.680 1.00 22.19 ? 234 LEU A O   1 
ATOM   402  C CB  . LEU A 1 51  ? -0.067  7.458   -12.640 1.00 24.77 ? 234 LEU A CB  1 
ATOM   403  C CG  . LEU A 1 51  ? -0.733  6.327   -11.831 1.00 24.55 ? 234 LEU A CG  1 
ATOM   404  C CD1 . LEU A 1 51  ? -1.352  5.301   -12.761 1.00 23.26 ? 234 LEU A CD1 1 
ATOM   405  C CD2 . LEU A 1 51  ? 0.297   5.659   -10.941 1.00 24.61 ? 234 LEU A CD2 1 
ATOM   406  N N   . LEU A 1 52  ? -1.806  10.087  -12.074 1.00 22.37 ? 235 LEU A N   1 
ATOM   407  C CA  . LEU A 1 52  ? -2.827  10.764  -11.269 1.00 24.07 ? 235 LEU A CA  1 
ATOM   408  C C   . LEU A 1 52  ? -4.007  11.215  -12.120 1.00 23.84 ? 235 LEU A C   1 
ATOM   409  O O   . LEU A 1 52  ? -5.157  11.121  -11.692 1.00 22.41 ? 235 LEU A O   1 
ATOM   410  C CB  . LEU A 1 52  ? -2.244  11.975  -10.542 1.00 24.31 ? 235 LEU A CB  1 
ATOM   411  C CG  . LEU A 1 52  ? -1.356  11.714  -9.326  1.00 25.14 ? 235 LEU A CG  1 
ATOM   412  C CD1 . LEU A 1 52  ? -1.102  13.034  -8.604  1.00 24.45 ? 235 LEU A CD1 1 
ATOM   413  C CD2 . LEU A 1 52  ? -2.045  10.734  -8.387  1.00 24.80 ? 235 LEU A CD2 1 
ATOM   414  N N   . GLU A 1 53  ? -3.728  11.713  -13.321 1.00 24.07 ? 236 GLU A N   1 
ATOM   415  C CA  . GLU A 1 53  ? -4.809  12.142  -14.201 1.00 26.16 ? 236 GLU A CA  1 
ATOM   416  C C   . GLU A 1 53  ? -5.652  10.917  -14.544 1.00 26.25 ? 236 GLU A C   1 
ATOM   417  O O   . GLU A 1 53  ? -6.879  10.996  -14.576 1.00 27.02 ? 236 GLU A O   1 
ATOM   418  C CB  . GLU A 1 53  ? -4.248  12.787  -15.477 1.00 28.86 ? 236 GLU A CB  1 
ATOM   419  C CG  . GLU A 1 53  ? -3.327  13.971  -15.210 1.00 34.05 ? 236 GLU A CG  1 
ATOM   420  C CD  . GLU A 1 53  ? -2.875  14.677  -16.478 1.00 37.61 ? 236 GLU A CD  1 
ATOM   421  O OE1 . GLU A 1 53  ? -2.446  13.986  -17.430 1.00 40.60 ? 236 GLU A OE1 1 
ATOM   422  O OE2 . GLU A 1 53  ? -2.936  15.926  -16.517 1.00 42.51 ? 236 GLU A OE2 1 
ATOM   423  N N   . LYS A 1 54  ? -4.998  9.781   -14.784 1.00 26.81 ? 237 LYS A N   1 
ATOM   424  C CA  . LYS A 1 54  ? -5.728  8.558   -15.103 1.00 27.62 ? 237 LYS A CA  1 
ATOM   425  C C   . LYS A 1 54  ? -6.595  8.150   -13.922 1.00 27.61 ? 237 LYS A C   1 
ATOM   426  O O   . LYS A 1 54  ? -7.773  7.842   -14.084 1.00 28.80 ? 237 LYS A O   1 
ATOM   427  C CB  . LYS A 1 54  ? -4.771  7.416   -15.461 1.00 28.84 ? 237 LYS A CB  1 
ATOM   428  C CG  . LYS A 1 54  ? -4.004  7.641   -16.757 1.00 32.91 ? 237 LYS A CG  1 
ATOM   429  C CD  . LYS A 1 54  ? -3.306  6.374   -17.242 1.00 35.95 ? 237 LYS A CD  1 
ATOM   430  C CE  . LYS A 1 54  ? -2.620  6.616   -18.587 1.00 39.83 ? 237 LYS A CE  1 
ATOM   431  N NZ  . LYS A 1 54  ? -2.057  5.364   -19.181 1.00 41.45 ? 237 LYS A NZ  1 
ATOM   432  N N   . VAL A 1 55  ? -6.006  8.149   -12.731 1.00 25.95 ? 238 VAL A N   1 
ATOM   433  C CA  . VAL A 1 55  ? -6.741  7.793   -11.527 1.00 25.19 ? 238 VAL A CA  1 
ATOM   434  C C   . VAL A 1 55  ? -7.924  8.738   -11.321 1.00 25.99 ? 238 VAL A C   1 
ATOM   435  O O   . VAL A 1 55  ? -9.043  8.296   -11.085 1.00 24.33 ? 238 VAL A O   1 
ATOM   436  C CB  . VAL A 1 55  ? -5.843  7.865   -10.274 1.00 25.36 ? 238 VAL A CB  1 
ATOM   437  C CG1 . VAL A 1 55  ? -6.688  7.681   -9.017  1.00 22.66 ? 238 VAL A CG1 1 
ATOM   438  C CG2 . VAL A 1 55  ? -4.755  6.800   -10.353 1.00 22.94 ? 238 VAL A CG2 1 
ATOM   439  N N   . ALA A 1 56  ? -7.663  10.041  -11.403 1.00 27.33 ? 239 ALA A N   1 
ATOM   440  C CA  . ALA A 1 56  ? -8.712  11.044  -11.217 1.00 29.83 ? 239 ALA A CA  1 
ATOM   441  C C   . ALA A 1 56  ? -9.887  10.765  -12.140 1.00 31.42 ? 239 ALA A C   1 
ATOM   442  O O   . ALA A 1 56  ? -11.041 11.008  -11.784 1.00 31.20 ? 239 ALA A O   1 
ATOM   443  C CB  . ALA A 1 56  ? -8.159  12.438  -11.486 1.00 31.16 ? 239 ALA A CB  1 
ATOM   444  N N   . GLY A 1 57  ? -9.586  10.243  -13.325 1.00 33.39 ? 240 GLY A N   1 
ATOM   445  C CA  . GLY A 1 57  ? -10.629 9.938   -14.286 1.00 34.10 ? 240 GLY A CA  1 
ATOM   446  C C   . GLY A 1 57  ? -11.494 8.749   -13.917 1.00 34.87 ? 240 GLY A C   1 
ATOM   447  O O   . GLY A 1 57  ? -12.588 8.591   -14.458 1.00 36.29 ? 240 GLY A O   1 
ATOM   448  N N   . THR A 1 58  ? -11.022 7.923   -12.990 1.00 34.00 ? 241 THR A N   1 
ATOM   449  C CA  . THR A 1 58  ? -11.757 6.728   -12.569 1.00 32.91 ? 241 THR A CA  1 
ATOM   450  C C   . THR A 1 58  ? -12.828 6.988   -11.503 1.00 32.93 ? 241 THR A C   1 
ATOM   451  O O   . THR A 1 58  ? -13.766 6.206   -11.353 1.00 31.91 ? 241 THR A O   1 
ATOM   452  C CB  . THR A 1 58  ? -10.794 5.660   -12.017 1.00 33.96 ? 241 THR A CB  1 
ATOM   453  O OG1 . THR A 1 58  ? -10.239 6.114   -10.776 1.00 33.34 ? 241 THR A OG1 1 
ATOM   454  C CG2 . THR A 1 58  ? -9.663  5.398   -13.005 1.00 32.87 ? 241 THR A CG2 1 
ATOM   455  N N   . GLY A 1 59  ? -12.681 8.076   -10.754 1.00 33.01 ? 242 GLY A N   1 
ATOM   456  C CA  . GLY A 1 59  ? -13.650 8.382   -9.715  1.00 30.80 ? 242 GLY A CA  1 
ATOM   457  C C   . GLY A 1 59  ? -13.395 7.654   -8.403  1.00 30.64 ? 242 GLY A C   1 
ATOM   458  O O   . GLY A 1 59  ? -14.085 7.895   -7.413  1.00 31.29 ? 242 GLY A O   1 
ATOM   459  N N   . LYS A 1 60  ? -12.405 6.764   -8.383  1.00 28.32 ? 243 LYS A N   1 
ATOM   460  C CA  . LYS A 1 60  ? -12.086 6.022   -7.167  1.00 26.60 ? 243 LYS A CA  1 
ATOM   461  C C   . LYS A 1 60  ? -11.008 6.732   -6.361  1.00 23.71 ? 243 LYS A C   1 
ATOM   462  O O   . LYS A 1 60  ? -10.193 7.469   -6.912  1.00 21.98 ? 243 LYS A O   1 
ATOM   463  C CB  . LYS A 1 60  ? -11.601 4.612   -7.514  1.00 28.72 ? 243 LYS A CB  1 
ATOM   464  C CG  . LYS A 1 60  ? -12.385 3.961   -8.634  1.00 32.08 ? 243 LYS A CG  1 
ATOM   465  C CD  . LYS A 1 60  ? -11.970 2.519   -8.862  1.00 36.69 ? 243 LYS A CD  1 
ATOM   466  C CE  . LYS A 1 60  ? -12.516 1.592   -7.787  1.00 38.02 ? 243 LYS A CE  1 
ATOM   467  N NZ  . LYS A 1 60  ? -12.677 0.198   -8.303  1.00 40.72 ? 243 LYS A NZ  1 
ATOM   468  N N   . PRO A 1 61  ? -11.006 6.538   -5.032  1.00 21.82 ? 244 PRO A N   1 
ATOM   469  C CA  . PRO A 1 61  ? -9.988  7.183   -4.199  1.00 22.02 ? 244 PRO A CA  1 
ATOM   470  C C   . PRO A 1 61  ? -8.660  6.433   -4.328  1.00 22.35 ? 244 PRO A C   1 
ATOM   471  O O   . PRO A 1 61  ? -8.632  5.270   -4.738  1.00 21.28 ? 244 PRO A O   1 
ATOM   472  C CB  . PRO A 1 61  ? -10.591 7.108   -2.796  1.00 21.08 ? 244 PRO A CB  1 
ATOM   473  C CG  . PRO A 1 61  ? -11.373 5.852   -2.830  1.00 21.27 ? 244 PRO A CG  1 
ATOM   474  C CD  . PRO A 1 61  ? -12.038 5.893   -4.200  1.00 21.01 ? 244 PRO A CD  1 
ATOM   475  N N   . LEU A 1 62  ? -7.561  7.091   -3.978  1.00 22.48 ? 245 LEU A N   1 
ATOM   476  C CA  . LEU A 1 62  ? -6.247  6.468   -4.099  1.00 20.44 ? 245 LEU A CA  1 
ATOM   477  C C   . LEU A 1 62  ? -5.400  6.464   -2.831  1.00 20.95 ? 245 LEU A C   1 
ATOM   478  O O   . LEU A 1 62  ? -5.282  7.482   -2.139  1.00 19.57 ? 245 LEU A O   1 
ATOM   479  C CB  . LEU A 1 62  ? -5.458  7.162   -5.212  1.00 21.76 ? 245 LEU A CB  1 
ATOM   480  C CG  . LEU A 1 62  ? -3.981  6.801   -5.426  1.00 19.99 ? 245 LEU A CG  1 
ATOM   481  C CD1 . LEU A 1 62  ? -3.852  5.400   -6.002  1.00 20.80 ? 245 LEU A CD1 1 
ATOM   482  C CD2 . LEU A 1 62  ? -3.353  7.817   -6.366  1.00 20.41 ? 245 LEU A CD2 1 
ATOM   483  N N   . LEU A 1 63  ? -4.822  5.306   -2.529  1.00 17.37 ? 246 LEU A N   1 
ATOM   484  C CA  . LEU A 1 63  ? -3.925  5.166   -1.393  1.00 16.79 ? 246 LEU A CA  1 
ATOM   485  C C   . LEU A 1 63  ? -2.534  5.046   -2.009  1.00 16.94 ? 246 LEU A C   1 
ATOM   486  O O   . LEU A 1 63  ? -2.334  4.268   -2.946  1.00 18.24 ? 246 LEU A O   1 
ATOM   487  C CB  . LEU A 1 63  ? -4.215  3.892   -0.589  1.00 15.99 ? 246 LEU A CB  1 
ATOM   488  C CG  . LEU A 1 63  ? -3.081  3.500   0.379   1.00 16.41 ? 246 LEU A CG  1 
ATOM   489  C CD1 . LEU A 1 63  ? -3.054  4.461   1.570   1.00 15.01 ? 246 LEU A CD1 1 
ATOM   490  C CD2 . LEU A 1 63  ? -3.274  2.061   0.870   1.00 14.09 ? 246 LEU A CD2 1 
ATOM   491  N N   . ILE A 1 64  ? -1.581  5.823   -1.512  1.00 17.62 ? 247 ILE A N   1 
ATOM   492  C CA  . ILE A 1 64  ? -0.224  5.740   -2.029  1.00 18.46 ? 247 ILE A CA  1 
ATOM   493  C C   . ILE A 1 64  ? 0.692   5.285   -0.911  1.00 20.38 ? 247 ILE A C   1 
ATOM   494  O O   . ILE A 1 64  ? 0.714   5.885   0.166   1.00 18.84 ? 247 ILE A O   1 
ATOM   495  C CB  . ILE A 1 64  ? 0.288   7.096   -2.554  1.00 18.83 ? 247 ILE A CB  1 
ATOM   496  C CG1 . ILE A 1 64  ? -0.535  7.543   -3.762  1.00 20.03 ? 247 ILE A CG1 1 
ATOM   497  C CG2 . ILE A 1 64  ? 1.752   6.980   -2.934  1.00 18.36 ? 247 ILE A CG2 1 
ATOM   498  C CD1 . ILE A 1 64  ? -0.095  8.869   -4.339  1.00 20.99 ? 247 ILE A CD1 1 
ATOM   499  N N   . VAL A 1 65  ? 1.427   4.206   -1.162  1.00 19.72 ? 248 VAL A N   1 
ATOM   500  C CA  . VAL A 1 65  ? 2.366   3.681   -0.187  1.00 19.51 ? 248 VAL A CA  1 
ATOM   501  C C   . VAL A 1 65  ? 3.729   3.678   -0.854  1.00 21.42 ? 248 VAL A C   1 
ATOM   502  O O   . VAL A 1 65  ? 3.976   2.906   -1.786  1.00 23.89 ? 248 VAL A O   1 
ATOM   503  C CB  . VAL A 1 65  ? 1.998   2.247   0.248   1.00 19.54 ? 248 VAL A CB  1 
ATOM   504  C CG1 . VAL A 1 65  ? 2.962   1.773   1.332   1.00 17.88 ? 248 VAL A CG1 1 
ATOM   505  C CG2 . VAL A 1 65  ? 0.560   2.209   0.751   1.00 17.36 ? 248 VAL A CG2 1 
ATOM   506  N N   . ALA A 1 66  ? 4.607   4.559   -0.391  1.00 20.99 ? 249 ALA A N   1 
ATOM   507  C CA  . ALA A 1 66  ? 5.937   4.663   -0.966  1.00 24.20 ? 249 ALA A CA  1 
ATOM   508  C C   . ALA A 1 66  ? 6.986   4.812   0.123   1.00 25.44 ? 249 ALA A C   1 
ATOM   509  O O   . ALA A 1 66  ? 6.668   4.793   1.306   1.00 26.19 ? 249 ALA A O   1 
ATOM   510  C CB  . ALA A 1 66  ? 5.994   5.852   -1.926  1.00 19.32 ? 249 ALA A CB  1 
ATOM   511  N N   . GLU A 1 67  ? 8.241   4.942   -0.287  1.00 29.03 ? 250 GLU A N   1 
ATOM   512  C CA  . GLU A 1 67  ? 9.341   5.111   0.652   1.00 33.23 ? 250 GLU A CA  1 
ATOM   513  C C   . GLU A 1 67  ? 9.014   6.378   1.436   1.00 34.04 ? 250 GLU A C   1 
ATOM   514  O O   . GLU A 1 67  ? 9.197   6.445   2.654   1.00 34.41 ? 250 GLU A O   1 
ATOM   515  C CB  . GLU A 1 67  ? 10.652  5.287   -0.117  1.00 35.37 ? 250 GLU A CB  1 
ATOM   516  C CG  . GLU A 1 67  ? 11.903  5.170   0.729   1.00 41.27 ? 250 GLU A CG  1 
ATOM   517  C CD  . GLU A 1 67  ? 13.159  5.460   -0.065  1.00 45.13 ? 250 GLU A CD  1 
ATOM   518  O OE1 . GLU A 1 67  ? 13.274  4.963   -1.208  1.00 46.65 ? 250 GLU A OE1 1 
ATOM   519  O OE2 . GLU A 1 67  ? 14.035  6.180   0.456   1.00 48.27 ? 250 GLU A OE2 1 
ATOM   520  N N   . ASP A 1 68  ? 8.523   7.373   0.705   1.00 34.26 ? 251 ASP A N   1 
ATOM   521  C CA  . ASP A 1 68  ? 8.112   8.659   1.253   1.00 36.22 ? 251 ASP A CA  1 
ATOM   522  C C   . ASP A 1 68  ? 7.533   9.472   0.101   1.00 35.03 ? 251 ASP A C   1 
ATOM   523  O O   . ASP A 1 68  ? 7.852   9.218   -1.057  1.00 35.83 ? 251 ASP A O   1 
ATOM   524  C CB  . ASP A 1 68  ? 9.305   9.405   1.862   1.00 39.16 ? 251 ASP A CB  1 
ATOM   525  C CG  . ASP A 1 68  ? 8.874   10.579  2.740   1.00 43.51 ? 251 ASP A CG  1 
ATOM   526  O OD1 . ASP A 1 68  ? 8.074   10.360  3.676   1.00 43.85 ? 251 ASP A OD1 1 
ATOM   527  O OD2 . ASP A 1 68  ? 9.333   11.718  2.500   1.00 46.87 ? 251 ASP A OD2 1 
ATOM   528  N N   . VAL A 1 69  ? 6.669   10.428  0.424   1.00 33.43 ? 252 VAL A N   1 
ATOM   529  C CA  . VAL A 1 69  ? 6.046   11.298  -0.571  1.00 32.56 ? 252 VAL A CA  1 
ATOM   530  C C   . VAL A 1 69  ? 6.261   12.739  -0.122  1.00 34.05 ? 252 VAL A C   1 
ATOM   531  O O   . VAL A 1 69  ? 5.963   13.086  1.022   1.00 33.93 ? 252 VAL A O   1 
ATOM   532  C CB  . VAL A 1 69  ? 4.526   11.043  -0.688  1.00 30.66 ? 252 VAL A CB  1 
ATOM   533  C CG1 . VAL A 1 69  ? 3.927   11.980  -1.724  1.00 29.64 ? 252 VAL A CG1 1 
ATOM   534  C CG2 . VAL A 1 69  ? 4.258   9.590   -1.062  1.00 28.34 ? 252 VAL A CG2 1 
ATOM   535  N N   . GLU A 1 70  ? 6.768   13.580  -1.016  1.00 35.80 ? 253 GLU A N   1 
ATOM   536  C CA  . GLU A 1 70  ? 7.035   14.968  -0.657  1.00 37.69 ? 253 GLU A CA  1 
ATOM   537  C C   . GLU A 1 70  ? 7.097   15.906  -1.851  1.00 36.30 ? 253 GLU A C   1 
ATOM   538  O O   . GLU A 1 70  ? 6.595   15.591  -2.929  1.00 36.73 ? 253 GLU A O   1 
ATOM   539  C CB  . GLU A 1 70  ? 8.354   15.040  0.115   1.00 40.21 ? 253 GLU A CB  1 
ATOM   540  C CG  . GLU A 1 70  ? 9.481   14.277  -0.565  1.00 46.17 ? 253 GLU A CG  1 
ATOM   541  C CD  . GLU A 1 70  ? 10.823  14.458  0.123   1.00 49.47 ? 253 GLU A CD  1 
ATOM   542  O OE1 . GLU A 1 70  ? 11.314  15.608  0.174   1.00 52.72 ? 253 GLU A OE1 1 
ATOM   543  O OE2 . GLU A 1 70  ? 11.383  13.449  0.608   1.00 50.65 ? 253 GLU A OE2 1 
ATOM   544  N N   . GLY A 1 71  ? 7.710   17.068  -1.641  1.00 35.46 ? 254 GLY A N   1 
ATOM   545  C CA  . GLY A 1 71  ? 7.851   18.051  -2.699  1.00 34.34 ? 254 GLY A CA  1 
ATOM   546  C C   . GLY A 1 71  ? 6.553   18.477  -3.358  1.00 34.95 ? 254 GLY A C   1 
ATOM   547  O O   . GLY A 1 71  ? 5.494   18.479  -2.731  1.00 34.22 ? 254 GLY A O   1 
ATOM   548  N N   . GLU A 1 72  ? 6.644   18.838  -4.634  1.00 34.76 ? 255 GLU A N   1 
ATOM   549  C CA  . GLU A 1 72  ? 5.490   19.276  -5.407  1.00 36.04 ? 255 GLU A CA  1 
ATOM   550  C C   . GLU A 1 72  ? 4.461   18.164  -5.591  1.00 34.55 ? 255 GLU A C   1 
ATOM   551  O O   . GLU A 1 72  ? 3.282   18.436  -5.801  1.00 34.66 ? 255 GLU A O   1 
ATOM   552  C CB  . GLU A 1 72  ? 5.945   19.799  -6.775  1.00 39.39 ? 255 GLU A CB  1 
ATOM   553  C CG  . GLU A 1 72  ? 4.818   20.319  -7.664  1.00 46.77 ? 255 GLU A CG  1 
ATOM   554  C CD  . GLU A 1 72  ? 4.059   21.488  -7.049  1.00 52.69 ? 255 GLU A CD  1 
ATOM   555  O OE1 . GLU A 1 72  ? 3.085   21.964  -7.681  1.00 53.79 ? 255 GLU A OE1 1 
ATOM   556  O OE2 . GLU A 1 72  ? 4.434   21.933  -5.937  1.00 55.16 ? 255 GLU A OE2 1 
ATOM   557  N N   . ALA A 1 73  ? 4.904   16.911  -5.515  1.00 31.20 ? 256 ALA A N   1 
ATOM   558  C CA  . ALA A 1 73  ? 3.985   15.788  -5.662  1.00 27.97 ? 256 ALA A CA  1 
ATOM   559  C C   . ALA A 1 73  ? 3.045   15.748  -4.462  1.00 25.53 ? 256 ALA A C   1 
ATOM   560  O O   . ALA A 1 73  ? 1.832   15.633  -4.617  1.00 22.63 ? 256 ALA A O   1 
ATOM   561  C CB  . ALA A 1 73  ? 4.755   14.475  -5.771  1.00 28.91 ? 256 ALA A CB  1 
ATOM   562  N N   . LEU A 1 74  ? 3.602   15.842  -3.260  1.00 25.31 ? 257 LEU A N   1 
ATOM   563  C CA  . LEU A 1 74  ? 2.773   15.817  -2.059  1.00 24.33 ? 257 LEU A CA  1 
ATOM   564  C C   . LEU A 1 74  ? 1.790   16.977  -2.102  1.00 22.94 ? 257 LEU A C   1 
ATOM   565  O O   . LEU A 1 74  ? 0.625   16.820  -1.755  1.00 23.12 ? 257 LEU A O   1 
ATOM   566  C CB  . LEU A 1 74  ? 3.633   15.918  -0.793  1.00 23.34 ? 257 LEU A CB  1 
ATOM   567  C CG  . LEU A 1 74  ? 2.866   16.063  0.533   1.00 25.51 ? 257 LEU A CG  1 
ATOM   568  C CD1 . LEU A 1 74  ? 2.045   14.807  0.803   1.00 23.01 ? 257 LEU A CD1 1 
ATOM   569  C CD2 . LEU A 1 74  ? 3.846   16.310  1.677   1.00 24.89 ? 257 LEU A CD2 1 
ATOM   570  N N   . ALA A 1 75  ? 2.261   18.136  -2.551  1.00 22.03 ? 258 ALA A N   1 
ATOM   571  C CA  . ALA A 1 75  ? 1.424   19.336  -2.622  1.00 22.50 ? 258 ALA A CA  1 
ATOM   572  C C   . ALA A 1 75  ? 0.165   19.202  -3.484  1.00 22.18 ? 258 ALA A C   1 
ATOM   573  O O   . ALA A 1 75  ? -0.940  19.494  -3.017  1.00 23.28 ? 258 ALA A O   1 
ATOM   574  C CB  . ALA A 1 75  ? 2.262   20.531  -3.103  1.00 17.07 ? 258 ALA A CB  1 
ATOM   575  N N   . THR A 1 76  ? 0.306   18.773  -4.735  1.00 22.58 ? 259 THR A N   1 
ATOM   576  C CA  . THR A 1 76  ? -0.874  18.652  -5.587  1.00 22.64 ? 259 THR A CA  1 
ATOM   577  C C   . THR A 1 76  ? -1.792  17.553  -5.052  1.00 20.91 ? 259 THR A C   1 
ATOM   578  O O   . THR A 1 76  ? -3.005  17.602  -5.222  1.00 20.69 ? 259 THR A O   1 
ATOM   579  C CB  . THR A 1 76  ? -0.479  18.375  -7.053  1.00 23.72 ? 259 THR A CB  1 
ATOM   580  O OG1 . THR A 1 76  ? -0.539  16.974  -7.325  1.00 27.04 ? 259 THR A OG1 1 
ATOM   581  C CG2 . THR A 1 76  ? 0.931   18.879  -7.307  1.00 21.49 ? 259 THR A CG2 1 
ATOM   582  N N   . LEU A 1 77  ? -1.201  16.577  -4.374  1.00 20.30 ? 260 LEU A N   1 
ATOM   583  C CA  . LEU A 1 77  ? -1.958  15.479  -3.781  1.00 20.22 ? 260 LEU A CA  1 
ATOM   584  C C   . LEU A 1 77  ? -2.845  16.084  -2.689  1.00 21.59 ? 260 LEU A C   1 
ATOM   585  O O   . LEU A 1 77  ? -4.061  15.840  -2.631  1.00 19.28 ? 260 LEU A O   1 
ATOM   586  C CB  . LEU A 1 77  ? -0.997  14.470  -3.172  1.00 21.23 ? 260 LEU A CB  1 
ATOM   587  C CG  . LEU A 1 77  ? -1.176  12.987  -3.497  1.00 25.76 ? 260 LEU A CG  1 
ATOM   588  C CD1 . LEU A 1 77  ? -1.655  12.770  -4.928  1.00 25.64 ? 260 LEU A CD1 1 
ATOM   589  C CD2 . LEU A 1 77  ? 0.169   12.314  -3.271  1.00 26.26 ? 260 LEU A CD2 1 
ATOM   590  N N   . VAL A 1 78  ? -2.225  16.888  -1.829  1.00 20.68 ? 261 VAL A N   1 
ATOM   591  C CA  . VAL A 1 78  ? -2.944  17.550  -0.748  1.00 21.84 ? 261 VAL A CA  1 
ATOM   592  C C   . VAL A 1 78  ? -4.044  18.452  -1.296  1.00 20.91 ? 261 VAL A C   1 
ATOM   593  O O   . VAL A 1 78  ? -5.198  18.334  -0.910  1.00 21.21 ? 261 VAL A O   1 
ATOM   594  C CB  . VAL A 1 78  ? -2.000  18.407  0.110   1.00 21.95 ? 261 VAL A CB  1 
ATOM   595  C CG1 . VAL A 1 78  ? -2.815  19.335  1.005   1.00 23.01 ? 261 VAL A CG1 1 
ATOM   596  C CG2 . VAL A 1 78  ? -1.113  17.501  0.959   1.00 23.20 ? 261 VAL A CG2 1 
ATOM   597  N N   . VAL A 1 79  ? -3.671  19.351  -2.198  1.00 21.98 ? 262 VAL A N   1 
ATOM   598  C CA  . VAL A 1 79  ? -4.609  20.281  -2.805  1.00 19.63 ? 262 VAL A CA  1 
ATOM   599  C C   . VAL A 1 79  ? -5.823  19.606  -3.420  1.00 22.19 ? 262 VAL A C   1 
ATOM   600  O O   . VAL A 1 79  ? -6.960  19.984  -3.148  1.00 23.10 ? 262 VAL A O   1 
ATOM   601  C CB  . VAL A 1 79  ? -3.912  21.120  -3.884  1.00 20.64 ? 262 VAL A CB  1 
ATOM   602  C CG1 . VAL A 1 79  ? -4.943  21.897  -4.713  1.00 18.68 ? 262 VAL A CG1 1 
ATOM   603  C CG2 . VAL A 1 79  ? -2.927  22.072  -3.223  1.00 18.11 ? 262 VAL A CG2 1 
ATOM   604  N N   . ASN A 1 80  ? -5.587  18.607  -4.258  1.00 22.86 ? 263 ASN A N   1 
ATOM   605  C CA  . ASN A 1 80  ? -6.685  17.908  -4.908  1.00 22.76 ? 263 ASN A CA  1 
ATOM   606  C C   . ASN A 1 80  ? -7.504  17.052  -3.949  1.00 23.49 ? 263 ASN A C   1 
ATOM   607  O O   . ASN A 1 80  ? -8.642  16.700  -4.251  1.00 21.22 ? 263 ASN A O   1 
ATOM   608  C CB  . ASN A 1 80  ? -6.149  17.074  -6.069  1.00 22.13 ? 263 ASN A CB  1 
ATOM   609  C CG  . ASN A 1 80  ? -5.700  17.937  -7.229  1.00 21.53 ? 263 ASN A CG  1 
ATOM   610  O OD1 . ASN A 1 80  ? -6.521  18.518  -7.931  1.00 27.87 ? 263 ASN A OD1 1 
ATOM   611  N ND2 . ASN A 1 80  ? -4.396  18.047  -7.421  1.00 20.46 ? 263 ASN A ND2 1 
ATOM   612  N N   . ALA A 1 81  ? -6.930  16.721  -2.792  1.00 23.90 ? 264 ALA A N   1 
ATOM   613  C CA  . ALA A 1 81  ? -7.649  15.933  -1.795  1.00 26.04 ? 264 ALA A CA  1 
ATOM   614  C C   . ALA A 1 81  ? -8.617  16.870  -1.058  1.00 28.44 ? 264 ALA A C   1 
ATOM   615  O O   . ALA A 1 81  ? -9.704  16.460  -0.633  1.00 28.16 ? 264 ALA A O   1 
ATOM   616  C CB  . ALA A 1 81  ? -6.670  15.299  -0.808  1.00 24.95 ? 264 ALA A CB  1 
ATOM   617  N N   . ILE A 1 82  ? -8.209  18.129  -0.911  1.00 28.68 ? 265 ILE A N   1 
ATOM   618  C CA  . ILE A 1 82  ? -9.025  19.138  -0.243  1.00 28.86 ? 265 ILE A CA  1 
ATOM   619  C C   . ILE A 1 82  ? -10.197 19.528  -1.140  1.00 30.19 ? 265 ILE A C   1 
ATOM   620  O O   . ILE A 1 82  ? -11.338 19.606  -0.685  1.00 29.38 ? 265 ILE A O   1 
ATOM   621  C CB  . ILE A 1 82  ? -8.198  20.399  0.084   1.00 27.76 ? 265 ILE A CB  1 
ATOM   622  C CG1 . ILE A 1 82  ? -7.100  20.049  1.091   1.00 26.57 ? 265 ILE A CG1 1 
ATOM   623  C CG2 . ILE A 1 82  ? -9.100  21.487  0.654   1.00 28.72 ? 265 ILE A CG2 1 
ATOM   624  C CD1 . ILE A 1 82  ? -6.186  21.209  1.414   1.00 25.54 ? 265 ILE A CD1 1 
ATOM   625  N N   . ARG A 1 83  ? -9.904  19.778  -2.414  1.00 31.26 ? 266 ARG A N   1 
ATOM   626  C CA  . ARG A 1 83  ? -10.936 20.138  -3.380  1.00 32.81 ? 266 ARG A CA  1 
ATOM   627  C C   . ARG A 1 83  ? -11.811 18.925  -3.618  1.00 32.89 ? 266 ARG A C   1 
ATOM   628  O O   . ARG A 1 83  ? -12.973 19.049  -3.994  1.00 33.60 ? 266 ARG A O   1 
ATOM   629  C CB  . ARG A 1 83  ? -10.314 20.567  -4.711  1.00 34.47 ? 266 ARG A CB  1 
ATOM   630  C CG  . ARG A 1 83  ? -9.345  21.713  -4.580  1.00 39.20 ? 266 ARG A CG  1 
ATOM   631  C CD  . ARG A 1 83  ? -9.066  22.400  -5.907  1.00 41.53 ? 266 ARG A CD  1 
ATOM   632  N NE  . ARG A 1 83  ? -8.355  21.559  -6.864  1.00 43.18 ? 266 ARG A NE  1 
ATOM   633  C CZ  . ARG A 1 83  ? -7.679  22.041  -7.903  1.00 44.50 ? 266 ARG A CZ  1 
ATOM   634  N NH1 . ARG A 1 83  ? -7.057  21.222  -8.742  1.00 43.12 ? 266 ARG A NH1 1 
ATOM   635  N NH2 . ARG A 1 83  ? -7.614  23.353  -8.094  1.00 45.05 ? 266 ARG A NH2 1 
ATOM   636  N N   . LYS A 1 84  ? -11.231 17.751  -3.394  1.00 34.90 ? 267 LYS A N   1 
ATOM   637  C CA  . LYS A 1 84  ? -11.910 16.474  -3.577  1.00 35.86 ? 267 LYS A CA  1 
ATOM   638  C C   . LYS A 1 84  ? -12.000 16.132  -5.059  1.00 35.43 ? 267 LYS A C   1 
ATOM   639  O O   . LYS A 1 84  ? -12.913 15.442  -5.488  1.00 37.28 ? 267 LYS A O   1 
ATOM   640  C CB  . LYS A 1 84  ? -13.317 16.513  -2.972  1.00 38.86 ? 267 LYS A CB  1 
ATOM   641  C CG  . LYS A 1 84  ? -13.848 15.163  -2.527  1.00 41.71 ? 267 LYS A CG  1 
ATOM   642  C CD  . LYS A 1 84  ? -13.346 14.821  -1.137  1.00 45.02 ? 267 LYS A CD  1 
ATOM   643  C CE  . LYS A 1 84  ? -13.910 13.488  -0.666  1.00 48.82 ? 267 LYS A CE  1 
ATOM   644  N NZ  . LYS A 1 84  ? -15.402 13.455  -0.683  1.00 48.76 ? 267 LYS A NZ  1 
ATOM   645  N N   . THR A 1 85  ? -11.064 16.644  -5.848  1.00 35.14 ? 268 THR A N   1 
ATOM   646  C CA  . THR A 1 85  ? -11.044 16.336  -7.273  1.00 35.72 ? 268 THR A CA  1 
ATOM   647  C C   . THR A 1 85  ? -10.381 14.960  -7.394  1.00 34.54 ? 268 THR A C   1 
ATOM   648  O O   . THR A 1 85  ? -10.484 14.292  -8.423  1.00 34.20 ? 268 THR A O   1 
ATOM   649  C CB  . THR A 1 85  ? -10.245 17.385  -8.083  1.00 38.04 ? 268 THR A CB  1 
ATOM   650  O OG1 . THR A 1 85  ? -9.025  17.688  -7.398  1.00 43.00 ? 268 THR A OG1 1 
ATOM   651  C CG2 . THR A 1 85  ? -11.060 18.665  -8.253  1.00 38.70 ? 268 THR A CG2 1 
ATOM   652  N N   . LEU A 1 86  ? -9.699  14.554  -6.322  1.00 31.57 ? 269 LEU A N   1 
ATOM   653  C CA  . LEU A 1 86  ? -9.040  13.254  -6.239  1.00 30.32 ? 269 LEU A CA  1 
ATOM   654  C C   . LEU A 1 86  ? -8.803  12.912  -4.767  1.00 30.11 ? 269 LEU A C   1 
ATOM   655  O O   . LEU A 1 86  ? -7.771  13.256  -4.190  1.00 27.62 ? 269 LEU A O   1 
ATOM   656  C CB  . LEU A 1 86  ? -7.703  13.246  -7.004  1.00 29.80 ? 269 LEU A CB  1 
ATOM   657  C CG  . LEU A 1 86  ? -6.815  11.998  -6.834  1.00 29.39 ? 269 LEU A CG  1 
ATOM   658  C CD1 . LEU A 1 86  ? -7.625  10.719  -7.004  1.00 29.06 ? 269 LEU A CD1 1 
ATOM   659  C CD2 . LEU A 1 86  ? -5.676  12.036  -7.843  1.00 30.28 ? 269 LEU A CD2 1 
ATOM   660  N N   . LYS A 1 87  ? -9.783  12.246  -4.166  1.00 29.39 ? 270 LYS A N   1 
ATOM   661  C CA  . LYS A 1 87  ? -9.696  11.844  -2.768  1.00 29.79 ? 270 LYS A CA  1 
ATOM   662  C C   . LYS A 1 87  ? -8.555  10.846  -2.629  1.00 29.75 ? 270 LYS A C   1 
ATOM   663  O O   . LYS A 1 87  ? -8.618  9.741   -3.171  1.00 30.85 ? 270 LYS A O   1 
ATOM   664  C CB  . LYS A 1 87  ? -11.015 11.206  -2.326  1.00 29.43 ? 270 LYS A CB  1 
ATOM   665  C CG  . LYS A 1 87  ? -11.087 10.848  -0.854  1.00 34.03 ? 270 LYS A CG  1 
ATOM   666  C CD  . LYS A 1 87  ? -12.386 10.104  -0.558  1.00 38.40 ? 270 LYS A CD  1 
ATOM   667  C CE  . LYS A 1 87  ? -12.509 9.735   0.907   1.00 42.57 ? 270 LYS A CE  1 
ATOM   668  N NZ  . LYS A 1 87  ? -13.824 9.093   1.191   1.00 45.23 ? 270 LYS A NZ  1 
ATOM   669  N N   . ALA A 1 88  ? -7.515  11.234  -1.899  1.00 28.01 ? 271 ALA A N   1 
ATOM   670  C CA  . ALA A 1 88  ? -6.358  10.369  -1.723  1.00 26.22 ? 271 ALA A CA  1 
ATOM   671  C C   . ALA A 1 88  ? -5.673  10.516  -0.375  1.00 24.82 ? 271 ALA A C   1 
ATOM   672  O O   . ALA A 1 88  ? -5.969  11.424  0.403   1.00 24.76 ? 271 ALA A O   1 
ATOM   673  C CB  . ALA A 1 88  ? -5.346  10.637  -2.837  1.00 25.36 ? 271 ALA A CB  1 
ATOM   674  N N   . VAL A 1 89  ? -4.746  9.602   -0.115  1.00 24.09 ? 272 VAL A N   1 
ATOM   675  C CA  . VAL A 1 89  ? -3.960  9.600   1.111   1.00 24.77 ? 272 VAL A CA  1 
ATOM   676  C C   . VAL A 1 89  ? -2.608  8.985   0.807   1.00 23.64 ? 272 VAL A C   1 
ATOM   677  O O   . VAL A 1 89  ? -2.527  7.974   0.109   1.00 23.55 ? 272 VAL A O   1 
ATOM   678  C CB  . VAL A 1 89  ? -4.617  8.758   2.221   1.00 25.07 ? 272 VAL A CB  1 
ATOM   679  C CG1 . VAL A 1 89  ? -3.751  8.788   3.469   1.00 26.53 ? 272 VAL A CG1 1 
ATOM   680  C CG2 . VAL A 1 89  ? -5.994  9.296   2.533   1.00 29.97 ? 272 VAL A CG2 1 
ATOM   681  N N   . ALA A 1 90  ? -1.549  9.603   1.311   1.00 22.39 ? 273 ALA A N   1 
ATOM   682  C CA  . ALA A 1 90  ? -0.206  9.079   1.110   1.00 23.66 ? 273 ALA A CA  1 
ATOM   683  C C   . ALA A 1 90  ? 0.317   8.561   2.448   1.00 25.48 ? 273 ALA A C   1 
ATOM   684  O O   . ALA A 1 90  ? 0.188   9.221   3.486   1.00 24.81 ? 273 ALA A O   1 
ATOM   685  C CB  . ALA A 1 90  ? 0.725   10.165  0.558   1.00 22.99 ? 273 ALA A CB  1 
ATOM   686  N N   . VAL A 1 91  ? 0.902   7.372   2.406   1.00 25.19 ? 274 VAL A N   1 
ATOM   687  C CA  . VAL A 1 91  ? 1.452   6.719   3.579   1.00 26.72 ? 274 VAL A CA  1 
ATOM   688  C C   . VAL A 1 91  ? 2.855   6.219   3.255   1.00 29.32 ? 274 VAL A C   1 
ATOM   689  O O   . VAL A 1 91  ? 3.191   5.975   2.097   1.00 28.30 ? 274 VAL A O   1 
ATOM   690  C CB  . VAL A 1 91  ? 0.582   5.519   3.991   1.00 28.17 ? 274 VAL A CB  1 
ATOM   691  C CG1 . VAL A 1 91  ? 1.289   4.704   5.026   1.00 28.53 ? 274 VAL A CG1 1 
ATOM   692  C CG2 . VAL A 1 91  ? -0.756  6.004   4.525   1.00 26.69 ? 274 VAL A CG2 1 
ATOM   693  N N   . LYS A 1 92  ? 3.670   6.067   4.289   1.00 30.98 ? 275 LYS A N   1 
ATOM   694  C CA  . LYS A 1 92  ? 5.033   5.607   4.118   1.00 32.65 ? 275 LYS A CA  1 
ATOM   695  C C   . LYS A 1 92  ? 5.104   4.100   4.367   1.00 33.18 ? 275 LYS A C   1 
ATOM   696  O O   . LYS A 1 92  ? 4.333   3.563   5.163   1.00 32.21 ? 275 LYS A O   1 
ATOM   697  C CB  . LYS A 1 92  ? 5.932   6.366   5.094   1.00 34.35 ? 275 LYS A CB  1 
ATOM   698  C CG  . LYS A 1 92  ? 7.408   6.245   4.819   1.00 38.25 ? 275 LYS A CG  1 
ATOM   699  C CD  . LYS A 1 92  ? 8.143   7.543   5.163   1.00 41.39 ? 275 LYS A CD  1 
ATOM   700  C CE  . LYS A 1 92  ? 8.073   7.875   6.642   1.00 43.78 ? 275 LYS A CE  1 
ATOM   701  N NZ  . LYS A 1 92  ? 8.752   9.175   6.938   1.00 46.88 ? 275 LYS A NZ  1 
ATOM   702  N N   . GLY A 1 93  ? 6.007   3.423   3.659   1.00 33.88 ? 276 GLY A N   1 
ATOM   703  C CA  . GLY A 1 93  ? 6.180   1.989   3.834   1.00 36.35 ? 276 GLY A CA  1 
ATOM   704  C C   . GLY A 1 93  ? 6.638   1.707   5.253   1.00 36.86 ? 276 GLY A C   1 
ATOM   705  O O   . GLY A 1 93  ? 7.430   2.466   5.796   1.00 37.96 ? 276 GLY A O   1 
ATOM   706  N N   . PRO A 1 94  ? 6.185   0.607   5.867   1.00 39.02 ? 277 PRO A N   1 
ATOM   707  C CA  . PRO A 1 94  ? 6.528   0.217   7.241   1.00 40.55 ? 277 PRO A CA  1 
ATOM   708  C C   . PRO A 1 94  ? 7.953   -0.084  7.708   1.00 43.15 ? 277 PRO A C   1 
ATOM   709  O O   . PRO A 1 94  ? 8.451   0.586   8.618   1.00 46.80 ? 277 PRO A O   1 
ATOM   710  C CB  . PRO A 1 94  ? 5.591   -0.961  7.503   1.00 39.38 ? 277 PRO A CB  1 
ATOM   711  C CG  . PRO A 1 94  ? 5.472   -1.580  6.171   1.00 39.19 ? 277 PRO A CG  1 
ATOM   712  C CD  . PRO A 1 94  ? 5.271   -0.381  5.268   1.00 40.02 ? 277 PRO A CD  1 
ATOM   713  N N   . TYR A 1 95  ? 8.615   -1.074  7.116   1.00 42.63 ? 278 TYR A N   1 
ATOM   714  C CA  . TYR A 1 95  ? 9.950   -1.450  7.596   1.00 41.66 ? 278 TYR A CA  1 
ATOM   715  C C   . TYR A 1 95  ? 11.146  -0.782  6.934   1.00 39.60 ? 278 TYR A C   1 
ATOM   716  O O   . TYR A 1 95  ? 11.097  0.395   6.589   1.00 38.69 ? 278 TYR A O   1 
ATOM   717  C CB  . TYR A 1 95  ? 10.079  -2.971  7.525   1.00 41.56 ? 278 TYR A CB  1 
ATOM   718  C CG  . TYR A 1 95  ? 8.860   -3.664  8.083   1.00 44.85 ? 278 TYR A CG  1 
ATOM   719  C CD1 . TYR A 1 95  ? 8.493   -3.504  9.421   1.00 45.68 ? 278 TYR A CD1 1 
ATOM   720  C CD2 . TYR A 1 95  ? 8.046   -4.448  7.266   1.00 45.41 ? 278 TYR A CD2 1 
ATOM   721  C CE1 . TYR A 1 95  ? 7.345   -4.107  9.933   1.00 46.50 ? 278 TYR A CE1 1 
ATOM   722  C CE2 . TYR A 1 95  ? 6.897   -5.057  7.767   1.00 47.01 ? 278 TYR A CE2 1 
ATOM   723  C CZ  . TYR A 1 95  ? 6.551   -4.883  9.099   1.00 48.37 ? 278 TYR A CZ  1 
ATOM   724  O OH  . TYR A 1 95  ? 5.415   -5.485  9.594   1.00 49.73 ? 278 TYR A OH  1 
ATOM   725  N N   . PHE A 1 96  ? 12.230  -1.536  6.774   1.00 39.72 ? 279 PHE A N   1 
ATOM   726  C CA  . PHE A 1 96  ? 13.442  -1.002  6.160   1.00 41.12 ? 279 PHE A CA  1 
ATOM   727  C C   . PHE A 1 96  ? 14.225  -2.077  5.401   1.00 41.76 ? 279 PHE A C   1 
ATOM   728  O O   . PHE A 1 96  ? 13.965  -3.277  5.547   1.00 40.94 ? 279 PHE A O   1 
ATOM   729  C CB  . PHE A 1 96  ? 14.336  -0.372  7.238   1.00 40.70 ? 279 PHE A CB  1 
ATOM   730  C CG  . PHE A 1 96  ? 15.186  -1.362  7.989   1.00 41.48 ? 279 PHE A CG  1 
ATOM   731  C CD1 . PHE A 1 96  ? 16.426  -1.759  7.488   1.00 42.40 ? 279 PHE A CD1 1 
ATOM   732  C CD2 . PHE A 1 96  ? 14.755  -1.893  9.199   1.00 43.13 ? 279 PHE A CD2 1 
ATOM   733  C CE1 . PHE A 1 96  ? 17.229  -2.672  8.185   1.00 43.68 ? 279 PHE A CE1 1 
ATOM   734  C CE2 . PHE A 1 96  ? 15.552  -2.809  9.903   1.00 44.70 ? 279 PHE A CE2 1 
ATOM   735  C CZ  . PHE A 1 96  ? 16.791  -3.198  9.393   1.00 43.10 ? 279 PHE A CZ  1 
ATOM   736  N N   . GLY A 1 97  ? 15.189  -1.636  4.596   1.00 42.15 ? 280 GLY A N   1 
ATOM   737  C CA  . GLY A 1 97  ? 15.998  -2.571  3.836   1.00 42.15 ? 280 GLY A CA  1 
ATOM   738  C C   . GLY A 1 97  ? 15.170  -3.561  3.039   1.00 42.36 ? 280 GLY A C   1 
ATOM   739  O O   . GLY A 1 97  ? 14.107  -3.218  2.521   1.00 42.27 ? 280 GLY A O   1 
ATOM   740  N N   . ASP A 1 98  ? 15.654  -4.794  2.942   1.00 42.92 ? 281 ASP A N   1 
ATOM   741  C CA  . ASP A 1 98  ? 14.949  -5.828  2.197   1.00 42.51 ? 281 ASP A CA  1 
ATOM   742  C C   . ASP A 1 98  ? 13.546  -6.049  2.745   1.00 40.34 ? 281 ASP A C   1 
ATOM   743  O O   . ASP A 1 98  ? 12.604  -6.219  1.977   1.00 39.13 ? 281 ASP A O   1 
ATOM   744  C CB  . ASP A 1 98  ? 15.741  -7.142  2.219   1.00 45.33 ? 281 ASP A CB  1 
ATOM   745  C CG  . ASP A 1 98  ? 17.051  -7.048  1.444   1.00 49.49 ? 281 ASP A CG  1 
ATOM   746  O OD1 . ASP A 1 98  ? 17.038  -6.495  0.320   1.00 50.83 ? 281 ASP A OD1 1 
ATOM   747  O OD2 . ASP A 1 98  ? 18.089  -7.532  1.950   1.00 51.36 ? 281 ASP A OD2 1 
ATOM   748  N N   . ARG A 1 99  ? 13.407  -6.042  4.068   1.00 39.13 ? 282 ARG A N   1 
ATOM   749  C CA  . ARG A 1 99  ? 12.101  -6.230  4.698   1.00 37.51 ? 282 ARG A CA  1 
ATOM   750  C C   . ARG A 1 99  ? 11.101  -5.194  4.198   1.00 34.24 ? 282 ARG A C   1 
ATOM   751  O O   . ARG A 1 99  ? 9.916   -5.481  4.048   1.00 34.52 ? 282 ARG A O   1 
ATOM   752  C CB  . ARG A 1 99  ? 12.218  -6.123  6.223   1.00 40.55 ? 282 ARG A CB  1 
ATOM   753  C CG  . ARG A 1 99  ? 12.233  -7.457  6.943   1.00 45.84 ? 282 ARG A CG  1 
ATOM   754  C CD  . ARG A 1 99  ? 10.901  -7.749  7.629   1.00 49.65 ? 282 ARG A CD  1 
ATOM   755  N NE  . ARG A 1 99  ? 10.684  -6.901  8.799   1.00 52.66 ? 282 ARG A NE  1 
ATOM   756  C CZ  . ARG A 1 99  ? 9.713   -7.085  9.689   1.00 55.44 ? 282 ARG A CZ  1 
ATOM   757  N NH1 . ARG A 1 99  ? 8.858   -8.093  9.551   1.00 56.23 ? 282 ARG A NH1 1 
ATOM   758  N NH2 . ARG A 1 99  ? 9.596   -6.262  10.726  1.00 56.19 ? 282 ARG A NH2 1 
ATOM   759  N N   . ARG A 1 100 ? 11.584  -3.987  3.941   1.00 30.79 ? 283 ARG A N   1 
ATOM   760  C CA  . ARG A 1 100 ? 10.718  -2.921  3.468   1.00 30.08 ? 283 ARG A CA  1 
ATOM   761  C C   . ARG A 1 100 ? 10.200  -3.220  2.069   1.00 27.65 ? 283 ARG A C   1 
ATOM   762  O O   . ARG A 1 100 ? 8.999   -3.134  1.804   1.00 24.37 ? 283 ARG A O   1 
ATOM   763  C CB  . ARG A 1 100 ? 11.469  -1.590  3.453   1.00 28.32 ? 283 ARG A CB  1 
ATOM   764  C CG  . ARG A 1 100 ? 10.584  -0.402  3.110   1.00 30.34 ? 283 ARG A CG  1 
ATOM   765  C CD  . ARG A 1 100 ? 11.387  0.881   3.078   1.00 31.27 ? 283 ARG A CD  1 
ATOM   766  N NE  . ARG A 1 100 ? 12.239  0.952   1.898   1.00 32.65 ? 283 ARG A NE  1 
ATOM   767  C CZ  . ARG A 1 100 ? 11.808  1.284   0.686   1.00 33.96 ? 283 ARG A CZ  1 
ATOM   768  N NH1 . ARG A 1 100 ? 10.529  1.581   0.489   1.00 34.43 ? 283 ARG A NH1 1 
ATOM   769  N NH2 . ARG A 1 100 ? 12.658  1.327   -0.331  1.00 36.37 ? 283 ARG A NH2 1 
ATOM   770  N N   . LYS A 1 101 ? 11.126  -3.559  1.178   1.00 26.80 ? 284 LYS A N   1 
ATOM   771  C CA  . LYS A 1 101 ? 10.804  -3.875  -0.209  1.00 27.08 ? 284 LYS A CA  1 
ATOM   772  C C   . LYS A 1 101 ? 9.960   -5.141  -0.282  1.00 23.81 ? 284 LYS A C   1 
ATOM   773  O O   . LYS A 1 101 ? 9.053   -5.245  -1.108  1.00 19.91 ? 284 LYS A O   1 
ATOM   774  C CB  . LYS A 1 101 ? 12.099  -4.055  -1.004  1.00 30.19 ? 284 LYS A CB  1 
ATOM   775  C CG  . LYS A 1 101 ? 13.035  -2.850  -0.880  1.00 36.83 ? 284 LYS A CG  1 
ATOM   776  C CD  . LYS A 1 101 ? 14.409  -3.102  -1.482  1.00 40.68 ? 284 LYS A CD  1 
ATOM   777  C CE  . LYS A 1 101 ? 15.318  -1.892  -1.272  1.00 42.81 ? 284 LYS A CE  1 
ATOM   778  N NZ  . LYS A 1 101 ? 15.406  -1.519  0.179   1.00 46.26 ? 284 LYS A NZ  1 
ATOM   779  N N   . ALA A 1 102 ? 10.259  -6.095  0.598   1.00 21.28 ? 285 ALA A N   1 
ATOM   780  C CA  . ALA A 1 102 ? 9.523   -7.350  0.638   1.00 22.72 ? 285 ALA A CA  1 
ATOM   781  C C   . ALA A 1 102 ? 8.084   -7.118  1.080   1.00 22.02 ? 285 ALA A C   1 
ATOM   782  O O   . ALA A 1 102 ? 7.183   -7.823  0.636   1.00 23.85 ? 285 ALA A O   1 
ATOM   783  C CB  . ALA A 1 102 ? 10.204  -8.337  1.579   1.00 21.92 ? 285 ALA A CB  1 
ATOM   784  N N   . PHE A 1 103 ? 7.861   -6.129  1.944   1.00 22.69 ? 286 PHE A N   1 
ATOM   785  C CA  . PHE A 1 103 ? 6.503   -5.863  2.403   1.00 22.79 ? 286 PHE A CA  1 
ATOM   786  C C   . PHE A 1 103 ? 5.652   -5.196  1.319   1.00 21.99 ? 286 PHE A C   1 
ATOM   787  O O   . PHE A 1 103 ? 4.454   -5.444  1.237   1.00 22.05 ? 286 PHE A O   1 
ATOM   788  C CB  . PHE A 1 103 ? 6.484   -5.003  3.665   1.00 23.87 ? 286 PHE A CB  1 
ATOM   789  C CG  . PHE A 1 103 ? 5.123   -4.935  4.310   1.00 25.47 ? 286 PHE A CG  1 
ATOM   790  C CD1 . PHE A 1 103 ? 4.565   -6.068  4.903   1.00 28.30 ? 286 PHE A CD1 1 
ATOM   791  C CD2 . PHE A 1 103 ? 4.367   -3.767  4.259   1.00 25.23 ? 286 PHE A CD2 1 
ATOM   792  C CE1 . PHE A 1 103 ? 3.276   -6.039  5.433   1.00 28.56 ? 286 PHE A CE1 1 
ATOM   793  C CE2 . PHE A 1 103 ? 3.077   -3.723  4.783   1.00 24.45 ? 286 PHE A CE2 1 
ATOM   794  C CZ  . PHE A 1 103 ? 2.529   -4.861  5.370   1.00 28.61 ? 286 PHE A CZ  1 
ATOM   795  N N   . LEU A 1 104 ? 6.259   -4.334  0.506   1.00 21.10 ? 287 LEU A N   1 
ATOM   796  C CA  . LEU A 1 104 ? 5.522   -3.703  -0.589  1.00 20.82 ? 287 LEU A CA  1 
ATOM   797  C C   . LEU A 1 104 ? 5.092   -4.823  -1.551  1.00 19.29 ? 287 LEU A C   1 
ATOM   798  O O   . LEU A 1 104 ? 4.013   -4.758  -2.148  1.00 17.48 ? 287 LEU A O   1 
ATOM   799  C CB  . LEU A 1 104 ? 6.393   -2.682  -1.341  1.00 19.17 ? 287 LEU A CB  1 
ATOM   800  C CG  . LEU A 1 104 ? 6.692   -1.342  -0.652  1.00 22.08 ? 287 LEU A CG  1 
ATOM   801  C CD1 . LEU A 1 104 ? 7.491   -0.437  -1.583  1.00 20.24 ? 287 LEU A CD1 1 
ATOM   802  C CD2 . LEU A 1 104 ? 5.384   -0.668  -0.265  1.00 20.42 ? 287 LEU A CD2 1 
ATOM   803  N N   . GLU A 1 105 ? 5.939   -5.845  -1.695  1.00 16.51 ? 288 GLU A N   1 
ATOM   804  C CA  . GLU A 1 105 ? 5.616   -6.971  -2.571  1.00 18.61 ? 288 GLU A CA  1 
ATOM   805  C C   . GLU A 1 105 ? 4.444   -7.750  -1.970  1.00 17.29 ? 288 GLU A C   1 
ATOM   806  O O   . GLU A 1 105 ? 3.583   -8.261  -2.695  1.00 18.91 ? 288 GLU A O   1 
ATOM   807  C CB  . GLU A 1 105 ? 6.828   -7.883  -2.759  1.00 20.26 ? 288 GLU A CB  1 
ATOM   808  C CG  . GLU A 1 105 ? 8.033   -7.176  -3.384  1.00 24.11 ? 288 GLU A CG  1 
ATOM   809  C CD  . GLU A 1 105 ? 9.255   -8.074  -3.505  1.00 28.45 ? 288 GLU A CD  1 
ATOM   810  O OE1 . GLU A 1 105 ? 9.353   -9.061  -2.743  1.00 30.55 ? 288 GLU A OE1 1 
ATOM   811  O OE2 . GLU A 1 105 ? 10.130  -7.784  -4.353  1.00 32.06 ? 288 GLU A OE2 1 
ATOM   812  N N   . ASP A 1 106 ? 4.408   -7.824  -0.643  1.00 17.14 ? 289 ASP A N   1 
ATOM   813  C CA  . ASP A 1 106 ? 3.315   -8.499  0.052   1.00 17.00 ? 289 ASP A CA  1 
ATOM   814  C C   . ASP A 1 106 ? 2.024   -7.733  -0.257  1.00 15.17 ? 289 ASP A C   1 
ATOM   815  O O   . ASP A 1 106 ? 1.009   -8.325  -0.608  1.00 14.73 ? 289 ASP A O   1 
ATOM   816  C CB  . ASP A 1 106 ? 3.543   -8.496  1.571   1.00 16.42 ? 289 ASP A CB  1 
ATOM   817  C CG  . ASP A 1 106 ? 4.647   -9.454  2.015   1.00 22.71 ? 289 ASP A CG  1 
ATOM   818  O OD1 . ASP A 1 106 ? 5.179   -10.224 1.175   1.00 20.75 ? 289 ASP A OD1 1 
ATOM   819  O OD2 . ASP A 1 106 ? 4.971   -9.441  3.229   1.00 25.62 ? 289 ASP A OD2 1 
ATOM   820  N N   . LEU A 1 107 ? 2.080   -6.412  -0.122  1.00 15.85 ? 290 LEU A N   1 
ATOM   821  C CA  . LEU A 1 107 ? 0.920   -5.569  -0.375  1.00 15.67 ? 290 LEU A CA  1 
ATOM   822  C C   . LEU A 1 107 ? 0.439   -5.712  -1.813  1.00 15.16 ? 290 LEU A C   1 
ATOM   823  O O   . LEU A 1 107 ? -0.762  -5.770  -2.071  1.00 15.52 ? 290 LEU A O   1 
ATOM   824  C CB  . LEU A 1 107 ? 1.249   -4.099  -0.089  1.00 15.39 ? 290 LEU A CB  1 
ATOM   825  C CG  . LEU A 1 107 ? 1.389   -3.620  1.363   1.00 19.00 ? 290 LEU A CG  1 
ATOM   826  C CD1 . LEU A 1 107 ? 1.612   -2.102  1.363   1.00 17.88 ? 290 LEU A CD1 1 
ATOM   827  C CD2 . LEU A 1 107 ? 0.130   -3.971  2.162   1.00 17.95 ? 290 LEU A CD2 1 
ATOM   828  N N   . ALA A 1 108 ? 1.380   -5.761  -2.747  1.00 14.71 ? 291 ALA A N   1 
ATOM   829  C CA  . ALA A 1 108 ? 1.039   -5.902  -4.154  1.00 14.92 ? 291 ALA A CA  1 
ATOM   830  C C   . ALA A 1 108 ? 0.375   -7.256  -4.366  1.00 16.18 ? 291 ALA A C   1 
ATOM   831  O O   . ALA A 1 108 ? -0.581  -7.372  -5.137  1.00 17.43 ? 291 ALA A O   1 
ATOM   832  C CB  . ALA A 1 108 ? 2.297   -5.781  -5.023  1.00 13.57 ? 291 ALA A CB  1 
ATOM   833  N N   . VAL A 1 109 ? 0.868   -8.280  -3.673  1.00 15.68 ? 292 VAL A N   1 
ATOM   834  C CA  . VAL A 1 109 ? 0.281   -9.611  -3.810  1.00 15.03 ? 292 VAL A CA  1 
ATOM   835  C C   . VAL A 1 109 ? -1.178  -9.639  -3.342  1.00 16.66 ? 292 VAL A C   1 
ATOM   836  O O   . VAL A 1 109 ? -2.059  -10.111 -4.066  1.00 17.09 ? 292 VAL A O   1 
ATOM   837  C CB  . VAL A 1 109 ? 1.074   -10.680 -3.010  1.00 12.72 ? 292 VAL A CB  1 
ATOM   838  C CG1 . VAL A 1 109 ? 0.283   -11.993 -2.963  1.00 13.92 ? 292 VAL A CG1 1 
ATOM   839  C CG2 . VAL A 1 109 ? 2.430   -10.912 -3.648  1.00 9.98  ? 292 VAL A CG2 1 
ATOM   840  N N   . VAL A 1 110 ? -1.446  -9.119  -2.146  1.00 16.30 ? 293 VAL A N   1 
ATOM   841  C CA  . VAL A 1 110 ? -2.815  -9.155  -1.633  1.00 16.80 ? 293 VAL A CA  1 
ATOM   842  C C   . VAL A 1 110 ? -3.771  -8.181  -2.306  1.00 15.33 ? 293 VAL A C   1 
ATOM   843  O O   . VAL A 1 110 ? -4.975  -8.433  -2.346  1.00 15.83 ? 293 VAL A O   1 
ATOM   844  C CB  . VAL A 1 110 ? -2.876  -8.918  -0.089  1.00 18.82 ? 293 VAL A CB  1 
ATOM   845  C CG1 . VAL A 1 110 ? -2.066  -9.986  0.637   1.00 17.86 ? 293 VAL A CG1 1 
ATOM   846  C CG2 . VAL A 1 110 ? -2.367  -7.537  0.258   1.00 19.10 ? 293 VAL A CG2 1 
ATOM   847  N N   . THR A 1 111 ? -3.253  -7.073  -2.833  1.00 15.12 ? 294 THR A N   1 
ATOM   848  C CA  . THR A 1 111 ? -4.119  -6.094  -3.484  1.00 15.09 ? 294 THR A CA  1 
ATOM   849  C C   . THR A 1 111 ? -4.201  -6.285  -4.999  1.00 14.73 ? 294 THR A C   1 
ATOM   850  O O   . THR A 1 111 ? -5.007  -5.650  -5.665  1.00 14.10 ? 294 THR A O   1 
ATOM   851  C CB  . THR A 1 111 ? -3.678  -4.640  -3.158  1.00 13.24 ? 294 THR A CB  1 
ATOM   852  O OG1 . THR A 1 111 ? -2.345  -4.417  -3.617  1.00 10.37 ? 294 THR A OG1 1 
ATOM   853  C CG2 . THR A 1 111 ? -3.728  -4.398  -1.661  1.00 12.77 ? 294 THR A CG2 1 
ATOM   854  N N   . GLY A 1 112 ? -3.365  -7.170  -5.532  1.00 16.25 ? 295 GLY A N   1 
ATOM   855  C CA  . GLY A 1 112 ? -3.382  -7.448  -6.959  1.00 15.88 ? 295 GLY A CA  1 
ATOM   856  C C   . GLY A 1 112 ? -2.743  -6.362  -7.793  1.00 19.56 ? 295 GLY A C   1 
ATOM   857  O O   . GLY A 1 112 ? -3.104  -6.166  -8.955  1.00 19.58 ? 295 GLY A O   1 
ATOM   858  N N   . GLY A 1 113 ? -1.803  -5.639  -7.195  1.00 18.54 ? 296 GLY A N   1 
ATOM   859  C CA  . GLY A 1 113 ? -1.130  -4.581  -7.912  1.00 18.63 ? 296 GLY A CA  1 
ATOM   860  C C   . GLY A 1 113 ? 0.284   -5.010  -8.251  1.00 20.71 ? 296 GLY A C   1 
ATOM   861  O O   . GLY A 1 113 ? 0.627   -6.193  -8.159  1.00 17.39 ? 296 GLY A O   1 
ATOM   862  N N   . GLN A 1 114 ? 1.108   -4.044  -8.644  1.00 21.01 ? 297 GLN A N   1 
ATOM   863  C CA  . GLN A 1 114 ? 2.498   -4.305  -9.003  1.00 21.68 ? 297 GLN A CA  1 
ATOM   864  C C   . GLN A 1 114 ? 3.357   -3.191  -8.419  1.00 19.20 ? 297 GLN A C   1 
ATOM   865  O O   . GLN A 1 114 ? 3.034   -2.020  -8.576  1.00 20.75 ? 297 GLN A O   1 
ATOM   866  C CB  . GLN A 1 114 ? 2.637   -4.310  -10.521 1.00 24.88 ? 297 GLN A CB  1 
ATOM   867  C CG  . GLN A 1 114 ? 3.977   -4.781  -11.033 1.00 32.37 ? 297 GLN A CG  1 
ATOM   868  C CD  . GLN A 1 114 ? 4.124   -4.522  -12.517 1.00 38.33 ? 297 GLN A CD  1 
ATOM   869  O OE1 . GLN A 1 114 ? 3.212   -4.808  -13.303 1.00 41.00 ? 297 GLN A OE1 1 
ATOM   870  N NE2 . GLN A 1 114 ? 5.274   -3.976  -12.915 1.00 38.61 ? 297 GLN A NE2 1 
ATOM   871  N N   . VAL A 1 115 ? 4.446   -3.544  -7.745  1.00 17.17 ? 298 VAL A N   1 
ATOM   872  C CA  . VAL A 1 115 ? 5.310   -2.528  -7.164  1.00 16.35 ? 298 VAL A CA  1 
ATOM   873  C C   . VAL A 1 115 ? 6.059   -1.768  -8.258  1.00 17.68 ? 298 VAL A C   1 
ATOM   874  O O   . VAL A 1 115 ? 6.671   -2.373  -9.148  1.00 15.46 ? 298 VAL A O   1 
ATOM   875  C CB  . VAL A 1 115 ? 6.332   -3.147  -6.163  1.00 16.32 ? 298 VAL A CB  1 
ATOM   876  C CG1 . VAL A 1 115 ? 7.266   -2.066  -5.637  1.00 16.95 ? 298 VAL A CG1 1 
ATOM   877  C CG2 . VAL A 1 115 ? 5.588   -3.795  -4.986  1.00 16.88 ? 298 VAL A CG2 1 
ATOM   878  N N   . VAL A 1 116 ? 5.989   -0.439  -8.200  1.00 16.82 ? 299 VAL A N   1 
ATOM   879  C CA  . VAL A 1 116 ? 6.684   0.393   -9.176  1.00 16.66 ? 299 VAL A CA  1 
ATOM   880  C C   . VAL A 1 116 ? 8.094   0.599   -8.623  1.00 18.82 ? 299 VAL A C   1 
ATOM   881  O O   . VAL A 1 116 ? 8.289   1.282   -7.619  1.00 17.57 ? 299 VAL A O   1 
ATOM   882  C CB  . VAL A 1 116 ? 5.968   1.762   -9.380  1.00 17.86 ? 299 VAL A CB  1 
ATOM   883  C CG1 . VAL A 1 116 ? 6.752   2.625   -10.373 1.00 16.28 ? 299 VAL A CG1 1 
ATOM   884  C CG2 . VAL A 1 116 ? 4.546   1.536   -9.911  1.00 14.11 ? 299 VAL A CG2 1 
ATOM   885  N N   . ASN A 1 117 ? 9.075   -0.010  -9.281  1.00 19.00 ? 300 ASN A N   1 
ATOM   886  C CA  . ASN A 1 117 ? 10.457  0.071   -8.826  1.00 21.09 ? 300 ASN A CA  1 
ATOM   887  C C   . ASN A 1 117 ? 11.410  0.679   -9.850  1.00 21.18 ? 300 ASN A C   1 
ATOM   888  O O   . ASN A 1 117 ? 11.880  -0.008  -10.768 1.00 18.38 ? 300 ASN A O   1 
ATOM   889  C CB  . ASN A 1 117 ? 10.938  -1.331  -8.422  1.00 22.49 ? 300 ASN A CB  1 
ATOM   890  C CG  . ASN A 1 117 ? 12.344  -1.325  -7.850  1.00 24.88 ? 300 ASN A CG  1 
ATOM   891  O OD1 . ASN A 1 117 ? 12.929  -0.270  -7.613  1.00 28.32 ? 300 ASN A OD1 1 
ATOM   892  N ND2 . ASN A 1 117 ? 12.890  -2.511  -7.623  1.00 27.70 ? 300 ASN A ND2 1 
ATOM   893  N N   . PRO A 1 118 ? 11.703  1.986   -9.708  1.00 21.19 ? 301 PRO A N   1 
ATOM   894  C CA  . PRO A 1 118 ? 12.611  2.689   -10.622 1.00 22.47 ? 301 PRO A CA  1 
ATOM   895  C C   . PRO A 1 118 ? 14.004  2.040   -10.638 1.00 24.25 ? 301 PRO A C   1 
ATOM   896  O O   . PRO A 1 118 ? 14.690  2.065   -11.657 1.00 23.27 ? 301 PRO A O   1 
ATOM   897  C CB  . PRO A 1 118 ? 12.646  4.112   -10.053 1.00 21.65 ? 301 PRO A CB  1 
ATOM   898  C CG  . PRO A 1 118 ? 11.296  4.253   -9.396  1.00 22.99 ? 301 PRO A CG  1 
ATOM   899  C CD  . PRO A 1 118 ? 11.135  2.915   -8.713  1.00 21.21 ? 301 PRO A CD  1 
ATOM   900  N N   . ASP A 1 119 ? 14.414  1.472   -9.505  1.00 23.40 ? 302 ASP A N   1 
ATOM   901  C CA  . ASP A 1 119 ? 15.716  0.806   -9.397  1.00 28.40 ? 302 ASP A CA  1 
ATOM   902  C C   . ASP A 1 119 ? 15.791  -0.422  -10.296 1.00 27.18 ? 302 ASP A C   1 
ATOM   903  O O   . ASP A 1 119 ? 16.876  -0.839  -10.695 1.00 27.01 ? 302 ASP A O   1 
ATOM   904  C CB  . ASP A 1 119 ? 15.993  0.365   -7.954  1.00 32.75 ? 302 ASP A CB  1 
ATOM   905  C CG  . ASP A 1 119 ? 16.712  1.421   -7.145  1.00 39.49 ? 302 ASP A CG  1 
ATOM   906  O OD1 . ASP A 1 119 ? 16.933  1.189   -5.935  1.00 44.29 ? 302 ASP A OD1 1 
ATOM   907  O OD2 . ASP A 1 119 ? 17.060  2.481   -7.715  1.00 43.38 ? 302 ASP A OD2 1 
ATOM   908  N N   . ALA A 1 120 ? 14.634  -1.010  -10.583 1.00 25.25 ? 303 ALA A N   1 
ATOM   909  C CA  . ALA A 1 120 ? 14.558  -2.186  -11.435 1.00 23.98 ? 303 ALA A CA  1 
ATOM   910  C C   . ALA A 1 120 ? 14.466  -1.728  -12.881 1.00 23.49 ? 303 ALA A C   1 
ATOM   911  O O   . ALA A 1 120 ? 14.578  -2.534  -13.802 1.00 26.06 ? 303 ALA A O   1 
ATOM   912  C CB  . ALA A 1 120 ? 13.342  -3.024  -11.076 1.00 23.70 ? 303 ALA A CB  1 
ATOM   913  N N   . GLY A 1 121 ? 14.265  -0.427  -13.075 1.00 22.45 ? 304 GLY A N   1 
ATOM   914  C CA  . GLY A 1 121 ? 14.185  0.113   -14.422 1.00 19.93 ? 304 GLY A CA  1 
ATOM   915  C C   . GLY A 1 121 ? 12.818  0.627   -14.843 1.00 19.30 ? 304 GLY A C   1 
ATOM   916  O O   . GLY A 1 121 ? 12.675  1.140   -15.946 1.00 17.65 ? 304 GLY A O   1 
ATOM   917  N N   . MET A 1 122 ? 11.817  0.493   -13.975 1.00 18.65 ? 305 MET A N   1 
ATOM   918  C CA  . MET A 1 122 ? 10.468  0.969   -14.287 1.00 20.18 ? 305 MET A CA  1 
ATOM   919  C C   . MET A 1 122 ? 10.439  2.492   -14.246 1.00 19.91 ? 305 MET A C   1 
ATOM   920  O O   . MET A 1 122 ? 11.272  3.109   -13.591 1.00 18.58 ? 305 MET A O   1 
ATOM   921  C CB  . MET A 1 122 ? 9.457   0.421   -13.269 1.00 21.82 ? 305 MET A CB  1 
ATOM   922  C CG  . MET A 1 122 ? 9.371   -1.099  -13.228 1.00 21.17 ? 305 MET A CG  1 
ATOM   923  S SD  . MET A 1 122 ? 8.201   -1.681  -11.978 1.00 22.57 ? 305 MET A SD  1 
ATOM   924  C CE  . MET A 1 122 ? 6.632   -1.225  -12.735 1.00 19.79 ? 305 MET A CE  1 
ATOM   925  N N   . VAL A 1 123 ? 9.491   3.098   -14.953 1.00 18.65 ? 306 VAL A N   1 
ATOM   926  C CA  . VAL A 1 123 ? 9.370   4.553   -14.958 1.00 22.31 ? 306 VAL A CA  1 
ATOM   927  C C   . VAL A 1 123 ? 7.915   4.958   -14.705 1.00 21.71 ? 306 VAL A C   1 
ATOM   928  O O   . VAL A 1 123 ? 7.022   4.670   -15.497 1.00 20.24 ? 306 VAL A O   1 
ATOM   929  C CB  . VAL A 1 123 ? 9.951   5.175   -16.285 1.00 24.77 ? 306 VAL A CB  1 
ATOM   930  C CG1 . VAL A 1 123 ? 10.127  4.105   -17.329 1.00 26.40 ? 306 VAL A CG1 1 
ATOM   931  C CG2 . VAL A 1 123 ? 9.066   6.307   -16.802 1.00 26.36 ? 306 VAL A CG2 1 
ATOM   932  N N   . LEU A 1 124 ? 7.704   5.601   -13.559 1.00 20.83 ? 307 LEU A N   1 
ATOM   933  C CA  . LEU A 1 124 ? 6.385   6.036   -13.113 1.00 22.53 ? 307 LEU A CA  1 
ATOM   934  C C   . LEU A 1 124 ? 5.589   6.753   -14.203 1.00 23.15 ? 307 LEU A C   1 
ATOM   935  O O   . LEU A 1 124 ? 4.421   6.444   -14.440 1.00 23.98 ? 307 LEU A O   1 
ATOM   936  C CB  . LEU A 1 124 ? 6.527   6.947   -11.885 1.00 21.75 ? 307 LEU A CB  1 
ATOM   937  C CG  . LEU A 1 124 ? 5.225   7.376   -11.193 1.00 21.86 ? 307 LEU A CG  1 
ATOM   938  C CD1 . LEU A 1 124 ? 4.398   6.150   -10.832 1.00 20.15 ? 307 LEU A CD1 1 
ATOM   939  C CD2 . LEU A 1 124 ? 5.553   8.189   -9.951  1.00 21.78 ? 307 LEU A CD2 1 
ATOM   940  N N   . ARG A 1 125 ? 6.237   7.710   -14.855 1.00 22.97 ? 308 ARG A N   1 
ATOM   941  C CA  . ARG A 1 125 ? 5.624   8.487   -15.918 1.00 25.25 ? 308 ARG A CA  1 
ATOM   942  C C   . ARG A 1 125 ? 4.912   7.640   -16.968 1.00 25.92 ? 308 ARG A C   1 
ATOM   943  O O   . ARG A 1 125 ? 3.931   8.084   -17.551 1.00 24.89 ? 308 ARG A O   1 
ATOM   944  C CB  . ARG A 1 125 ? 6.693   9.357   -16.587 1.00 27.36 ? 308 ARG A CB  1 
ATOM   945  C CG  . ARG A 1 125 ? 6.267   10.048  -17.870 1.00 31.68 ? 308 ARG A CG  1 
ATOM   946  C CD  . ARG A 1 125 ? 7.378   10.969  -18.379 1.00 34.85 ? 308 ARG A CD  1 
ATOM   947  N NE  . ARG A 1 125 ? 7.528   12.143  -17.524 1.00 38.95 ? 308 ARG A NE  1 
ATOM   948  C CZ  . ARG A 1 125 ? 8.595   12.416  -16.777 1.00 39.37 ? 308 ARG A CZ  1 
ATOM   949  N NH1 . ARG A 1 125 ? 9.639   11.603  -16.769 1.00 37.22 ? 308 ARG A NH1 1 
ATOM   950  N NH2 . ARG A 1 125 ? 8.604   13.502  -16.018 1.00 39.81 ? 308 ARG A NH2 1 
ATOM   951  N N   . GLU A 1 126 ? 5.389   6.420   -17.209 1.00 26.33 ? 309 GLU A N   1 
ATOM   952  C CA  . GLU A 1 126 ? 4.752   5.590   -18.221 1.00 28.36 ? 309 GLU A CA  1 
ATOM   953  C C   . GLU A 1 126 ? 3.861   4.446   -17.740 1.00 27.76 ? 309 GLU A C   1 
ATOM   954  O O   . GLU A 1 126 ? 3.350   3.687   -18.558 1.00 27.77 ? 309 GLU A O   1 
ATOM   955  C CB  . GLU A 1 126 ? 5.802   5.042   -19.202 1.00 30.95 ? 309 GLU A CB  1 
ATOM   956  C CG  . GLU A 1 126 ? 6.844   4.124   -18.606 1.00 35.59 ? 309 GLU A CG  1 
ATOM   957  C CD  . GLU A 1 126 ? 7.770   3.527   -19.665 1.00 37.05 ? 309 GLU A CD  1 
ATOM   958  O OE1 . GLU A 1 126 ? 8.392   4.303   -20.433 1.00 34.42 ? 309 GLU A OE1 1 
ATOM   959  O OE2 . GLU A 1 126 ? 7.873   2.281   -19.725 1.00 35.99 ? 309 GLU A OE2 1 
ATOM   960  N N   . VAL A 1 127 ? 3.648   4.316   -16.435 1.00 26.89 ? 310 VAL A N   1 
ATOM   961  C CA  . VAL A 1 127 ? 2.785   3.234   -15.961 1.00 26.68 ? 310 VAL A CA  1 
ATOM   962  C C   . VAL A 1 127 ? 1.315   3.634   -16.008 1.00 26.50 ? 310 VAL A C   1 
ATOM   963  O O   . VAL A 1 127 ? 0.969   4.809   -15.871 1.00 27.02 ? 310 VAL A O   1 
ATOM   964  C CB  . VAL A 1 127 ? 3.134   2.796   -14.515 1.00 24.87 ? 310 VAL A CB  1 
ATOM   965  C CG1 . VAL A 1 127 ? 4.577   2.334   -14.451 1.00 26.15 ? 310 VAL A CG1 1 
ATOM   966  C CG2 . VAL A 1 127 ? 2.881   3.930   -13.544 1.00 23.65 ? 310 VAL A CG2 1 
ATOM   967  N N   . GLY A 1 128 ? 0.451   2.647   -16.211 1.00 26.76 ? 311 GLY A N   1 
ATOM   968  C CA  . GLY A 1 128 ? -0.972  2.913   -16.258 1.00 26.97 ? 311 GLY A CA  1 
ATOM   969  C C   . GLY A 1 128 ? -1.684  2.310   -15.062 1.00 28.17 ? 311 GLY A C   1 
ATOM   970  O O   . GLY A 1 128 ? -1.050  1.903   -14.078 1.00 27.15 ? 311 GLY A O   1 
ATOM   971  N N   . LEU A 1 129 ? -3.008  2.240   -15.153 1.00 28.10 ? 312 LEU A N   1 
ATOM   972  C CA  . LEU A 1 129 ? -3.837  1.691   -14.087 1.00 27.76 ? 312 LEU A CA  1 
ATOM   973  C C   . LEU A 1 129 ? -3.519  0.230   -13.750 1.00 26.91 ? 312 LEU A C   1 
ATOM   974  O O   . LEU A 1 129 ? -3.828  -0.240  -12.659 1.00 26.08 ? 312 LEU A O   1 
ATOM   975  C CB  . LEU A 1 129 ? -5.319  1.822   -14.477 1.00 28.25 ? 312 LEU A CB  1 
ATOM   976  C CG  . LEU A 1 129 ? -5.894  3.244   -14.536 1.00 29.02 ? 312 LEU A CG  1 
ATOM   977  C CD1 . LEU A 1 129 ? -7.265  3.230   -15.185 1.00 28.63 ? 312 LEU A CD1 1 
ATOM   978  C CD2 . LEU A 1 129 ? -5.992  3.812   -13.133 1.00 30.69 ? 312 LEU A CD2 1 
ATOM   979  N N   . GLU A 1 130 ? -2.890  -0.475  -14.683 1.00 26.32 ? 313 GLU A N   1 
ATOM   980  C CA  . GLU A 1 130 ? -2.558  -1.886  -14.497 1.00 27.43 ? 313 GLU A CA  1 
ATOM   981  C C   . GLU A 1 130 ? -1.661  -2.185  -13.292 1.00 26.16 ? 313 GLU A C   1 
ATOM   982  O O   . GLU A 1 130 ? -1.748  -3.257  -12.680 1.00 25.18 ? 313 GLU A O   1 
ATOM   983  C CB  . GLU A 1 130 ? -1.896  -2.442  -15.769 1.00 29.38 ? 313 GLU A CB  1 
ATOM   984  C CG  . GLU A 1 130 ? -0.464  -1.952  -16.053 1.00 33.56 ? 313 GLU A CG  1 
ATOM   985  C CD  . GLU A 1 130 ? -0.393  -0.519  -16.582 1.00 39.75 ? 313 GLU A CD  1 
ATOM   986  O OE1 . GLU A 1 130 ? -1.438  0.020   -17.014 1.00 41.45 ? 313 GLU A OE1 1 
ATOM   987  O OE2 . GLU A 1 130 ? 0.718   0.066   -16.583 1.00 39.54 ? 313 GLU A OE2 1 
ATOM   988  N N   . VAL A 1 131 ? -0.810  -1.228  -12.953 1.00 22.96 ? 314 VAL A N   1 
ATOM   989  C CA  . VAL A 1 131 ? 0.134   -1.377  -11.853 1.00 21.40 ? 314 VAL A CA  1 
ATOM   990  C C   . VAL A 1 131 ? -0.535  -1.187  -10.489 1.00 19.74 ? 314 VAL A C   1 
ATOM   991  O O   . VAL A 1 131 ? 0.056   -1.504  -9.451  1.00 16.42 ? 314 VAL A O   1 
ATOM   992  C CB  . VAL A 1 131 ? 1.298   -0.348  -12.019 1.00 22.88 ? 314 VAL A CB  1 
ATOM   993  C CG1 . VAL A 1 131 ? 0.957   0.969   -11.327 1.00 19.26 ? 314 VAL A CG1 1 
ATOM   994  C CG2 . VAL A 1 131 ? 2.579   -0.923  -11.517 1.00 26.44 ? 314 VAL A CG2 1 
ATOM   995  N N   . LEU A 1 132 ? -1.774  -0.696  -10.504 1.00 16.99 ? 315 LEU A N   1 
ATOM   996  C CA  . LEU A 1 132 ? -2.511  -0.423  -9.273  1.00 16.07 ? 315 LEU A CA  1 
ATOM   997  C C   . LEU A 1 132 ? -3.266  -1.593  -8.650  1.00 17.50 ? 315 LEU A C   1 
ATOM   998  O O   . LEU A 1 132 ? -3.897  -2.400  -9.344  1.00 14.75 ? 315 LEU A O   1 
ATOM   999  C CB  . LEU A 1 132 ? -3.502  0.727   -9.500  1.00 15.56 ? 315 LEU A CB  1 
ATOM   1000 C CG  . LEU A 1 132 ? -2.925  2.085   -9.915  1.00 17.33 ? 315 LEU A CG  1 
ATOM   1001 C CD1 . LEU A 1 132 ? -4.050  3.026   -10.289 1.00 15.69 ? 315 LEU A CD1 1 
ATOM   1002 C CD2 . LEU A 1 132 ? -2.099  2.666   -8.776  1.00 16.68 ? 315 LEU A CD2 1 
ATOM   1003 N N   . GLY A 1 133 ? -3.191  -1.672  -7.326  1.00 15.33 ? 316 GLY A N   1 
ATOM   1004 C CA  . GLY A 1 133 ? -3.908  -2.699  -6.615  1.00 17.19 ? 316 GLY A CA  1 
ATOM   1005 C C   . GLY A 1 133 ? -5.252  -2.098  -6.246  1.00 18.81 ? 316 GLY A C   1 
ATOM   1006 O O   . GLY A 1 133 ? -5.511  -0.928  -6.539  1.00 17.14 ? 316 GLY A O   1 
ATOM   1007 N N   . SER A 1 134 ? -6.109  -2.889  -5.611  1.00 19.24 ? 317 SER A N   1 
ATOM   1008 C CA  . SER A 1 134 ? -7.424  -2.415  -5.202  1.00 21.36 ? 317 SER A CA  1 
ATOM   1009 C C   . SER A 1 134 ? -7.785  -3.015  -3.848  1.00 21.79 ? 317 SER A C   1 
ATOM   1010 O O   . SER A 1 134 ? -7.262  -4.065  -3.466  1.00 20.26 ? 317 SER A O   1 
ATOM   1011 C CB  . SER A 1 134 ? -8.481  -2.822  -6.229  1.00 21.39 ? 317 SER A CB  1 
ATOM   1012 O OG  . SER A 1 134 ? -8.636  -4.233  -6.247  1.00 25.06 ? 317 SER A OG  1 
ATOM   1013 N N   . ALA A 1 135 ? -8.673  -2.339  -3.127  1.00 22.43 ? 318 ALA A N   1 
ATOM   1014 C CA  . ALA A 1 135 ? -9.120  -2.809  -1.818  1.00 23.36 ? 318 ALA A CA  1 
ATOM   1015 C C   . ALA A 1 135 ? -10.533 -2.296  -1.575  1.00 25.86 ? 318 ALA A C   1 
ATOM   1016 O O   . ALA A 1 135 ? -10.879 -1.189  -1.987  1.00 26.25 ? 318 ALA A O   1 
ATOM   1017 C CB  . ALA A 1 135 ? -8.190  -2.307  -0.739  1.00 22.54 ? 318 ALA A CB  1 
ATOM   1018 N N   . ARG A 1 136 ? -11.354 -3.101  -0.916  1.00 26.22 ? 319 ARG A N   1 
ATOM   1019 C CA  . ARG A 1 136 ? -12.724 -2.687  -0.649  1.00 28.40 ? 319 ARG A CA  1 
ATOM   1020 C C   . ARG A 1 136 ? -12.739 -1.504  0.311   1.00 27.01 ? 319 ARG A C   1 
ATOM   1021 O O   . ARG A 1 136 ? -13.562 -0.596  0.183   1.00 25.29 ? 319 ARG A O   1 
ATOM   1022 C CB  . ARG A 1 136 ? -13.529 -3.847  -0.059  1.00 30.73 ? 319 ARG A CB  1 
ATOM   1023 C CG  . ARG A 1 136 ? -15.005 -3.531  0.114   1.00 36.53 ? 319 ARG A CG  1 
ATOM   1024 C CD  . ARG A 1 136 ? -15.783 -4.725  0.643   1.00 43.18 ? 319 ARG A CD  1 
ATOM   1025 N NE  . ARG A 1 136 ? -15.376 -5.103  1.992   1.00 48.51 ? 319 ARG A NE  1 
ATOM   1026 C CZ  . ARG A 1 136 ? -15.569 -4.357  3.080   1.00 52.41 ? 319 ARG A CZ  1 
ATOM   1027 N NH1 . ARG A 1 136 ? -16.169 -3.173  2.990   1.00 54.56 ? 319 ARG A NH1 1 
ATOM   1028 N NH2 . ARG A 1 136 ? -15.165 -4.800  4.267   1.00 52.81 ? 319 ARG A NH2 1 
ATOM   1029 N N   . ARG A 1 137 ? -11.809 -1.499  1.259   1.00 27.17 ? 320 ARG A N   1 
ATOM   1030 C CA  . ARG A 1 137 ? -11.753 -0.427  2.237   1.00 28.51 ? 320 ARG A CA  1 
ATOM   1031 C C   . ARG A 1 137 ? -10.337 -0.152  2.739   1.00 27.57 ? 320 ARG A C   1 
ATOM   1032 O O   . ARG A 1 137 ? -9.540  -1.069  2.910   1.00 26.99 ? 320 ARG A O   1 
ATOM   1033 C CB  . ARG A 1 137 ? -12.669 -0.785  3.415   1.00 31.48 ? 320 ARG A CB  1 
ATOM   1034 C CG  . ARG A 1 137 ? -12.699 0.203   4.562   1.00 36.21 ? 320 ARG A CG  1 
ATOM   1035 C CD  . ARG A 1 137 ? -13.315 -0.472  5.793   1.00 40.85 ? 320 ARG A CD  1 
ATOM   1036 N NE  . ARG A 1 137 ? -13.418 0.409   6.955   1.00 44.46 ? 320 ARG A NE  1 
ATOM   1037 C CZ  . ARG A 1 137 ? -14.265 1.429   7.046   1.00 45.82 ? 320 ARG A CZ  1 
ATOM   1038 N NH1 . ARG A 1 137 ? -15.086 1.701   6.038   1.00 45.96 ? 320 ARG A NH1 1 
ATOM   1039 N NH2 . ARG A 1 137 ? -14.302 2.169   8.148   1.00 45.19 ? 320 ARG A NH2 1 
ATOM   1040 N N   . VAL A 1 138 ? -10.037 1.126   2.962   1.00 25.76 ? 321 VAL A N   1 
ATOM   1041 C CA  . VAL A 1 138 ? -8.742  1.553   3.474   1.00 23.93 ? 321 VAL A CA  1 
ATOM   1042 C C   . VAL A 1 138 ? -8.979  2.558   4.604   1.00 24.57 ? 321 VAL A C   1 
ATOM   1043 O O   . VAL A 1 138 ? -9.780  3.482   4.472   1.00 23.88 ? 321 VAL A O   1 
ATOM   1044 C CB  . VAL A 1 138 ? -7.878  2.238   2.380   1.00 24.91 ? 321 VAL A CB  1 
ATOM   1045 C CG1 . VAL A 1 138 ? -6.538  2.639   2.959   1.00 22.94 ? 321 VAL A CG1 1 
ATOM   1046 C CG2 . VAL A 1 138 ? -7.671  1.304   1.205   1.00 21.98 ? 321 VAL A CG2 1 
ATOM   1047 N N   . VAL A 1 139 ? -8.294  2.357   5.723   1.00 24.39 ? 322 VAL A N   1 
ATOM   1048 C CA  . VAL A 1 139 ? -8.419  3.254   6.866   1.00 24.52 ? 322 VAL A CA  1 
ATOM   1049 C C   . VAL A 1 139 ? -7.030  3.631   7.349   1.00 24.60 ? 322 VAL A C   1 
ATOM   1050 O O   . VAL A 1 139 ? -6.284  2.795   7.853   1.00 24.11 ? 322 VAL A O   1 
ATOM   1051 C CB  . VAL A 1 139 ? -9.197  2.593   8.035   1.00 24.72 ? 322 VAL A CB  1 
ATOM   1052 C CG1 . VAL A 1 139 ? -9.155  3.486   9.261   1.00 25.22 ? 322 VAL A CG1 1 
ATOM   1053 C CG2 . VAL A 1 139 ? -10.634 2.351   7.630   1.00 22.88 ? 322 VAL A CG2 1 
ATOM   1054 N N   . VAL A 1 140 ? -6.675  4.893   7.172   1.00 25.69 ? 323 VAL A N   1 
ATOM   1055 C CA  . VAL A 1 140 ? -5.374  5.368   7.602   1.00 26.98 ? 323 VAL A CA  1 
ATOM   1056 C C   . VAL A 1 140 ? -5.555  6.246   8.823   1.00 30.29 ? 323 VAL A C   1 
ATOM   1057 O O   . VAL A 1 140 ? -6.316  7.216   8.788   1.00 28.71 ? 323 VAL A O   1 
ATOM   1058 C CB  . VAL A 1 140 ? -4.684  6.201   6.517   1.00 26.61 ? 323 VAL A CB  1 
ATOM   1059 C CG1 . VAL A 1 140 ? -3.316  6.647   7.012   1.00 23.48 ? 323 VAL A CG1 1 
ATOM   1060 C CG2 . VAL A 1 140 ? -4.570  5.394   5.228   1.00 24.75 ? 323 VAL A CG2 1 
ATOM   1061 N N   . SER A 1 141 ? -4.860  5.891   9.902   1.00 30.19 ? 324 SER A N   1 
ATOM   1062 C CA  . SER A 1 141 ? -4.926  6.651   11.136  1.00 32.39 ? 324 SER A CA  1 
ATOM   1063 C C   . SER A 1 141 ? -3.670  7.489   11.249  1.00 32.86 ? 324 SER A C   1 
ATOM   1064 O O   . SER A 1 141 ? -2.858  7.531   10.324  1.00 31.88 ? 324 SER A O   1 
ATOM   1065 C CB  . SER A 1 141 ? -5.018  5.714   12.340  1.00 31.81 ? 324 SER A CB  1 
ATOM   1066 O OG  . SER A 1 141 ? -6.224  4.972   12.300  1.00 37.04 ? 324 SER A OG  1 
ATOM   1067 N N   . LYS A 1 142 ? -3.504  8.137   12.394  1.00 32.98 ? 325 LYS A N   1 
ATOM   1068 C CA  . LYS A 1 142 ? -2.343  8.973   12.624  1.00 35.48 ? 325 LYS A CA  1 
ATOM   1069 C C   . LYS A 1 142 ? -1.057  8.156   12.610  1.00 34.82 ? 325 LYS A C   1 
ATOM   1070 O O   . LYS A 1 142 ? -0.042  8.597   12.078  1.00 34.52 ? 325 LYS A O   1 
ATOM   1071 C CB  . LYS A 1 142 ? -2.485  9.700   13.961  1.00 38.85 ? 325 LYS A CB  1 
ATOM   1072 C CG  . LYS A 1 142 ? -1.361  10.683  14.266  1.00 42.49 ? 325 LYS A CG  1 
ATOM   1073 C CD  . LYS A 1 142 ? -1.687  11.503  15.508  1.00 45.74 ? 325 LYS A CD  1 
ATOM   1074 C CE  . LYS A 1 142 ? -0.675  12.620  15.726  1.00 47.40 ? 325 LYS A CE  1 
ATOM   1075 N NZ  . LYS A 1 142 ? -1.105  13.543  16.819  1.00 48.01 ? 325 LYS A NZ  1 
ATOM   1076 N N   . ASP A 1 143 ? -1.090  6.961   13.186  1.00 36.47 ? 326 ASP A N   1 
ATOM   1077 C CA  . ASP A 1 143 ? 0.119   6.142   13.217  1.00 39.17 ? 326 ASP A CA  1 
ATOM   1078 C C   . ASP A 1 143 ? -0.015  4.691   12.750  1.00 37.90 ? 326 ASP A C   1 
ATOM   1079 O O   . ASP A 1 143 ? 0.829   3.856   13.071  1.00 38.33 ? 326 ASP A O   1 
ATOM   1080 C CB  . ASP A 1 143 ? 0.744   6.186   14.621  1.00 42.02 ? 326 ASP A CB  1 
ATOM   1081 C CG  . ASP A 1 143 ? -0.259  5.901   15.716  1.00 46.86 ? 326 ASP A CG  1 
ATOM   1082 O OD1 . ASP A 1 143 ? -0.843  4.795   15.712  1.00 49.49 ? 326 ASP A OD1 1 
ATOM   1083 O OD2 . ASP A 1 143 ? -0.463  6.785   16.580  1.00 48.38 ? 326 ASP A OD2 1 
ATOM   1084 N N   . ASP A 1 144 ? -1.056  4.390   11.984  1.00 36.59 ? 327 ASP A N   1 
ATOM   1085 C CA  . ASP A 1 144 ? -1.233  3.033   11.472  1.00 36.08 ? 327 ASP A CA  1 
ATOM   1086 C C   . ASP A 1 144 ? -2.158  3.012   10.256  1.00 33.83 ? 327 ASP A C   1 
ATOM   1087 O O   . ASP A 1 144 ? -2.997  3.898   10.084  1.00 33.44 ? 327 ASP A O   1 
ATOM   1088 C CB  . ASP A 1 144 ? -1.790  2.122   12.567  1.00 37.96 ? 327 ASP A CB  1 
ATOM   1089 C CG  . ASP A 1 144 ? -3.267  2.345   12.813  1.00 41.94 ? 327 ASP A CG  1 
ATOM   1090 O OD1 . ASP A 1 144 ? -4.090  1.734   12.097  1.00 44.60 ? 327 ASP A OD1 1 
ATOM   1091 O OD2 . ASP A 1 144 ? -3.609  3.140   13.717  1.00 47.03 ? 327 ASP A OD2 1 
ATOM   1092 N N   . THR A 1 145 ? -1.989  1.994   9.417   1.00 30.14 ? 328 THR A N   1 
ATOM   1093 C CA  . THR A 1 145 ? -2.788  1.825   8.212   1.00 26.77 ? 328 THR A CA  1 
ATOM   1094 C C   . THR A 1 145 ? -3.326  0.404   8.143   1.00 26.70 ? 328 THR A C   1 
ATOM   1095 O O   . THR A 1 145 ? -2.620  -0.555  8.462   1.00 28.62 ? 328 THR A O   1 
ATOM   1096 C CB  . THR A 1 145 ? -1.955  2.080   6.925   1.00 24.54 ? 328 THR A CB  1 
ATOM   1097 O OG1 . THR A 1 145 ? -1.557  3.453   6.864   1.00 21.25 ? 328 THR A OG1 1 
ATOM   1098 C CG2 . THR A 1 145 ? -2.776  1.748   5.682   1.00 23.95 ? 328 THR A CG2 1 
ATOM   1099 N N   . VAL A 1 146 ? -4.580  0.277   7.732   1.00 24.64 ? 329 VAL A N   1 
ATOM   1100 C CA  . VAL A 1 146 ? -5.218  -1.022  7.589   1.00 25.39 ? 329 VAL A CA  1 
ATOM   1101 C C   . VAL A 1 146 ? -5.889  -1.061  6.227   1.00 25.91 ? 329 VAL A C   1 
ATOM   1102 O O   . VAL A 1 146 ? -6.548  -0.102  5.816   1.00 24.65 ? 329 VAL A O   1 
ATOM   1103 C CB  . VAL A 1 146 ? -6.297  -1.267  8.680   1.00 27.50 ? 329 VAL A CB  1 
ATOM   1104 C CG1 . VAL A 1 146 ? -7.030  -2.577  8.405   1.00 26.79 ? 329 VAL A CG1 1 
ATOM   1105 C CG2 . VAL A 1 146 ? -5.647  -1.317  10.057  1.00 28.36 ? 329 VAL A CG2 1 
ATOM   1106 N N   . ILE A 1 147 ? -5.697  -2.170  5.522   1.00 24.25 ? 330 ILE A N   1 
ATOM   1107 C CA  . ILE A 1 147 ? -6.283  -2.359  4.207   1.00 23.74 ? 330 ILE A CA  1 
ATOM   1108 C C   . ILE A 1 147 ? -7.148  -3.613  4.276   1.00 23.58 ? 330 ILE A C   1 
ATOM   1109 O O   . ILE A 1 147 ? -6.676  -4.676  4.681   1.00 19.64 ? 330 ILE A O   1 
ATOM   1110 C CB  . ILE A 1 147 ? -5.188  -2.525  3.138   1.00 22.69 ? 330 ILE A CB  1 
ATOM   1111 C CG1 . ILE A 1 147 ? -4.334  -1.254  3.078   1.00 24.25 ? 330 ILE A CG1 1 
ATOM   1112 C CG2 . ILE A 1 147 ? -5.820  -2.822  1.792   1.00 23.74 ? 330 ILE A CG2 1 
ATOM   1113 C CD1 . ILE A 1 147 ? -3.051  -1.405  2.272   1.00 25.78 ? 330 ILE A CD1 1 
ATOM   1114 N N   . VAL A 1 148 ? -8.407  -3.472  3.874   1.00 23.58 ? 331 VAL A N   1 
ATOM   1115 C CA  . VAL A 1 148 ? -9.376  -4.562  3.923   1.00 25.58 ? 331 VAL A CA  1 
ATOM   1116 C C   . VAL A 1 148 ? -9.854  -5.057  2.561   1.00 26.62 ? 331 VAL A C   1 
ATOM   1117 O O   . VAL A 1 148 ? -10.254 -4.266  1.697   1.00 26.39 ? 331 VAL A O   1 
ATOM   1118 C CB  . VAL A 1 148 ? -10.617 -4.133  4.742   1.00 25.63 ? 331 VAL A CB  1 
ATOM   1119 C CG1 . VAL A 1 148 ? -11.637 -5.266  4.804   1.00 25.57 ? 331 VAL A CG1 1 
ATOM   1120 C CG2 . VAL A 1 148 ? -10.186 -3.707  6.133   1.00 25.26 ? 331 VAL A CG2 1 
ATOM   1121 N N   . ASP A 1 149 ? -9.820  -6.379  2.397   1.00 26.27 ? 332 ASP A N   1 
ATOM   1122 C CA  . ASP A 1 149 ? -10.247 -7.057  1.179   1.00 26.69 ? 332 ASP A CA  1 
ATOM   1123 C C   . ASP A 1 149 ? -9.552  -6.577  -0.106  1.00 25.36 ? 332 ASP A C   1 
ATOM   1124 O O   . ASP A 1 149 ? -10.157 -5.890  -0.930  1.00 23.63 ? 332 ASP A O   1 
ATOM   1125 C CB  . ASP A 1 149 ? -11.770 -6.943  1.016   1.00 30.64 ? 332 ASP A CB  1 
ATOM   1126 C CG  . ASP A 1 149 ? -12.541 -7.595  2.163   1.00 36.22 ? 332 ASP A CG  1 
ATOM   1127 O OD1 . ASP A 1 149 ? -12.165 -8.709  2.593   1.00 37.88 ? 332 ASP A OD1 1 
ATOM   1128 O OD2 . ASP A 1 149 ? -13.536 -6.998  2.629   1.00 39.88 ? 332 ASP A OD2 1 
ATOM   1129 N N   . GLY A 1 150 ? -8.286  -6.957  -0.270  1.00 24.39 ? 333 GLY A N   1 
ATOM   1130 C CA  . GLY A 1 150 ? -7.537  -6.572  -1.456  1.00 21.02 ? 333 GLY A CA  1 
ATOM   1131 C C   . GLY A 1 150 ? -7.946  -7.390  -2.670  1.00 18.59 ? 333 GLY A C   1 
ATOM   1132 O O   . GLY A 1 150 ? -8.505  -8.480  -2.534  1.00 18.81 ? 333 GLY A O   1 
ATOM   1133 N N   . GLY A 1 151 ? -7.653  -6.872  -3.858  1.00 17.75 ? 334 GLY A N   1 
ATOM   1134 C CA  . GLY A 1 151 ? -8.013  -7.561  -5.087  1.00 16.69 ? 334 GLY A CA  1 
ATOM   1135 C C   . GLY A 1 151 ? -7.029  -8.597  -5.610  1.00 16.52 ? 334 GLY A C   1 
ATOM   1136 O O   . GLY A 1 151 ? -7.071  -8.942  -6.794  1.00 15.61 ? 334 GLY A O   1 
ATOM   1137 N N   . GLY A 1 152 ? -6.163  -9.114  -4.742  1.00 13.74 ? 335 GLY A N   1 
ATOM   1138 C CA  . GLY A 1 152 ? -5.183  -10.105 -5.176  1.00 16.70 ? 335 GLY A CA  1 
ATOM   1139 C C   . GLY A 1 152 ? -5.761  -11.458 -5.555  1.00 17.31 ? 335 GLY A C   1 
ATOM   1140 O O   . GLY A 1 152 ? -6.885  -11.783 -5.169  1.00 19.79 ? 335 GLY A O   1 
ATOM   1141 N N   . THR A 1 153 ? -4.995  -12.247 -6.311  1.00 16.82 ? 336 THR A N   1 
ATOM   1142 C CA  . THR A 1 153 ? -5.435  -13.571 -6.753  1.00 17.42 ? 336 THR A CA  1 
ATOM   1143 C C   . THR A 1 153 ? -5.137  -14.655 -5.722  1.00 16.75 ? 336 THR A C   1 
ATOM   1144 O O   . THR A 1 153 ? -4.250  -14.512 -4.877  1.00 16.50 ? 336 THR A O   1 
ATOM   1145 C CB  . THR A 1 153 ? -4.759  -13.999 -8.088  1.00 19.05 ? 336 THR A CB  1 
ATOM   1146 O OG1 . THR A 1 153 ? -3.364  -14.252 -7.862  1.00 20.57 ? 336 THR A OG1 1 
ATOM   1147 C CG2 . THR A 1 153 ? -4.906  -12.902 -9.149  1.00 17.11 ? 336 THR A CG2 1 
ATOM   1148 N N   . ALA A 1 154 ? -5.876  -15.752 -5.808  1.00 16.97 ? 337 ALA A N   1 
ATOM   1149 C CA  . ALA A 1 154 ? -5.703  -16.861 -4.883  1.00 18.23 ? 337 ALA A CA  1 
ATOM   1150 C C   . ALA A 1 154 ? -4.308  -17.477 -5.009  1.00 17.25 ? 337 ALA A C   1 
ATOM   1151 O O   . ALA A 1 154 ? -3.654  -17.753 -4.005  1.00 18.02 ? 337 ALA A O   1 
ATOM   1152 C CB  . ALA A 1 154 ? -6.783  -17.924 -5.130  1.00 17.27 ? 337 ALA A CB  1 
ATOM   1153 N N   . GLU A 1 155 ? -3.841  -17.681 -6.234  1.00 15.86 ? 338 GLU A N   1 
ATOM   1154 C CA  . GLU A 1 155 ? -2.524  -18.282 -6.411  1.00 18.54 ? 338 GLU A CA  1 
ATOM   1155 C C   . GLU A 1 155 ? -1.361  -17.394 -5.988  1.00 16.49 ? 338 GLU A C   1 
ATOM   1156 O O   . GLU A 1 155 ? -0.368  -17.893 -5.467  1.00 16.17 ? 338 GLU A O   1 
ATOM   1157 C CB  . GLU A 1 155 ? -2.291  -18.746 -7.861  1.00 20.03 ? 338 GLU A CB  1 
ATOM   1158 C CG  . GLU A 1 155 ? -0.902  -19.380 -8.006  1.00 23.22 ? 338 GLU A CG  1 
ATOM   1159 C CD  . GLU A 1 155 ? -0.704  -20.191 -9.273  1.00 25.55 ? 338 GLU A CD  1 
ATOM   1160 O OE1 . GLU A 1 155 ? 0.364   -20.840 -9.388  1.00 26.79 ? 338 GLU A OE1 1 
ATOM   1161 O OE2 . GLU A 1 155 ? -1.596  -20.181 -10.145 1.00 30.49 ? 338 GLU A OE2 1 
ATOM   1162 N N   . ALA A 1 156 ? -1.465  -16.089 -6.220  1.00 14.61 ? 339 ALA A N   1 
ATOM   1163 C CA  . ALA A 1 156 ? -0.387  -15.186 -5.834  1.00 14.32 ? 339 ALA A CA  1 
ATOM   1164 C C   . ALA A 1 156 ? -0.262  -15.220 -4.316  1.00 15.45 ? 339 ALA A C   1 
ATOM   1165 O O   . ALA A 1 156 ? 0.837   -15.327 -3.772  1.00 14.14 ? 339 ALA A O   1 
ATOM   1166 C CB  . ALA A 1 156 ? -0.677  -13.771 -6.311  1.00 14.59 ? 339 ALA A CB  1 
ATOM   1167 N N   . VAL A 1 157 ? -1.398  -15.151 -3.634  1.00 15.17 ? 340 VAL A N   1 
ATOM   1168 C CA  . VAL A 1 157 ? -1.394  -15.182 -2.182  1.00 17.02 ? 340 VAL A CA  1 
ATOM   1169 C C   . VAL A 1 157 ? -0.884  -16.530 -1.668  1.00 18.06 ? 340 VAL A C   1 
ATOM   1170 O O   . VAL A 1 157 ? -0.011  -16.568 -0.801  1.00 18.29 ? 340 VAL A O   1 
ATOM   1171 C CB  . VAL A 1 157 ? -2.812  -14.909 -1.608  1.00 19.14 ? 340 VAL A CB  1 
ATOM   1172 C CG1 . VAL A 1 157 ? -2.808  -15.086 -0.093  1.00 20.33 ? 340 VAL A CG1 1 
ATOM   1173 C CG2 . VAL A 1 157 ? -3.246  -13.491 -1.961  1.00 18.07 ? 340 VAL A CG2 1 
ATOM   1174 N N   . ALA A 1 158 ? -1.412  -17.629 -2.209  1.00 18.71 ? 341 ALA A N   1 
ATOM   1175 C CA  . ALA A 1 158 ? -0.989  -18.966 -1.774  1.00 18.94 ? 341 ALA A CA  1 
ATOM   1176 C C   . ALA A 1 158 ? 0.510   -19.166 -1.989  1.00 18.76 ? 341 ALA A C   1 
ATOM   1177 O O   . ALA A 1 158 ? 1.201   -19.714 -1.128  1.00 19.88 ? 341 ALA A O   1 
ATOM   1178 C CB  . ALA A 1 158 ? -1.774  -20.051 -2.524  1.00 19.33 ? 341 ALA A CB  1 
ATOM   1179 N N   . ASN A 1 159 ? 1.006   -18.723 -3.138  1.00 17.63 ? 342 ASN A N   1 
ATOM   1180 C CA  . ASN A 1 159 ? 2.421   -18.845 -3.455  1.00 18.05 ? 342 ASN A CA  1 
ATOM   1181 C C   . ASN A 1 159 ? 3.283   -18.021 -2.498  1.00 18.32 ? 342 ASN A C   1 
ATOM   1182 O O   . ASN A 1 159 ? 4.318   -18.489 -2.023  1.00 18.66 ? 342 ASN A O   1 
ATOM   1183 C CB  . ASN A 1 159 ? 2.679   -18.394 -4.896  1.00 19.72 ? 342 ASN A CB  1 
ATOM   1184 C CG  . ASN A 1 159 ? 2.430   -19.502 -5.912  1.00 21.70 ? 342 ASN A CG  1 
ATOM   1185 O OD1 . ASN A 1 159 ? 1.804   -20.525 -5.609  1.00 18.49 ? 342 ASN A OD1 1 
ATOM   1186 N ND2 . ASN A 1 159 ? 2.911   -19.294 -7.132  1.00 20.19 ? 342 ASN A ND2 1 
ATOM   1187 N N   . ARG A 1 160 ? 2.856   -16.795 -2.219  1.00 17.31 ? 343 ARG A N   1 
ATOM   1188 C CA  . ARG A 1 160 ? 3.608   -15.929 -1.322  1.00 17.59 ? 343 ARG A CA  1 
ATOM   1189 C C   . ARG A 1 160 ? 3.654   -16.561 0.066   1.00 18.78 ? 343 ARG A C   1 
ATOM   1190 O O   . ARG A 1 160 ? 4.681   -16.517 0.737   1.00 17.19 ? 343 ARG A O   1 
ATOM   1191 C CB  . ARG A 1 160 ? 2.957   -14.544 -1.247  1.00 16.96 ? 343 ARG A CB  1 
ATOM   1192 C CG  . ARG A 1 160 ? 3.802   -13.493 -0.537  1.00 17.74 ? 343 ARG A CG  1 
ATOM   1193 C CD  . ARG A 1 160 ? 5.140   -13.286 -1.250  1.00 19.54 ? 343 ARG A CD  1 
ATOM   1194 N NE  . ARG A 1 160 ? 5.821   -12.081 -0.790  1.00 19.12 ? 343 ARG A NE  1 
ATOM   1195 C CZ  . ARG A 1 160 ? 6.938   -11.606 -1.328  1.00 20.63 ? 343 ARG A CZ  1 
ATOM   1196 N NH1 . ARG A 1 160 ? 7.510   -12.234 -2.356  1.00 21.76 ? 343 ARG A NH1 1 
ATOM   1197 N NH2 . ARG A 1 160 ? 7.491   -10.507 -0.835  1.00 17.20 ? 343 ARG A NH2 1 
ATOM   1198 N N   . ALA A 1 161 ? 2.535   -17.153 0.487   1.00 19.38 ? 344 ALA A N   1 
ATOM   1199 C CA  . ALA A 1 161 ? 2.453   -17.808 1.789   1.00 20.39 ? 344 ALA A CA  1 
ATOM   1200 C C   . ALA A 1 161 ? 3.416   -18.997 1.824   1.00 21.34 ? 344 ALA A C   1 
ATOM   1201 O O   . ALA A 1 161 ? 4.126   -19.200 2.814   1.00 20.56 ? 344 ALA A O   1 
ATOM   1202 C CB  . ALA A 1 161 ? 1.030   -18.275 2.054   1.00 18.83 ? 344 ALA A CB  1 
ATOM   1203 N N   . LYS A 1 162 ? 3.438   -19.779 0.746   1.00 20.69 ? 345 LYS A N   1 
ATOM   1204 C CA  . LYS A 1 162 ? 4.342   -20.928 0.658   1.00 21.37 ? 345 LYS A CA  1 
ATOM   1205 C C   . LYS A 1 162 ? 5.788   -20.446 0.699   1.00 21.23 ? 345 LYS A C   1 
ATOM   1206 O O   . LYS A 1 162 ? 6.656   -21.081 1.299   1.00 18.95 ? 345 LYS A O   1 
ATOM   1207 C CB  . LYS A 1 162 ? 4.112   -21.700 -0.642  1.00 24.54 ? 345 LYS A CB  1 
ATOM   1208 C CG  . LYS A 1 162 ? 5.294   -22.575 -1.046  1.00 28.42 ? 345 LYS A CG  1 
ATOM   1209 C CD  . LYS A 1 162 ? 5.127   -23.178 -2.437  1.00 32.96 ? 345 LYS A CD  1 
ATOM   1210 C CE  . LYS A 1 162 ? 4.094   -24.286 -2.432  1.00 36.09 ? 345 LYS A CE  1 
ATOM   1211 N NZ  . LYS A 1 162 ? 4.496   -25.398 -1.517  1.00 39.71 ? 345 LYS A NZ  1 
ATOM   1212 N N   . HIS A 1 163 ? 6.037   -19.319 0.044   1.00 21.85 ? 346 HIS A N   1 
ATOM   1213 C CA  . HIS A 1 163 ? 7.362   -18.723 -0.003  1.00 22.59 ? 346 HIS A CA  1 
ATOM   1214 C C   . HIS A 1 163 ? 7.794   -18.328 1.409   1.00 21.55 ? 346 HIS A C   1 
ATOM   1215 O O   . HIS A 1 163 ? 8.904   -18.651 1.833   1.00 20.80 ? 346 HIS A O   1 
ATOM   1216 C CB  . HIS A 1 163 ? 7.330   -17.515 -0.943  1.00 27.21 ? 346 HIS A CB  1 
ATOM   1217 C CG  . HIS A 1 163 ? 8.604   -16.732 -0.986  1.00 32.02 ? 346 HIS A CG  1 
ATOM   1218 N ND1 . HIS A 1 163 ? 8.871   -15.697 -0.115  1.00 35.39 ? 346 HIS A ND1 1 
ATOM   1219 C CD2 . HIS A 1 163 ? 9.676   -16.818 -1.809  1.00 34.20 ? 346 HIS A CD2 1 
ATOM   1220 C CE1 . HIS A 1 163 ? 10.052  -15.178 -0.402  1.00 37.29 ? 346 HIS A CE1 1 
ATOM   1221 N NE2 . HIS A 1 163 ? 10.562  -15.840 -1.426  1.00 35.35 ? 346 HIS A NE2 1 
ATOM   1222 N N   . LEU A 1 164 ? 6.911   -17.656 2.143   1.00 18.46 ? 347 LEU A N   1 
ATOM   1223 C CA  . LEU A 1 164 ? 7.216   -17.248 3.512   1.00 19.84 ? 347 LEU A CA  1 
ATOM   1224 C C   . LEU A 1 164 ? 7.448   -18.452 4.431   1.00 20.50 ? 347 LEU A C   1 
ATOM   1225 O O   . LEU A 1 164 ? 8.356   -18.433 5.266   1.00 17.52 ? 347 LEU A O   1 
ATOM   1226 C CB  . LEU A 1 164 ? 6.094   -16.375 4.079   1.00 17.32 ? 347 LEU A CB  1 
ATOM   1227 C CG  . LEU A 1 164 ? 6.037   -14.947 3.525   1.00 18.77 ? 347 LEU A CG  1 
ATOM   1228 C CD1 . LEU A 1 164 ? 4.741   -14.263 3.936   1.00 14.25 ? 347 LEU A CD1 1 
ATOM   1229 C CD2 . LEU A 1 164 ? 7.236   -14.170 4.031   1.00 18.19 ? 347 LEU A CD2 1 
ATOM   1230 N N   . ARG A 1 165 ? 6.638   -19.498 4.286   1.00 20.90 ? 348 ARG A N   1 
ATOM   1231 C CA  . ARG A 1 165 ? 6.830   -20.688 5.118   1.00 24.36 ? 348 ARG A CA  1 
ATOM   1232 C C   . ARG A 1 165 ? 8.191   -21.322 4.835   1.00 24.76 ? 348 ARG A C   1 
ATOM   1233 O O   . ARG A 1 165 ? 8.857   -21.802 5.749   1.00 25.76 ? 348 ARG A O   1 
ATOM   1234 C CB  . ARG A 1 165 ? 5.726   -21.723 4.880   1.00 23.90 ? 348 ARG A CB  1 
ATOM   1235 C CG  . ARG A 1 165 ? 4.428   -21.441 5.619   1.00 27.18 ? 348 ARG A CG  1 
ATOM   1236 C CD  . ARG A 1 165 ? 3.523   -22.665 5.604   1.00 30.76 ? 348 ARG A CD  1 
ATOM   1237 N NE  . ARG A 1 165 ? 3.122   -23.058 4.252   1.00 32.69 ? 348 ARG A NE  1 
ATOM   1238 C CZ  . ARG A 1 165 ? 2.164   -22.460 3.550   1.00 35.21 ? 348 ARG A CZ  1 
ATOM   1239 N NH1 . ARG A 1 165 ? 1.497   -21.435 4.067   1.00 35.51 ? 348 ARG A NH1 1 
ATOM   1240 N NH2 . ARG A 1 165 ? 1.866   -22.888 2.330   1.00 36.23 ? 348 ARG A NH2 1 
ATOM   1241 N N   . ALA A 1 166 ? 8.603   -21.328 3.570   1.00 22.84 ? 349 ALA A N   1 
ATOM   1242 C CA  . ALA A 1 166 ? 9.896   -21.898 3.210   1.00 24.00 ? 349 ALA A CA  1 
ATOM   1243 C C   . ALA A 1 166 ? 11.020  -21.064 3.835   1.00 24.94 ? 349 ALA A C   1 
ATOM   1244 O O   . ALA A 1 166 ? 12.003  -21.602 4.347   1.00 24.37 ? 349 ALA A O   1 
ATOM   1245 C CB  . ALA A 1 166 ? 10.052  -21.941 1.691   1.00 22.36 ? 349 ALA A CB  1 
ATOM   1246 N N   . GLU A 1 167 ? 10.872  -19.744 3.789   1.00 26.25 ? 350 GLU A N   1 
ATOM   1247 C CA  . GLU A 1 167 ? 11.870  -18.851 4.366   1.00 27.12 ? 350 GLU A CA  1 
ATOM   1248 C C   . GLU A 1 167 ? 11.971  -19.090 5.869   1.00 26.84 ? 350 GLU A C   1 
ATOM   1249 O O   . GLU A 1 167 ? 13.044  -18.998 6.449   1.00 24.95 ? 350 GLU A O   1 
ATOM   1250 C CB  . GLU A 1 167 ? 11.497  -17.390 4.107   1.00 29.12 ? 350 GLU A CB  1 
ATOM   1251 C CG  . GLU A 1 167 ? 11.637  -16.951 2.667   1.00 34.97 ? 350 GLU A CG  1 
ATOM   1252 C CD  . GLU A 1 167 ? 13.000  -17.288 2.098   1.00 40.21 ? 350 GLU A CD  1 
ATOM   1253 O OE1 . GLU A 1 167 ? 13.197  -18.447 1.671   1.00 43.36 ? 350 GLU A OE1 1 
ATOM   1254 O OE2 . GLU A 1 167 ? 13.882  -16.401 2.090   1.00 42.53 ? 350 GLU A OE2 1 
ATOM   1255 N N   . ILE A 1 168 ? 10.843  -19.403 6.491   1.00 27.60 ? 351 ILE A N   1 
ATOM   1256 C CA  . ILE A 1 168 ? 10.807  -19.653 7.927   1.00 29.30 ? 351 ILE A CA  1 
ATOM   1257 C C   . ILE A 1 168 ? 11.559  -20.929 8.307   1.00 31.80 ? 351 ILE A C   1 
ATOM   1258 O O   . ILE A 1 168 ? 12.229  -20.974 9.339   1.00 30.75 ? 351 ILE A O   1 
ATOM   1259 C CB  . ILE A 1 168 ? 9.342   -19.740 8.434   1.00 27.86 ? 351 ILE A CB  1 
ATOM   1260 C CG1 . ILE A 1 168 ? 8.698   -18.355 8.362   1.00 27.13 ? 351 ILE A CG1 1 
ATOM   1261 C CG2 . ILE A 1 168 ? 9.300   -20.278 9.862   1.00 29.02 ? 351 ILE A CG2 1 
ATOM   1262 C CD1 . ILE A 1 168 ? 7.253   -18.322 8.795   1.00 25.22 ? 351 ILE A CD1 1 
ATOM   1263 N N   . ASP A 1 169 ? 11.457  -21.959 7.472   1.00 35.06 ? 352 ASP A N   1 
ATOM   1264 C CA  . ASP A 1 169 ? 12.134  -23.219 7.751   1.00 38.68 ? 352 ASP A CA  1 
ATOM   1265 C C   . ASP A 1 169 ? 13.629  -23.186 7.435   1.00 38.99 ? 352 ASP A C   1 
ATOM   1266 O O   . ASP A 1 169 ? 14.395  -23.983 7.974   1.00 40.16 ? 352 ASP A O   1 
ATOM   1267 C CB  . ASP A 1 169 ? 11.452  -24.364 6.994   1.00 44.09 ? 352 ASP A CB  1 
ATOM   1268 C CG  . ASP A 1 169 ? 10.096  -24.734 7.592   1.00 49.72 ? 352 ASP A CG  1 
ATOM   1269 O OD1 . ASP A 1 169 ? 9.186   -23.874 7.597   1.00 53.25 ? 352 ASP A OD1 1 
ATOM   1270 O OD2 . ASP A 1 169 ? 9.939   -25.884 8.066   1.00 52.76 ? 352 ASP A OD2 1 
ATOM   1271 N N   . LYS A 1 170 ? 14.044  -22.266 6.571   1.00 39.47 ? 353 LYS A N   1 
ATOM   1272 C CA  . LYS A 1 170 ? 15.455  -22.132 6.209   1.00 40.58 ? 353 LYS A CA  1 
ATOM   1273 C C   . LYS A 1 170 ? 16.162  -21.027 6.996   1.00 40.26 ? 353 LYS A C   1 
ATOM   1274 O O   . LYS A 1 170 ? 17.318  -20.702 6.726   1.00 40.15 ? 353 LYS A O   1 
ATOM   1275 C CB  . LYS A 1 170 ? 15.601  -21.844 4.712   1.00 42.25 ? 353 LYS A CB  1 
ATOM   1276 C CG  . LYS A 1 170 ? 15.420  -23.058 3.819   1.00 46.92 ? 353 LYS A CG  1 
ATOM   1277 C CD  . LYS A 1 170 ? 15.882  -22.761 2.399   1.00 51.38 ? 353 LYS A CD  1 
ATOM   1278 C CE  . LYS A 1 170 ? 15.926  -24.029 1.545   1.00 53.20 ? 353 LYS A CE  1 
ATOM   1279 N NZ  . LYS A 1 170 ? 16.494  -23.772 0.188   1.00 55.16 ? 353 LYS A NZ  1 
ATOM   1280 N N   . SER A 1 171 ? 15.465  -20.453 7.969   1.00 39.79 ? 354 SER A N   1 
ATOM   1281 C CA  . SER A 1 171 ? 16.016  -19.373 8.783   1.00 39.50 ? 354 SER A CA  1 
ATOM   1282 C C   . SER A 1 171 ? 16.675  -19.910 10.050  1.00 39.01 ? 354 SER A C   1 
ATOM   1283 O O   . SER A 1 171 ? 16.059  -20.675 10.791  1.00 38.28 ? 354 SER A O   1 
ATOM   1284 C CB  . SER A 1 171 ? 14.891  -18.397 9.155   1.00 38.47 ? 354 SER A CB  1 
ATOM   1285 O OG  . SER A 1 171 ? 15.276  -17.517 10.195  1.00 39.39 ? 354 SER A OG  1 
ATOM   1286 N N   . ASP A 1 172 ? 17.923  -19.521 10.307  1.00 38.01 ? 355 ASP A N   1 
ATOM   1287 C CA  . ASP A 1 172 ? 18.582  -20.000 11.522  1.00 38.38 ? 355 ASP A CA  1 
ATOM   1288 C C   . ASP A 1 172 ? 18.666  -18.916 12.583  1.00 35.41 ? 355 ASP A C   1 
ATOM   1289 O O   . ASP A 1 172 ? 19.580  -18.905 13.408  1.00 34.90 ? 355 ASP A O   1 
ATOM   1290 C CB  . ASP A 1 172 ? 19.985  -20.537 11.231  1.00 40.28 ? 355 ASP A CB  1 
ATOM   1291 C CG  . ASP A 1 172 ? 20.543  -21.368 12.393  1.00 41.90 ? 355 ASP A CG  1 
ATOM   1292 O OD1 . ASP A 1 172 ? 19.831  -22.286 12.860  1.00 43.85 ? 355 ASP A OD1 1 
ATOM   1293 O OD2 . ASP A 1 172 ? 21.683  -21.111 12.835  1.00 39.28 ? 355 ASP A OD2 1 
ATOM   1294 N N   . SER A 1 173 ? 17.697  -18.011 12.558  1.00 33.03 ? 356 SER A N   1 
ATOM   1295 C CA  . SER A 1 173 ? 17.637  -16.913 13.514  1.00 30.49 ? 356 SER A CA  1 
ATOM   1296 C C   . SER A 1 173 ? 16.208  -16.797 14.028  1.00 29.46 ? 356 SER A C   1 
ATOM   1297 O O   . SER A 1 173 ? 15.280  -16.629 13.240  1.00 30.82 ? 356 SER A O   1 
ATOM   1298 C CB  . SER A 1 173 ? 18.058  -15.606 12.830  1.00 29.79 ? 356 SER A CB  1 
ATOM   1299 O OG  . SER A 1 173 ? 17.759  -14.480 13.633  1.00 29.69 ? 356 SER A OG  1 
ATOM   1300 N N   . ASP A 1 174 ? 16.027  -16.905 15.342  1.00 28.38 ? 357 ASP A N   1 
ATOM   1301 C CA  . ASP A 1 174 ? 14.694  -16.790 15.930  1.00 27.39 ? 357 ASP A CA  1 
ATOM   1302 C C   . ASP A 1 174 ? 14.101  -15.404 15.671  1.00 26.59 ? 357 ASP A C   1 
ATOM   1303 O O   . ASP A 1 174 ? 12.913  -15.278 15.382  1.00 23.59 ? 357 ASP A O   1 
ATOM   1304 C CB  . ASP A 1 174 ? 14.751  -17.064 17.435  1.00 27.32 ? 357 ASP A CB  1 
ATOM   1305 C CG  . ASP A 1 174 ? 14.689  -18.544 17.756  1.00 29.01 ? 357 ASP A CG  1 
ATOM   1306 O OD1 . ASP A 1 174 ? 15.279  -19.349 17.003  1.00 30.59 ? 357 ASP A OD1 1 
ATOM   1307 O OD2 . ASP A 1 174 ? 14.054  -18.906 18.765  1.00 26.97 ? 357 ASP A OD2 1 
ATOM   1308 N N   . TRP A 1 175 ? 14.933  -14.370 15.773  1.00 28.12 ? 358 TRP A N   1 
ATOM   1309 C CA  . TRP A 1 175 ? 14.476  -12.997 15.530  1.00 30.33 ? 358 TRP A CA  1 
ATOM   1310 C C   . TRP A 1 175 ? 13.906  -12.910 14.113  1.00 29.72 ? 358 TRP A C   1 
ATOM   1311 O O   . TRP A 1 175 ? 12.792  -12.426 13.908  1.00 27.12 ? 358 TRP A O   1 
ATOM   1312 C CB  . TRP A 1 175 ? 15.641  -12.014 15.684  1.00 35.50 ? 358 TRP A CB  1 
ATOM   1313 C CG  . TRP A 1 175 ? 15.235  -10.569 15.588  1.00 41.71 ? 358 TRP A CG  1 
ATOM   1314 C CD1 . TRP A 1 175 ? 15.683  -9.649  14.679  1.00 42.34 ? 358 TRP A CD1 1 
ATOM   1315 C CD2 . TRP A 1 175 ? 14.310  -9.876  16.438  1.00 44.16 ? 358 TRP A CD2 1 
ATOM   1316 N NE1 . TRP A 1 175 ? 15.096  -8.425  14.914  1.00 45.33 ? 358 TRP A NE1 1 
ATOM   1317 C CE2 . TRP A 1 175 ? 14.250  -8.535  15.987  1.00 45.68 ? 358 TRP A CE2 1 
ATOM   1318 C CE3 . TRP A 1 175 ? 13.525  -10.256 17.539  1.00 46.32 ? 358 TRP A CE3 1 
ATOM   1319 C CZ2 . TRP A 1 175 ? 13.434  -7.572  16.600  1.00 46.24 ? 358 TRP A CZ2 1 
ATOM   1320 C CZ3 . TRP A 1 175 ? 12.710  -9.295  18.149  1.00 46.48 ? 358 TRP A CZ3 1 
ATOM   1321 C CH2 . TRP A 1 175 ? 12.675  -7.969  17.674  1.00 45.98 ? 358 TRP A CH2 1 
ATOM   1322 N N   . ASP A 1 176 ? 14.683  -13.388 13.144  1.00 29.33 ? 359 ASP A N   1 
ATOM   1323 C CA  . ASP A 1 176 ? 14.267  -13.389 11.746  1.00 30.55 ? 359 ASP A CA  1 
ATOM   1324 C C   . ASP A 1 176 ? 12.991  -14.208 11.538  1.00 29.65 ? 359 ASP A C   1 
ATOM   1325 O O   . ASP A 1 176 ? 12.063  -13.759 10.873  1.00 28.81 ? 359 ASP A O   1 
ATOM   1326 C CB  . ASP A 1 176 ? 15.382  -13.957 10.863  1.00 32.78 ? 359 ASP A CB  1 
ATOM   1327 C CG  . ASP A 1 176 ? 16.469  -12.938 10.563  1.00 38.25 ? 359 ASP A CG  1 
ATOM   1328 O OD1 . ASP A 1 176 ? 16.382  -11.796 11.071  1.00 39.78 ? 359 ASP A OD1 1 
ATOM   1329 O OD2 . ASP A 1 176 ? 17.412  -13.279 9.815   1.00 38.32 ? 359 ASP A OD2 1 
ATOM   1330 N N   . ARG A 1 177 ? 12.958  -15.413 12.102  1.00 29.88 ? 360 ARG A N   1 
ATOM   1331 C CA  . ARG A 1 177 ? 11.799  -16.287 11.975  1.00 30.01 ? 360 ARG A CA  1 
ATOM   1332 C C   . ARG A 1 177 ? 10.531  -15.588 12.448  1.00 28.70 ? 360 ARG A C   1 
ATOM   1333 O O   . ARG A 1 177 ? 9.489   -15.689 11.810  1.00 26.76 ? 360 ARG A O   1 
ATOM   1334 C CB  . ARG A 1 177 ? 12.001  -17.574 12.785  1.00 30.87 ? 360 ARG A CB  1 
ATOM   1335 C CG  . ARG A 1 177 ? 12.806  -18.662 12.087  1.00 34.48 ? 360 ARG A CG  1 
ATOM   1336 C CD  . ARG A 1 177 ? 13.124  -19.784 13.068  1.00 36.53 ? 360 ARG A CD  1 
ATOM   1337 N NE  . ARG A 1 177 ? 11.946  -20.135 13.853  1.00 39.08 ? 360 ARG A NE  1 
ATOM   1338 C CZ  . ARG A 1 177 ? 11.966  -20.391 15.159  1.00 41.65 ? 360 ARG A CZ  1 
ATOM   1339 N NH1 . ARG A 1 177 ? 13.112  -20.341 15.829  1.00 42.16 ? 360 ARG A NH1 1 
ATOM   1340 N NH2 . ARG A 1 177 ? 10.840  -20.688 15.800  1.00 41.33 ? 360 ARG A NH2 1 
ATOM   1341 N N   . GLU A 1 178 ? 10.630  -14.877 13.566  1.00 28.04 ? 361 GLU A N   1 
ATOM   1342 C CA  . GLU A 1 178 ? 9.487   -14.170 14.118  1.00 28.77 ? 361 GLU A CA  1 
ATOM   1343 C C   . GLU A 1 178 ? 8.982   -13.061 13.191  1.00 28.53 ? 361 GLU A C   1 
ATOM   1344 O O   . GLU A 1 178 ? 7.780   -12.849 13.071  1.00 27.22 ? 361 GLU A O   1 
ATOM   1345 C CB  . GLU A 1 178 ? 9.851   -13.578 15.475  1.00 31.03 ? 361 GLU A CB  1 
ATOM   1346 C CG  . GLU A 1 178 ? 8.696   -12.881 16.159  1.00 39.74 ? 361 GLU A CG  1 
ATOM   1347 C CD  . GLU A 1 178 ? 9.108   -12.227 17.461  1.00 45.28 ? 361 GLU A CD  1 
ATOM   1348 O OE1 . GLU A 1 178 ? 10.013  -11.365 17.431  1.00 48.23 ? 361 GLU A OE1 1 
ATOM   1349 O OE2 . GLU A 1 178 ? 8.527   -12.575 18.513  1.00 48.86 ? 361 GLU A OE2 1 
ATOM   1350 N N   . LYS A 1 179 ? 9.903   -12.352 12.545  1.00 26.78 ? 362 LYS A N   1 
ATOM   1351 C CA  . LYS A 1 179 ? 9.530   -11.278 11.629  1.00 26.63 ? 362 LYS A CA  1 
ATOM   1352 C C   . LYS A 1 179 ? 8.803   -11.892 10.435  1.00 25.13 ? 362 LYS A C   1 
ATOM   1353 O O   . LYS A 1 179 ? 7.777   -11.377 9.994   1.00 23.62 ? 362 LYS A O   1 
ATOM   1354 C CB  . LYS A 1 179 ? 10.771  -10.522 11.145  1.00 27.08 ? 362 LYS A CB  1 
ATOM   1355 C CG  . LYS A 1 179 ? 11.608  -9.859  12.236  1.00 33.79 ? 362 LYS A CG  1 
ATOM   1356 C CD  . LYS A 1 179 ? 10.881  -8.738  12.956  1.00 36.55 ? 362 LYS A CD  1 
ATOM   1357 C CE  . LYS A 1 179 ? 10.059  -9.253  14.139  1.00 41.28 ? 362 LYS A CE  1 
ATOM   1358 N NZ  . LYS A 1 179 ? 10.904  -9.900  15.198  1.00 40.67 ? 362 LYS A NZ  1 
ATOM   1359 N N   . LEU A 1 180 ? 9.340   -12.997 9.922   1.00 23.38 ? 363 LEU A N   1 
ATOM   1360 C CA  . LEU A 1 180 ? 8.732   -13.697 8.791   1.00 22.57 ? 363 LEU A CA  1 
ATOM   1361 C C   . LEU A 1 180 ? 7.352   -14.204 9.197   1.00 22.15 ? 363 LEU A C   1 
ATOM   1362 O O   . LEU A 1 180 ? 6.401   -14.148 8.418   1.00 22.60 ? 363 LEU A O   1 
ATOM   1363 C CB  . LEU A 1 180 ? 9.612   -14.877 8.362   1.00 20.68 ? 363 LEU A CB  1 
ATOM   1364 C CG  . LEU A 1 180 ? 10.968  -14.539 7.730   1.00 22.67 ? 363 LEU A CG  1 
ATOM   1365 C CD1 . LEU A 1 180 ? 11.822  -15.793 7.621   1.00 22.50 ? 363 LEU A CD1 1 
ATOM   1366 C CD2 . LEU A 1 180 ? 10.753  -13.921 6.351   1.00 22.38 ? 363 LEU A CD2 1 
ATOM   1367 N N   . GLY A 1 181 ? 7.255   -14.708 10.424  1.00 22.44 ? 364 GLY A N   1 
ATOM   1368 C CA  . GLY A 1 181 ? 5.992   -15.212 10.920  1.00 22.63 ? 364 GLY A CA  1 
ATOM   1369 C C   . GLY A 1 181 ? 4.923   -14.137 10.949  1.00 24.84 ? 364 GLY A C   1 
ATOM   1370 O O   . GLY A 1 181 ? 3.776   -14.383 10.558  1.00 23.81 ? 364 GLY A O   1 
ATOM   1371 N N   . GLU A 1 182 ? 5.280   -12.936 11.396  1.00 25.29 ? 365 GLU A N   1 
ATOM   1372 C CA  . GLU A 1 182 ? 4.279   -11.876 11.445  1.00 27.73 ? 365 GLU A CA  1 
ATOM   1373 C C   . GLU A 1 182 ? 3.842   -11.434 10.044  1.00 24.72 ? 365 GLU A C   1 
ATOM   1374 O O   . GLU A 1 182 ? 2.695   -11.045 9.864   1.00 24.72 ? 365 GLU A O   1 
ATOM   1375 C CB  . GLU A 1 182 ? 4.759   -10.679 12.285  1.00 31.83 ? 365 GLU A CB  1 
ATOM   1376 C CG  . GLU A 1 182 ? 6.011   -9.980  11.808  1.00 40.55 ? 365 GLU A CG  1 
ATOM   1377 C CD  . GLU A 1 182 ? 6.351   -8.756  12.661  1.00 46.32 ? 365 GLU A CD  1 
ATOM   1378 O OE1 . GLU A 1 182 ? 6.578   -8.921  13.884  1.00 46.73 ? 365 GLU A OE1 1 
ATOM   1379 O OE2 . GLU A 1 182 ? 6.391   -7.632  12.105  1.00 48.91 ? 365 GLU A OE2 1 
ATOM   1380 N N   . ARG A 1 183 ? 4.736   -11.504 9.059   1.00 22.88 ? 366 ARG A N   1 
ATOM   1381 C CA  . ARG A 1 183 ? 4.369   -11.143 7.681   1.00 22.94 ? 366 ARG A CA  1 
ATOM   1382 C C   . ARG A 1 183 ? 3.375   -12.167 7.148   1.00 23.03 ? 366 ARG A C   1 
ATOM   1383 O O   . ARG A 1 183 ? 2.421   -11.824 6.450   1.00 23.02 ? 366 ARG A O   1 
ATOM   1384 C CB  . ARG A 1 183 ? 5.590   -11.131 6.760   1.00 22.42 ? 366 ARG A CB  1 
ATOM   1385 C CG  . ARG A 1 183 ? 6.277   -9.783  6.642   1.00 23.17 ? 366 ARG A CG  1 
ATOM   1386 C CD  . ARG A 1 183 ? 7.554   -9.905  5.835   1.00 25.32 ? 366 ARG A CD  1 
ATOM   1387 N NE  . ARG A 1 183 ? 7.318   -10.289 4.447   1.00 21.70 ? 366 ARG A NE  1 
ATOM   1388 C CZ  . ARG A 1 183 ? 8.255   -10.787 3.647   1.00 24.54 ? 366 ARG A CZ  1 
ATOM   1389 N NH1 . ARG A 1 183 ? 9.490   -10.963 4.102   1.00 24.89 ? 366 ARG A NH1 1 
ATOM   1390 N NH2 . ARG A 1 183 ? 7.964   -11.109 2.395   1.00 25.43 ? 366 ARG A NH2 1 
ATOM   1391 N N   . LEU A 1 184 ? 3.602   -13.431 7.487   1.00 23.08 ? 367 LEU A N   1 
ATOM   1392 C CA  . LEU A 1 184 ? 2.721   -14.506 7.047   1.00 24.31 ? 367 LEU A CA  1 
ATOM   1393 C C   . LEU A 1 184 ? 1.319   -14.343 7.646   1.00 24.87 ? 367 LEU A C   1 
ATOM   1394 O O   . LEU A 1 184 ? 0.316   -14.537 6.958   1.00 25.54 ? 367 LEU A O   1 
ATOM   1395 C CB  . LEU A 1 184 ? 3.312   -15.858 7.448   1.00 24.36 ? 367 LEU A CB  1 
ATOM   1396 C CG  . LEU A 1 184 ? 2.486   -17.121 7.182   1.00 25.93 ? 367 LEU A CG  1 
ATOM   1397 C CD1 . LEU A 1 184 ? 2.173   -17.245 5.694   1.00 20.89 ? 367 LEU A CD1 1 
ATOM   1398 C CD2 . LEU A 1 184 ? 3.264   -18.338 7.677   1.00 25.20 ? 367 LEU A CD2 1 
ATOM   1399 N N   . ALA A 1 185 ? 1.255   -13.981 8.923   1.00 25.25 ? 368 ALA A N   1 
ATOM   1400 C CA  . ALA A 1 185 ? -0.022  -13.790 9.600   1.00 26.93 ? 368 ALA A CA  1 
ATOM   1401 C C   . ALA A 1 185 ? -0.787  -12.620 8.977   1.00 28.98 ? 368 ALA A C   1 
ATOM   1402 O O   . ALA A 1 185 ? -1.992  -12.704 8.753   1.00 31.03 ? 368 ALA A O   1 
ATOM   1403 C CB  . ALA A 1 185 ? 0.207   -13.538 11.096  1.00 24.72 ? 368 ALA A CB  1 
ATOM   1404 N N   . LYS A 1 186 ? -0.079  -11.530 8.702   1.00 29.53 ? 369 LYS A N   1 
ATOM   1405 C CA  . LYS A 1 186 ? -0.690  -10.349 8.104   1.00 32.18 ? 369 LYS A CA  1 
ATOM   1406 C C   . LYS A 1 186 ? -1.212  -10.641 6.700   1.00 31.87 ? 369 LYS A C   1 
ATOM   1407 O O   . LYS A 1 186 ? -2.351  -10.319 6.367   1.00 31.67 ? 369 LYS A O   1 
ATOM   1408 C CB  . LYS A 1 186 ? 0.325   -9.204  8.030   1.00 32.09 ? 369 LYS A CB  1 
ATOM   1409 C CG  . LYS A 1 186 ? 0.729   -8.659  9.378   1.00 36.11 ? 369 LYS A CG  1 
ATOM   1410 C CD  . LYS A 1 186 ? 1.354   -7.277  9.261   1.00 37.58 ? 369 LYS A CD  1 
ATOM   1411 C CE  . LYS A 1 186 ? 1.480   -6.639  10.636  1.00 39.42 ? 369 LYS A CE  1 
ATOM   1412 N NZ  . LYS A 1 186 ? 1.949   -5.233  10.559  1.00 44.38 ? 369 LYS A NZ  1 
ATOM   1413 N N   . LEU A 1 187 ? -0.356  -11.246 5.885   1.00 29.96 ? 370 LEU A N   1 
ATOM   1414 C CA  . LEU A 1 187 ? -0.687  -11.587 4.511   1.00 28.74 ? 370 LEU A CA  1 
ATOM   1415 C C   . LEU A 1 187 ? -2.080  -12.189 4.363   1.00 29.24 ? 370 LEU A C   1 
ATOM   1416 O O   . LEU A 1 187 ? -2.906  -11.697 3.595   1.00 27.75 ? 370 LEU A O   1 
ATOM   1417 C CB  . LEU A 1 187 ? 0.335   -12.583 3.970   1.00 26.74 ? 370 LEU A CB  1 
ATOM   1418 C CG  . LEU A 1 187 ? 0.210   -12.899 2.486   1.00 25.73 ? 370 LEU A CG  1 
ATOM   1419 C CD1 . LEU A 1 187 ? 0.842   -11.766 1.697   1.00 26.88 ? 370 LEU A CD1 1 
ATOM   1420 C CD2 . LEU A 1 187 ? 0.900   -14.212 2.174   1.00 23.75 ? 370 LEU A CD2 1 
ATOM   1421 N N   . ALA A 1 188 ? -2.322  -13.261 5.107   1.00 30.06 ? 371 ALA A N   1 
ATOM   1422 C CA  . ALA A 1 188 ? -3.587  -13.981 5.072   1.00 31.20 ? 371 ALA A CA  1 
ATOM   1423 C C   . ALA A 1 188 ? -4.829  -13.123 5.279   1.00 31.19 ? 371 ALA A C   1 
ATOM   1424 O O   . ALA A 1 188 ? -5.822  -13.279 4.570   1.00 32.13 ? 371 ALA A O   1 
ATOM   1425 C CB  . ALA A 1 188 ? -3.558  -15.104 6.105   1.00 32.21 ? 371 ALA A CB  1 
ATOM   1426 N N   . GLY A 1 189 ? -4.773  -12.217 6.248   1.00 31.50 ? 372 GLY A N   1 
ATOM   1427 C CA  . GLY A 1 189 ? -5.928  -11.383 6.530   1.00 31.94 ? 372 GLY A CA  1 
ATOM   1428 C C   . GLY A 1 189 ? -6.202  -10.240 5.575   1.00 31.75 ? 372 GLY A C   1 
ATOM   1429 O O   . GLY A 1 189 ? -7.253  -9.611  5.654   1.00 32.51 ? 372 GLY A O   1 
ATOM   1430 N N   . GLY A 1 190 ? -5.279  -9.974  4.660   1.00 30.99 ? 373 GLY A N   1 
ATOM   1431 C CA  . GLY A 1 190 ? -5.474  -8.868  3.742   1.00 30.00 ? 373 GLY A CA  1 
ATOM   1432 C C   . GLY A 1 190 ? -6.284  -9.136  2.491   1.00 29.80 ? 373 GLY A C   1 
ATOM   1433 O O   . GLY A 1 190 ? -6.754  -8.203  1.849   1.00 27.65 ? 373 GLY A O   1 
ATOM   1434 N N   . VAL A 1 191 ? -6.485  -10.398 2.144   1.00 31.34 ? 374 VAL A N   1 
ATOM   1435 C CA  . VAL A 1 191 ? -7.207  -10.685 0.918   1.00 33.48 ? 374 VAL A CA  1 
ATOM   1436 C C   . VAL A 1 191 ? -8.719  -10.859 1.076   1.00 33.20 ? 374 VAL A C   1 
ATOM   1437 O O   . VAL A 1 191 ? -9.209  -11.274 2.126   1.00 33.28 ? 374 VAL A O   1 
ATOM   1438 C CB  . VAL A 1 191 ? -6.607  -11.922 0.221   1.00 35.00 ? 374 VAL A CB  1 
ATOM   1439 C CG1 . VAL A 1 191 ? -7.187  -13.200 0.827   1.00 35.47 ? 374 VAL A CG1 1 
ATOM   1440 C CG2 . VAL A 1 191 ? -6.840  -11.829 -1.279  1.00 33.58 ? 374 VAL A CG2 1 
ATOM   1441 N N   . ALA A 1 192 ? -9.444  -10.536 0.009   1.00 32.43 ? 375 ALA A N   1 
ATOM   1442 C CA  . ALA A 1 192 ? -10.898 -10.623 -0.013  1.00 34.22 ? 375 ALA A CA  1 
ATOM   1443 C C   . ALA A 1 192 ? -11.410 -12.051 -0.172  1.00 35.27 ? 375 ALA A C   1 
ATOM   1444 O O   . ALA A 1 192 ? -10.846 -12.841 -0.925  1.00 35.67 ? 375 ALA A O   1 
ATOM   1445 C CB  . ALA A 1 192 ? -11.439 -9.757  -1.139  1.00 32.34 ? 375 ALA A CB  1 
ATOM   1446 N N   . VAL A 1 193 ? -12.483 -12.373 0.542   1.00 36.16 ? 376 VAL A N   1 
ATOM   1447 C CA  . VAL A 1 193 ? -13.092 -13.698 0.474   1.00 39.04 ? 376 VAL A CA  1 
ATOM   1448 C C   . VAL A 1 193 ? -14.538 -13.557 -0.015  1.00 41.47 ? 376 VAL A C   1 
ATOM   1449 O O   . VAL A 1 193 ? -15.267 -12.688 0.452   1.00 40.60 ? 376 VAL A O   1 
ATOM   1450 C CB  . VAL A 1 193 ? -13.079 -14.393 1.853   1.00 38.50 ? 376 VAL A CB  1 
ATOM   1451 C CG1 . VAL A 1 193 ? -13.525 -15.843 1.709   1.00 37.75 ? 376 VAL A CG1 1 
ATOM   1452 C CG2 . VAL A 1 193 ? -11.678 -14.321 2.464   1.00 37.78 ? 376 VAL A CG2 1 
ATOM   1453 N N   . ILE A 1 194 ? -14.930 -14.426 -0.944  1.00 45.14 ? 377 ILE A N   1 
ATOM   1454 C CA  . ILE A 1 194 ? -16.259 -14.445 -1.568  1.00 48.57 ? 377 ILE A CA  1 
ATOM   1455 C C   . ILE A 1 194 ? -16.672 -13.092 -2.140  1.00 51.62 ? 377 ILE A C   1 
ATOM   1456 O O   . ILE A 1 194 ? -16.969 -13.050 -3.355  1.00 53.33 ? 377 ILE A O   1 
ATOM   1457 C CB  . ILE A 1 194 ? -17.383 -14.971 -0.608  1.00 47.84 ? 377 ILE A CB  1 
ATOM   1458 C CG1 . ILE A 1 194 ? -17.519 -14.082 0.629   1.00 48.72 ? 377 ILE A CG1 1 
ATOM   1459 C CG2 . ILE A 1 194 ? -17.092 -16.407 -0.222  1.00 48.20 ? 377 ILE A CG2 1 
ATOM   1460 C CD1 . ILE A 1 194 ? -18.592 -14.527 1.606   1.00 47.21 ? 377 ILE A CD1 1 
ATOM   1461 O OXT . ILE A 1 194 ? -16.688 -12.090 -1.389  1.00 55.99 ? 377 ILE A OXT 1 
HETATM 1462 O O   . HOH B 2 .   ? 14.712  2.588   -16.829 1.00 19.04 ? 1   HOH A O   1 
HETATM 1463 O O   . HOH B 2 .   ? -9.475  -10.532 -4.436  1.00 21.77 ? 2   HOH A O   1 
HETATM 1464 O O   . HOH B 2 .   ? -2.162  23.344  8.235   1.00 20.52 ? 3   HOH A O   1 
HETATM 1465 O O   . HOH B 2 .   ? -2.407  -10.665 -6.669  1.00 16.23 ? 4   HOH A O   1 
HETATM 1466 O O   . HOH B 2 .   ? 10.900  -10.601 6.895   1.00 33.74 ? 5   HOH A O   1 
HETATM 1467 O O   . HOH B 2 .   ? 7.537   -4.739  -10.096 1.00 24.65 ? 6   HOH A O   1 
HETATM 1468 O O   . HOH B 2 .   ? 13.446  -3.756  -16.082 1.00 18.11 ? 7   HOH A O   1 
HETATM 1469 O O   . HOH B 2 .   ? -5.997  2.674   10.778  1.00 28.38 ? 8   HOH A O   1 
HETATM 1470 O O   . HOH B 2 .   ? 1.390   -0.075  -7.688  1.00 23.54 ? 9   HOH A O   1 
HETATM 1471 O O   . HOH B 2 .   ? 9.967   6.638   -12.355 1.00 26.27 ? 10  HOH A O   1 
HETATM 1472 O O   . HOH B 2 .   ? -5.045  14.043  -4.315  1.00 20.13 ? 11  HOH A O   1 
HETATM 1473 O O   . HOH B 2 .   ? 7.717   1.671   -16.571 1.00 30.37 ? 12  HOH A O   1 
HETATM 1474 O O   . HOH B 2 .   ? -9.358  -8.370  4.369   1.00 27.49 ? 13  HOH A O   1 
HETATM 1475 O O   . HOH B 2 .   ? 2.745   8.795   -13.889 1.00 26.00 ? 14  HOH A O   1 
HETATM 1476 O O   . HOH B 2 .   ? -4.110  -4.559  -11.179 1.00 32.30 ? 15  HOH A O   1 
HETATM 1477 O O   . HOH B 2 .   ? -14.152 6.817   -0.159  1.00 24.12 ? 16  HOH A O   1 
HETATM 1478 O O   . HOH B 2 .   ? 5.019   -6.492  -7.336  1.00 22.41 ? 17  HOH A O   1 
HETATM 1479 O O   . HOH B 2 .   ? 9.854   0.393   -19.672 1.00 29.06 ? 18  HOH A O   1 
HETATM 1480 O O   . HOH B 2 .   ? 4.224   -25.402 2.427   1.00 43.55 ? 19  HOH A O   1 
HETATM 1481 O O   . HOH B 2 .   ? 7.347   -14.763 -3.380  1.00 27.77 ? 20  HOH A O   1 
HETATM 1482 O O   . HOH B 2 .   ? -2.862  -1.392  11.540  1.00 33.41 ? 21  HOH A O   1 
HETATM 1483 O O   . HOH B 2 .   ? 8.228   6.407   -21.754 1.00 28.75 ? 22  HOH A O   1 
HETATM 1484 O O   . HOH B 2 .   ? 8.423   1.245   1.972   1.00 36.97 ? 23  HOH A O   1 
HETATM 1485 O O   . HOH B 2 .   ? 0.029   -21.455 0.754   1.00 31.76 ? 24  HOH A O   1 
HETATM 1486 O O   . HOH B 2 .   ? 9.288   -3.710  -3.610  1.00 37.03 ? 25  HOH A O   1 
HETATM 1487 O O   . HOH B 2 .   ? -8.213  12.580  1.714   1.00 27.17 ? 26  HOH A O   1 
HETATM 1488 O O   . HOH B 2 .   ? -6.507  -5.098  -8.309  1.00 35.92 ? 27  HOH A O   1 
HETATM 1489 O O   . HOH B 2 .   ? 3.705   7.717   6.874   1.00 32.76 ? 28  HOH A O   1 
HETATM 1490 O O   . HOH B 2 .   ? -14.948 15.353  10.794  1.00 34.34 ? 29  HOH A O   1 
HETATM 1491 O O   . HOH B 2 .   ? 4.547   -17.182 -7.365  1.00 30.52 ? 30  HOH A O   1 
HETATM 1492 O O   . HOH B 2 .   ? 10.336  -12.220 1.080   1.00 36.81 ? 31  HOH A O   1 
HETATM 1493 O O   . HOH B 2 .   ? 15.130  -17.582 5.864   1.00 38.93 ? 32  HOH A O   1 
HETATM 1494 O O   . HOH B 2 .   ? -11.691 11.268  -6.063  1.00 41.75 ? 33  HOH A O   1 
HETATM 1495 O O   . HOH B 2 .   ? -4.074  -9.624  8.674   1.00 41.34 ? 34  HOH A O   1 
HETATM 1496 O O   . HOH B 2 .   ? 7.297   -1.150  3.189   1.00 28.21 ? 35  HOH A O   1 
HETATM 1497 O O   . HOH B 2 .   ? 6.481   13.825  3.882   1.00 37.54 ? 36  HOH A O   1 
HETATM 1498 O O   . HOH B 2 .   ? 1.916   -22.413 -7.349  1.00 29.99 ? 37  HOH A O   1 
HETATM 1499 O O   . HOH B 2 .   ? -10.532 -17.157 13.486  1.00 40.69 ? 38  HOH A O   1 
HETATM 1500 O O   . HOH B 2 .   ? -10.668 9.504   -8.784  1.00 37.49 ? 39  HOH A O   1 
HETATM 1501 O O   . HOH B 2 .   ? 11.101  -10.306 -1.250  1.00 36.06 ? 40  HOH A O   1 
HETATM 1502 O O   . HOH B 2 .   ? -14.630 9.336   6.761   1.00 33.86 ? 41  HOH A O   1 
HETATM 1503 O O   . HOH B 2 .   ? 2.584   -16.508 11.348  1.00 40.23 ? 42  HOH A O   1 
HETATM 1504 O O   . HOH B 2 .   ? -5.648  -6.660  -10.443 1.00 34.46 ? 43  HOH A O   1 
HETATM 1505 O O   . HOH B 2 .   ? 9.541   7.694   -9.512  1.00 38.06 ? 44  HOH A O   1 
HETATM 1506 O O   . HOH B 2 .   ? 3.388   7.550   10.687  1.00 48.61 ? 45  HOH A O   1 
HETATM 1507 O O   . HOH B 2 .   ? -4.238  2.604   -17.927 1.00 33.55 ? 46  HOH A O   1 
HETATM 1508 O O   . HOH B 2 .   ? 3.052   -1.003  -16.457 1.00 38.51 ? 47  HOH A O   1 
HETATM 1509 O O   . HOH B 2 .   ? -7.126  6.592   14.921  1.00 40.91 ? 48  HOH A O   1 
HETATM 1510 O O   . HOH B 2 .   ? -4.204  -0.202  -18.253 1.00 44.63 ? 49  HOH A O   1 
HETATM 1511 O O   . HOH B 2 .   ? -11.991 11.988  -8.706  1.00 41.54 ? 50  HOH A O   1 
HETATM 1512 O O   . HOH B 2 .   ? 18.833  -11.323 12.453  1.00 43.20 ? 51  HOH A O   1 
HETATM 1513 O O   . HOH B 2 .   ? 3.983   -2.551  11.208  1.00 44.70 ? 52  HOH A O   1 
HETATM 1514 O O   . HOH B 2 .   ? 6.667   -24.125 1.964   1.00 33.03 ? 53  HOH A O   1 
HETATM 1515 O O   . HOH B 2 .   ? 2.871   -9.293  5.054   1.00 27.75 ? 54  HOH A O   1 
HETATM 1516 O O   . HOH B 2 .   ? 9.343   10.279  -9.519  1.00 34.05 ? 55  HOH A O   1 
HETATM 1517 O O   . HOH B 2 .   ? 9.284   18.185  -5.559  1.00 37.53 ? 56  HOH A O   1 
HETATM 1518 O O   . HOH B 2 .   ? -2.755  -9.145  -10.126 1.00 29.27 ? 57  HOH A O   1 
HETATM 1519 O O   . HOH B 2 .   ? 8.032   18.624  -9.254  1.00 38.80 ? 58  HOH A O   1 
HETATM 1520 O O   . HOH B 2 .   ? 15.241  1.365   4.847   1.00 47.82 ? 59  HOH A O   1 
HETATM 1521 O O   . HOH B 2 .   ? 13.172  -4.992  -4.606  1.00 32.14 ? 60  HOH A O   1 
HETATM 1522 O O   . HOH B 2 .   ? 10.569  -4.304  -10.575 1.00 31.53 ? 61  HOH A O   1 
HETATM 1523 O O   . HOH B 2 .   ? 11.320  -2.486  -17.772 1.00 25.88 ? 62  HOH A O   1 
HETATM 1524 O O   . HOH B 2 .   ? 8.305   -1.641  -17.757 1.00 53.73 ? 63  HOH A O   1 
HETATM 1525 O O   . HOH B 2 .   ? -6.784  -2.452  -10.814 1.00 55.02 ? 64  HOH A O   1 
HETATM 1526 O O   . HOH B 2 .   ? 5.347   -16.191 -4.642  1.00 25.94 ? 65  HOH A O   1 
# 
loop_
_pdbx_poly_seq_scheme.asym_id 
_pdbx_poly_seq_scheme.entity_id 
_pdbx_poly_seq_scheme.seq_id 
_pdbx_poly_seq_scheme.mon_id 
_pdbx_poly_seq_scheme.ndb_seq_num 
_pdbx_poly_seq_scheme.pdb_seq_num 
_pdbx_poly_seq_scheme.auth_seq_num 
_pdbx_poly_seq_scheme.pdb_mon_id 
_pdbx_poly_seq_scheme.auth_mon_id 
_pdbx_poly_seq_scheme.pdb_strand_id 
_pdbx_poly_seq_scheme.pdb_ins_code 
_pdbx_poly_seq_scheme.hetero 
A 1 1   GLU 1   184 184 GLU GLU A . n 
A 1 2   LEU 2   185 185 LEU LEU A . n 
A 1 3   GLU 3   186 186 GLU GLU A . n 
A 1 4   PHE 4   187 187 PHE PHE A . n 
A 1 5   THR 5   188 188 THR THR A . n 
A 1 6   GLU 6   189 189 GLU GLU A . n 
A 1 7   GLY 7   190 190 GLY GLY A . n 
A 1 8   ILE 8   191 191 ILE ILE A . n 
A 1 9   GLY 9   192 192 GLY GLY A . n 
A 1 10  PHE 10  193 193 PHE PHE A . n 
A 1 11  ASP 11  194 194 ASP ASP A . n 
A 1 12  LYS 12  195 195 LYS LYS A . n 
A 1 13  GLY 13  196 196 GLY GLY A . n 
A 1 14  PHE 14  197 197 PHE PHE A . n 
A 1 15  LEU 15  198 198 LEU LEU A . n 
A 1 16  SER 16  199 199 SER SER A . n 
A 1 17  ALA 17  200 200 ALA ALA A . n 
A 1 18  TYR 18  201 201 TYR TYR A . n 
A 1 19  PHE 19  202 202 PHE PHE A . n 
A 1 20  VAL 20  203 203 VAL VAL A . n 
A 1 21  THR 21  204 204 THR THR A . n 
A 1 22  ASP 22  205 205 ASP ASP A . n 
A 1 23  PHE 23  206 206 PHE PHE A . n 
A 1 24  ASP 24  207 207 ASP ASP A . n 
A 1 25  ASN 25  208 208 ASN ASN A . n 
A 1 26  GLN 26  209 209 GLN GLN A . n 
A 1 27  GLN 27  210 210 GLN GLN A . n 
A 1 28  ALA 28  211 211 ALA ALA A . n 
A 1 29  VAL 29  212 212 VAL VAL A . n 
A 1 30  LEU 30  213 213 LEU LEU A . n 
A 1 31  GLU 31  214 214 GLU GLU A . n 
A 1 32  ASP 32  215 215 ASP ASP A . n 
A 1 33  ALA 33  216 216 ALA ALA A . n 
A 1 34  LEU 34  217 217 LEU LEU A . n 
A 1 35  ILE 35  218 218 ILE ILE A . n 
A 1 36  LEU 36  219 219 LEU LEU A . n 
A 1 37  LEU 37  220 220 LEU LEU A . n 
A 1 38  HIS 38  221 221 HIS HIS A . n 
A 1 39  GLN 39  222 222 GLN GLN A . n 
A 1 40  ASP 40  223 223 ASP ASP A . n 
A 1 41  LYS 41  224 224 LYS LYS A . n 
A 1 42  ILE 42  225 225 ILE ILE A . n 
A 1 43  SER 43  226 226 SER SER A . n 
A 1 44  SER 44  227 227 SER SER A . n 
A 1 45  LEU 45  228 228 LEU LEU A . n 
A 1 46  PRO 46  229 229 PRO PRO A . n 
A 1 47  ASP 47  230 230 ASP ASP A . n 
A 1 48  LEU 48  231 231 LEU LEU A . n 
A 1 49  LEU 49  232 232 LEU LEU A . n 
A 1 50  PRO 50  233 233 PRO PRO A . n 
A 1 51  LEU 51  234 234 LEU LEU A . n 
A 1 52  LEU 52  235 235 LEU LEU A . n 
A 1 53  GLU 53  236 236 GLU GLU A . n 
A 1 54  LYS 54  237 237 LYS LYS A . n 
A 1 55  VAL 55  238 238 VAL VAL A . n 
A 1 56  ALA 56  239 239 ALA ALA A . n 
A 1 57  GLY 57  240 240 GLY GLY A . n 
A 1 58  THR 58  241 241 THR THR A . n 
A 1 59  GLY 59  242 242 GLY GLY A . n 
A 1 60  LYS 60  243 243 LYS LYS A . n 
A 1 61  PRO 61  244 244 PRO PRO A . n 
A 1 62  LEU 62  245 245 LEU LEU A . n 
A 1 63  LEU 63  246 246 LEU LEU A . n 
A 1 64  ILE 64  247 247 ILE ILE A . n 
A 1 65  VAL 65  248 248 VAL VAL A . n 
A 1 66  ALA 66  249 249 ALA ALA A . n 
A 1 67  GLU 67  250 250 GLU GLU A . n 
A 1 68  ASP 68  251 251 ASP ASP A . n 
A 1 69  VAL 69  252 252 VAL VAL A . n 
A 1 70  GLU 70  253 253 GLU GLU A . n 
A 1 71  GLY 71  254 254 GLY GLY A . n 
A 1 72  GLU 72  255 255 GLU GLU A . n 
A 1 73  ALA 73  256 256 ALA ALA A . n 
A 1 74  LEU 74  257 257 LEU LEU A . n 
A 1 75  ALA 75  258 258 ALA ALA A . n 
A 1 76  THR 76  259 259 THR THR A . n 
A 1 77  LEU 77  260 260 LEU LEU A . n 
A 1 78  VAL 78  261 261 VAL VAL A . n 
A 1 79  VAL 79  262 262 VAL VAL A . n 
A 1 80  ASN 80  263 263 ASN ASN A . n 
A 1 81  ALA 81  264 264 ALA ALA A . n 
A 1 82  ILE 82  265 265 ILE ILE A . n 
A 1 83  ARG 83  266 266 ARG ARG A . n 
A 1 84  LYS 84  267 267 LYS LYS A . n 
A 1 85  THR 85  268 268 THR THR A . n 
A 1 86  LEU 86  269 269 LEU LEU A . n 
A 1 87  LYS 87  270 270 LYS LYS A . n 
A 1 88  ALA 88  271 271 ALA ALA A . n 
A 1 89  VAL 89  272 272 VAL VAL A . n 
A 1 90  ALA 90  273 273 ALA ALA A . n 
A 1 91  VAL 91  274 274 VAL VAL A . n 
A 1 92  LYS 92  275 275 LYS LYS A . n 
A 1 93  GLY 93  276 276 GLY GLY A . n 
A 1 94  PRO 94  277 277 PRO PRO A . n 
A 1 95  TYR 95  278 278 TYR TYR A . n 
A 1 96  PHE 96  279 279 PHE PHE A . n 
A 1 97  GLY 97  280 280 GLY GLY A . n 
A 1 98  ASP 98  281 281 ASP ASP A . n 
A 1 99  ARG 99  282 282 ARG ARG A . n 
A 1 100 ARG 100 283 283 ARG ARG A . n 
A 1 101 LYS 101 284 284 LYS LYS A . n 
A 1 102 ALA 102 285 285 ALA ALA A . n 
A 1 103 PHE 103 286 286 PHE PHE A . n 
A 1 104 LEU 104 287 287 LEU LEU A . n 
A 1 105 GLU 105 288 288 GLU GLU A . n 
A 1 106 ASP 106 289 289 ASP ASP A . n 
A 1 107 LEU 107 290 290 LEU LEU A . n 
A 1 108 ALA 108 291 291 ALA ALA A . n 
A 1 109 VAL 109 292 292 VAL VAL A . n 
A 1 110 VAL 110 293 293 VAL VAL A . n 
A 1 111 THR 111 294 294 THR THR A . n 
A 1 112 GLY 112 295 295 GLY GLY A . n 
A 1 113 GLY 113 296 296 GLY GLY A . n 
A 1 114 GLN 114 297 297 GLN GLN A . n 
A 1 115 VAL 115 298 298 VAL VAL A . n 
A 1 116 VAL 116 299 299 VAL VAL A . n 
A 1 117 ASN 117 300 300 ASN ASN A . n 
A 1 118 PRO 118 301 301 PRO PRO A . n 
A 1 119 ASP 119 302 302 ASP ASP A . n 
A 1 120 ALA 120 303 303 ALA ALA A . n 
A 1 121 GLY 121 304 304 GLY GLY A . n 
A 1 122 MET 122 305 305 MET MET A . n 
A 1 123 VAL 123 306 306 VAL VAL A . n 
A 1 124 LEU 124 307 307 LEU LEU A . n 
A 1 125 ARG 125 308 308 ARG ARG A . n 
A 1 126 GLU 126 309 309 GLU GLU A . n 
A 1 127 VAL 127 310 310 VAL VAL A . n 
A 1 128 GLY 128 311 311 GLY GLY A . n 
A 1 129 LEU 129 312 312 LEU LEU A . n 
A 1 130 GLU 130 313 313 GLU GLU A . n 
A 1 131 VAL 131 314 314 VAL VAL A . n 
A 1 132 LEU 132 315 315 LEU LEU A . n 
A 1 133 GLY 133 316 316 GLY GLY A . n 
A 1 134 SER 134 317 317 SER SER A . n 
A 1 135 ALA 135 318 318 ALA ALA A . n 
A 1 136 ARG 136 319 319 ARG ARG A . n 
A 1 137 ARG 137 320 320 ARG ARG A . n 
A 1 138 VAL 138 321 321 VAL VAL A . n 
A 1 139 VAL 139 322 322 VAL VAL A . n 
A 1 140 VAL 140 323 323 VAL VAL A . n 
A 1 141 SER 141 324 324 SER SER A . n 
A 1 142 LYS 142 325 325 LYS LYS A . n 
A 1 143 ASP 143 326 326 ASP ASP A . n 
A 1 144 ASP 144 327 327 ASP ASP A . n 
A 1 145 THR 145 328 328 THR THR A . n 
A 1 146 VAL 146 329 329 VAL VAL A . n 
A 1 147 ILE 147 330 330 ILE ILE A . n 
A 1 148 VAL 148 331 331 VAL VAL A . n 
A 1 149 ASP 149 332 332 ASP ASP A . n 
A 1 150 GLY 150 333 333 GLY GLY A . n 
A 1 151 GLY 151 334 334 GLY GLY A . n 
A 1 152 GLY 152 335 335 GLY GLY A . n 
A 1 153 THR 153 336 336 THR THR A . n 
A 1 154 ALA 154 337 337 ALA ALA A . n 
A 1 155 GLU 155 338 338 GLU GLU A . n 
A 1 156 ALA 156 339 339 ALA ALA A . n 
A 1 157 VAL 157 340 340 VAL VAL A . n 
A 1 158 ALA 158 341 341 ALA ALA A . n 
A 1 159 ASN 159 342 342 ASN ASN A . n 
A 1 160 ARG 160 343 343 ARG ARG A . n 
A 1 161 ALA 161 344 344 ALA ALA A . n 
A 1 162 LYS 162 345 345 LYS LYS A . n 
A 1 163 HIS 163 346 346 HIS HIS A . n 
A 1 164 LEU 164 347 347 LEU LEU A . n 
A 1 165 ARG 165 348 348 ARG ARG A . n 
A 1 166 ALA 166 349 349 ALA ALA A . n 
A 1 167 GLU 167 350 350 GLU GLU A . n 
A 1 168 ILE 168 351 351 ILE ILE A . n 
A 1 169 ASP 169 352 352 ASP ASP A . n 
A 1 170 LYS 170 353 353 LYS LYS A . n 
A 1 171 SER 171 354 354 SER SER A . n 
A 1 172 ASP 172 355 355 ASP ASP A . n 
A 1 173 SER 173 356 356 SER SER A . n 
A 1 174 ASP 174 357 357 ASP ASP A . n 
A 1 175 TRP 175 358 358 TRP TRP A . n 
A 1 176 ASP 176 359 359 ASP ASP A . n 
A 1 177 ARG 177 360 360 ARG ARG A . n 
A 1 178 GLU 178 361 361 GLU GLU A . n 
A 1 179 LYS 179 362 362 LYS LYS A . n 
A 1 180 LEU 180 363 363 LEU LEU A . n 
A 1 181 GLY 181 364 364 GLY GLY A . n 
A 1 182 GLU 182 365 365 GLU GLU A . n 
A 1 183 ARG 183 366 366 ARG ARG A . n 
A 1 184 LEU 184 367 367 LEU LEU A . n 
A 1 185 ALA 185 368 368 ALA ALA A . n 
A 1 186 LYS 186 369 369 LYS LYS A . n 
A 1 187 LEU 187 370 370 LEU LEU A . n 
A 1 188 ALA 188 371 371 ALA ALA A . n 
A 1 189 GLY 189 372 372 GLY GLY A . n 
A 1 190 GLY 190 373 373 GLY GLY A . n 
A 1 191 VAL 191 374 374 VAL VAL A . n 
A 1 192 ALA 192 375 375 ALA ALA A . n 
A 1 193 VAL 193 376 376 VAL VAL A . n 
A 1 194 ILE 194 377 377 ILE ILE A . n 
# 
loop_
_pdbx_nonpoly_scheme.asym_id 
_pdbx_nonpoly_scheme.entity_id 
_pdbx_nonpoly_scheme.mon_id 
_pdbx_nonpoly_scheme.ndb_seq_num 
_pdbx_nonpoly_scheme.pdb_seq_num 
_pdbx_nonpoly_scheme.auth_seq_num 
_pdbx_nonpoly_scheme.pdb_mon_id 
_pdbx_nonpoly_scheme.auth_mon_id 
_pdbx_nonpoly_scheme.pdb_strand_id 
_pdbx_nonpoly_scheme.pdb_ins_code 
B 2 HOH 1  1  1  HOH HOH A . 
B 2 HOH 2  2  2  HOH HOH A . 
B 2 HOH 3  3  3  HOH HOH A . 
B 2 HOH 4  4  4  HOH HOH A . 
B 2 HOH 5  5  5  HOH HOH A . 
B 2 HOH 6  6  6  HOH HOH A . 
B 2 HOH 7  7  7  HOH HOH A . 
B 2 HOH 8  8  8  HOH HOH A . 
B 2 HOH 9  9  9  HOH HOH A . 
B 2 HOH 10 10 10 HOH HOH A . 
B 2 HOH 11 11 11 HOH HOH A . 
B 2 HOH 12 12 12 HOH HOH A . 
B 2 HOH 13 13 13 HOH HOH A . 
B 2 HOH 14 14 14 HOH HOH A . 
B 2 HOH 15 15 15 HOH HOH A . 
B 2 HOH 16 16 16 HOH HOH A . 
B 2 HOH 17 17 17 HOH HOH A . 
B 2 HOH 18 18 18 HOH HOH A . 
B 2 HOH 19 19 19 HOH HOH A . 
B 2 HOH 20 20 20 HOH HOH A . 
B 2 HOH 21 21 21 HOH HOH A . 
B 2 HOH 22 22 22 HOH HOH A . 
B 2 HOH 23 23 23 HOH HOH A . 
B 2 HOH 24 24 24 HOH HOH A . 
B 2 HOH 25 25 25 HOH HOH A . 
B 2 HOH 26 26 26 HOH HOH A . 
B 2 HOH 27 27 27 HOH HOH A . 
B 2 HOH 28 28 28 HOH HOH A . 
B 2 HOH 29 29 29 HOH HOH A . 
B 2 HOH 30 30 30 HOH HOH A . 
B 2 HOH 31 31 31 HOH HOH A . 
B 2 HOH 32 32 32 HOH HOH A . 
B 2 HOH 33 33 33 HOH HOH A . 
B 2 HOH 34 34 34 HOH HOH A . 
B 2 HOH 35 35 35 HOH HOH A . 
B 2 HOH 36 36 36 HOH HOH A . 
B 2 HOH 37 37 37 HOH HOH A . 
B 2 HOH 38 38 38 HOH HOH A . 
B 2 HOH 39 39 39 HOH HOH A . 
B 2 HOH 40 40 40 HOH HOH A . 
B 2 HOH 41 41 41 HOH HOH A . 
B 2 HOH 42 42 42 HOH HOH A . 
B 2 HOH 43 43 43 HOH HOH A . 
B 2 HOH 44 44 44 HOH HOH A . 
B 2 HOH 45 45 45 HOH HOH A . 
B 2 HOH 46 46 46 HOH HOH A . 
B 2 HOH 47 47 47 HOH HOH A . 
B 2 HOH 48 48 48 HOH HOH A . 
B 2 HOH 49 49 49 HOH HOH A . 
B 2 HOH 50 50 50 HOH HOH A . 
B 2 HOH 51 51 51 HOH HOH A . 
B 2 HOH 52 52 52 HOH HOH A . 
B 2 HOH 53 53 53 HOH HOH A . 
B 2 HOH 54 54 54 HOH HOH A . 
B 2 HOH 55 55 55 HOH HOH A . 
B 2 HOH 56 56 56 HOH HOH A . 
B 2 HOH 57 57 57 HOH HOH A . 
B 2 HOH 58 58 58 HOH HOH A . 
B 2 HOH 59 59 59 HOH HOH A . 
B 2 HOH 60 60 60 HOH HOH A . 
B 2 HOH 61 61 61 HOH HOH A . 
B 2 HOH 62 62 62 HOH HOH A . 
B 2 HOH 63 63 63 HOH HOH A . 
B 2 HOH 64 64 64 HOH HOH A . 
B 2 HOH 65 65 65 HOH HOH A . 
# 
_pdbx_struct_assembly.id                   1 
_pdbx_struct_assembly.details              author_and_software_defined_assembly 
_pdbx_struct_assembly.method_details       PISA 
_pdbx_struct_assembly.oligomeric_details   monomeric 
_pdbx_struct_assembly.oligomeric_count     1 
# 
_pdbx_struct_assembly_gen.assembly_id       1 
_pdbx_struct_assembly_gen.oper_expression   1 
_pdbx_struct_assembly_gen.asym_id_list      A,B 
# 
_pdbx_struct_oper_list.id                   1 
_pdbx_struct_oper_list.type                 'identity operation' 
_pdbx_struct_oper_list.name                 1_555 
_pdbx_struct_oper_list.symmetry_operation   x,y,z 
_pdbx_struct_oper_list.matrix[1][1]         1.0000000000 
_pdbx_struct_oper_list.matrix[1][2]         0.0000000000 
_pdbx_struct_oper_list.matrix[1][3]         0.0000000000 
_pdbx_struct_oper_list.vector[1]            0.0000000000 
_pdbx_struct_oper_list.matrix[2][1]         0.0000000000 
_pdbx_struct_oper_list.matrix[2][2]         1.0000000000 
_pdbx_struct_oper_list.matrix[2][3]         0.0000000000 
_pdbx_struct_oper_list.vector[2]            0.0000000000 
_pdbx_struct_oper_list.matrix[3][1]         0.0000000000 
_pdbx_struct_oper_list.matrix[3][2]         0.0000000000 
_pdbx_struct_oper_list.matrix[3][3]         1.0000000000 
_pdbx_struct_oper_list.vector[3]            0.0000000000 
# 
loop_
_pdbx_audit_revision_history.ordinal 
_pdbx_audit_revision_history.data_content_type 
_pdbx_audit_revision_history.major_revision 
_pdbx_audit_revision_history.minor_revision 
_pdbx_audit_revision_history.revision_date 
1 'Structure model' 1 0 2010-12-08 
2 'Structure model' 1 1 2011-07-13 
3 'Structure model' 1 2 2017-11-08 
4 'Structure model' 1 3 2023-09-06 
# 
_pdbx_audit_revision_details.ordinal             1 
_pdbx_audit_revision_details.revision_ordinal    1 
_pdbx_audit_revision_details.data_content_type   'Structure model' 
_pdbx_audit_revision_details.provider            repository 
_pdbx_audit_revision_details.type                'Initial release' 
_pdbx_audit_revision_details.description         ? 
_pdbx_audit_revision_details.details             ? 
# 
loop_
_pdbx_audit_revision_group.ordinal 
_pdbx_audit_revision_group.revision_ordinal 
_pdbx_audit_revision_group.data_content_type 
_pdbx_audit_revision_group.group 
1 2 'Structure model' 'Version format compliance' 
2 3 'Structure model' 'Refinement description'    
3 4 'Structure model' 'Data collection'           
4 4 'Structure model' 'Database references'       
5 4 'Structure model' 'Refinement description'    
# 
loop_
_pdbx_audit_revision_category.ordinal 
_pdbx_audit_revision_category.revision_ordinal 
_pdbx_audit_revision_category.data_content_type 
_pdbx_audit_revision_category.category 
1 3 'Structure model' software                      
2 4 'Structure model' chem_comp_atom                
3 4 'Structure model' chem_comp_bond                
4 4 'Structure model' database_2                    
5 4 'Structure model' pdbx_initial_refinement_model 
# 
loop_
_pdbx_audit_revision_item.ordinal 
_pdbx_audit_revision_item.revision_ordinal 
_pdbx_audit_revision_item.data_content_type 
_pdbx_audit_revision_item.item 
1 4 'Structure model' '_database_2.pdbx_DOI'                
2 4 'Structure model' '_database_2.pdbx_database_accession' 
# 
_phasing.method   mr 
# 
loop_
_software.pdbx_ordinal 
_software.name 
_software.version 
_software.date 
_software.type 
_software.contact_author 
_software.contact_author_email 
_software.classification 
_software.location 
_software.language 
_software.citation_id 
1 DENZO           .     ?               package 'Zbyszek Otwinowski' hkl@hkl-xray.com      'data reduction'  
http://www.hkl-xray.com/                  ?          ? 
2 SCALEPACK       .     ?               package 'Zbyszek Otwinowski' hkl@hkl-xray.com      'data scaling'    
http://www.hkl-xray.com/                  ?          ? 
3 CNS             .     ?               package 'Axel T. Brunger'    axel.brunger@yale.edu refinement        
http://cns-online.org/                    Fortran_77 ? 
4 PDB_EXTRACT     3.100 'Jan. 22, 2010' package PDB                  help@deposit.rcsb.org 'data extraction' 
http://sw-tools.pdb.org/apps/PDB_EXTRACT/ C++        ? 
5 StructureStudio .     ?               ?       ?                    ?                     'data collection' ? ?          ? 
6 HKL-2000        .     ?               ?       ?                    ?                     'data reduction'  ? ?          ? 
7 HKL-2000        .     ?               ?       ?                    ?                     'data scaling'    ? ?          ? 
8 MOLREP          .     ?               ?       ?                    ?                     phasing           ? ?          ? 
# 
loop_
_pdbx_validate_torsion.id 
_pdbx_validate_torsion.PDB_model_num 
_pdbx_validate_torsion.auth_comp_id 
_pdbx_validate_torsion.auth_asym_id 
_pdbx_validate_torsion.auth_seq_id 
_pdbx_validate_torsion.PDB_ins_code 
_pdbx_validate_torsion.label_alt_id 
_pdbx_validate_torsion.phi 
_pdbx_validate_torsion.psi 
1 1 ASP A 223 ? ? -94.70  -159.97 
2 1 SER A 226 ? ? -138.60 -36.83  
3 1 LEU A 269 ? ? -159.87 89.90   
4 1 TYR A 278 ? ? -92.18  -143.93 
5 1 ASP A 332 ? ? 55.25   73.58   
# 
loop_
_chem_comp_atom.comp_id 
_chem_comp_atom.atom_id 
_chem_comp_atom.type_symbol 
_chem_comp_atom.pdbx_aromatic_flag 
_chem_comp_atom.pdbx_stereo_config 
_chem_comp_atom.pdbx_ordinal 
ALA N    N N N 1   
ALA CA   C N S 2   
ALA C    C N N 3   
ALA O    O N N 4   
ALA CB   C N N 5   
ALA OXT  O N N 6   
ALA H    H N N 7   
ALA H2   H N N 8   
ALA HA   H N N 9   
ALA HB1  H N N 10  
ALA HB2  H N N 11  
ALA HB3  H N N 12  
ALA HXT  H N N 13  
ARG N    N N N 14  
ARG CA   C N S 15  
ARG C    C N N 16  
ARG O    O N N 17  
ARG CB   C N N 18  
ARG CG   C N N 19  
ARG CD   C N N 20  
ARG NE   N N N 21  
ARG CZ   C N N 22  
ARG NH1  N N N 23  
ARG NH2  N N N 24  
ARG OXT  O N N 25  
ARG H    H N N 26  
ARG H2   H N N 27  
ARG HA   H N N 28  
ARG HB2  H N N 29  
ARG HB3  H N N 30  
ARG HG2  H N N 31  
ARG HG3  H N N 32  
ARG HD2  H N N 33  
ARG HD3  H N N 34  
ARG HE   H N N 35  
ARG HH11 H N N 36  
ARG HH12 H N N 37  
ARG HH21 H N N 38  
ARG HH22 H N N 39  
ARG HXT  H N N 40  
ASN N    N N N 41  
ASN CA   C N S 42  
ASN C    C N N 43  
ASN O    O N N 44  
ASN CB   C N N 45  
ASN CG   C N N 46  
ASN OD1  O N N 47  
ASN ND2  N N N 48  
ASN OXT  O N N 49  
ASN H    H N N 50  
ASN H2   H N N 51  
ASN HA   H N N 52  
ASN HB2  H N N 53  
ASN HB3  H N N 54  
ASN HD21 H N N 55  
ASN HD22 H N N 56  
ASN HXT  H N N 57  
ASP N    N N N 58  
ASP CA   C N S 59  
ASP C    C N N 60  
ASP O    O N N 61  
ASP CB   C N N 62  
ASP CG   C N N 63  
ASP OD1  O N N 64  
ASP OD2  O N N 65  
ASP OXT  O N N 66  
ASP H    H N N 67  
ASP H2   H N N 68  
ASP HA   H N N 69  
ASP HB2  H N N 70  
ASP HB3  H N N 71  
ASP HD2  H N N 72  
ASP HXT  H N N 73  
GLN N    N N N 74  
GLN CA   C N S 75  
GLN C    C N N 76  
GLN O    O N N 77  
GLN CB   C N N 78  
GLN CG   C N N 79  
GLN CD   C N N 80  
GLN OE1  O N N 81  
GLN NE2  N N N 82  
GLN OXT  O N N 83  
GLN H    H N N 84  
GLN H2   H N N 85  
GLN HA   H N N 86  
GLN HB2  H N N 87  
GLN HB3  H N N 88  
GLN HG2  H N N 89  
GLN HG3  H N N 90  
GLN HE21 H N N 91  
GLN HE22 H N N 92  
GLN HXT  H N N 93  
GLU N    N N N 94  
GLU CA   C N S 95  
GLU C    C N N 96  
GLU O    O N N 97  
GLU CB   C N N 98  
GLU CG   C N N 99  
GLU CD   C N N 100 
GLU OE1  O N N 101 
GLU OE2  O N N 102 
GLU OXT  O N N 103 
GLU H    H N N 104 
GLU H2   H N N 105 
GLU HA   H N N 106 
GLU HB2  H N N 107 
GLU HB3  H N N 108 
GLU HG2  H N N 109 
GLU HG3  H N N 110 
GLU HE2  H N N 111 
GLU HXT  H N N 112 
GLY N    N N N 113 
GLY CA   C N N 114 
GLY C    C N N 115 
GLY O    O N N 116 
GLY OXT  O N N 117 
GLY H    H N N 118 
GLY H2   H N N 119 
GLY HA2  H N N 120 
GLY HA3  H N N 121 
GLY HXT  H N N 122 
HIS N    N N N 123 
HIS CA   C N S 124 
HIS C    C N N 125 
HIS O    O N N 126 
HIS CB   C N N 127 
HIS CG   C Y N 128 
HIS ND1  N Y N 129 
HIS CD2  C Y N 130 
HIS CE1  C Y N 131 
HIS NE2  N Y N 132 
HIS OXT  O N N 133 
HIS H    H N N 134 
HIS H2   H N N 135 
HIS HA   H N N 136 
HIS HB2  H N N 137 
HIS HB3  H N N 138 
HIS HD1  H N N 139 
HIS HD2  H N N 140 
HIS HE1  H N N 141 
HIS HE2  H N N 142 
HIS HXT  H N N 143 
HOH O    O N N 144 
HOH H1   H N N 145 
HOH H2   H N N 146 
ILE N    N N N 147 
ILE CA   C N S 148 
ILE C    C N N 149 
ILE O    O N N 150 
ILE CB   C N S 151 
ILE CG1  C N N 152 
ILE CG2  C N N 153 
ILE CD1  C N N 154 
ILE OXT  O N N 155 
ILE H    H N N 156 
ILE H2   H N N 157 
ILE HA   H N N 158 
ILE HB   H N N 159 
ILE HG12 H N N 160 
ILE HG13 H N N 161 
ILE HG21 H N N 162 
ILE HG22 H N N 163 
ILE HG23 H N N 164 
ILE HD11 H N N 165 
ILE HD12 H N N 166 
ILE HD13 H N N 167 
ILE HXT  H N N 168 
LEU N    N N N 169 
LEU CA   C N S 170 
LEU C    C N N 171 
LEU O    O N N 172 
LEU CB   C N N 173 
LEU CG   C N N 174 
LEU CD1  C N N 175 
LEU CD2  C N N 176 
LEU OXT  O N N 177 
LEU H    H N N 178 
LEU H2   H N N 179 
LEU HA   H N N 180 
LEU HB2  H N N 181 
LEU HB3  H N N 182 
LEU HG   H N N 183 
LEU HD11 H N N 184 
LEU HD12 H N N 185 
LEU HD13 H N N 186 
LEU HD21 H N N 187 
LEU HD22 H N N 188 
LEU HD23 H N N 189 
LEU HXT  H N N 190 
LYS N    N N N 191 
LYS CA   C N S 192 
LYS C    C N N 193 
LYS O    O N N 194 
LYS CB   C N N 195 
LYS CG   C N N 196 
LYS CD   C N N 197 
LYS CE   C N N 198 
LYS NZ   N N N 199 
LYS OXT  O N N 200 
LYS H    H N N 201 
LYS H2   H N N 202 
LYS HA   H N N 203 
LYS HB2  H N N 204 
LYS HB3  H N N 205 
LYS HG2  H N N 206 
LYS HG3  H N N 207 
LYS HD2  H N N 208 
LYS HD3  H N N 209 
LYS HE2  H N N 210 
LYS HE3  H N N 211 
LYS HZ1  H N N 212 
LYS HZ2  H N N 213 
LYS HZ3  H N N 214 
LYS HXT  H N N 215 
MET N    N N N 216 
MET CA   C N S 217 
MET C    C N N 218 
MET O    O N N 219 
MET CB   C N N 220 
MET CG   C N N 221 
MET SD   S N N 222 
MET CE   C N N 223 
MET OXT  O N N 224 
MET H    H N N 225 
MET H2   H N N 226 
MET HA   H N N 227 
MET HB2  H N N 228 
MET HB3  H N N 229 
MET HG2  H N N 230 
MET HG3  H N N 231 
MET HE1  H N N 232 
MET HE2  H N N 233 
MET HE3  H N N 234 
MET HXT  H N N 235 
PHE N    N N N 236 
PHE CA   C N S 237 
PHE C    C N N 238 
PHE O    O N N 239 
PHE CB   C N N 240 
PHE CG   C Y N 241 
PHE CD1  C Y N 242 
PHE CD2  C Y N 243 
PHE CE1  C Y N 244 
PHE CE2  C Y N 245 
PHE CZ   C Y N 246 
PHE OXT  O N N 247 
PHE H    H N N 248 
PHE H2   H N N 249 
PHE HA   H N N 250 
PHE HB2  H N N 251 
PHE HB3  H N N 252 
PHE HD1  H N N 253 
PHE HD2  H N N 254 
PHE HE1  H N N 255 
PHE HE2  H N N 256 
PHE HZ   H N N 257 
PHE HXT  H N N 258 
PRO N    N N N 259 
PRO CA   C N S 260 
PRO C    C N N 261 
PRO O    O N N 262 
PRO CB   C N N 263 
PRO CG   C N N 264 
PRO CD   C N N 265 
PRO OXT  O N N 266 
PRO H    H N N 267 
PRO HA   H N N 268 
PRO HB2  H N N 269 
PRO HB3  H N N 270 
PRO HG2  H N N 271 
PRO HG3  H N N 272 
PRO HD2  H N N 273 
PRO HD3  H N N 274 
PRO HXT  H N N 275 
SER N    N N N 276 
SER CA   C N S 277 
SER C    C N N 278 
SER O    O N N 279 
SER CB   C N N 280 
SER OG   O N N 281 
SER OXT  O N N 282 
SER H    H N N 283 
SER H2   H N N 284 
SER HA   H N N 285 
SER HB2  H N N 286 
SER HB3  H N N 287 
SER HG   H N N 288 
SER HXT  H N N 289 
THR N    N N N 290 
THR CA   C N S 291 
THR C    C N N 292 
THR O    O N N 293 
THR CB   C N R 294 
THR OG1  O N N 295 
THR CG2  C N N 296 
THR OXT  O N N 297 
THR H    H N N 298 
THR H2   H N N 299 
THR HA   H N N 300 
THR HB   H N N 301 
THR HG1  H N N 302 
THR HG21 H N N 303 
THR HG22 H N N 304 
THR HG23 H N N 305 
THR HXT  H N N 306 
TRP N    N N N 307 
TRP CA   C N S 308 
TRP C    C N N 309 
TRP O    O N N 310 
TRP CB   C N N 311 
TRP CG   C Y N 312 
TRP CD1  C Y N 313 
TRP CD2  C Y N 314 
TRP NE1  N Y N 315 
TRP CE2  C Y N 316 
TRP CE3  C Y N 317 
TRP CZ2  C Y N 318 
TRP CZ3  C Y N 319 
TRP CH2  C Y N 320 
TRP OXT  O N N 321 
TRP H    H N N 322 
TRP H2   H N N 323 
TRP HA   H N N 324 
TRP HB2  H N N 325 
TRP HB3  H N N 326 
TRP HD1  H N N 327 
TRP HE1  H N N 328 
TRP HE3  H N N 329 
TRP HZ2  H N N 330 
TRP HZ3  H N N 331 
TRP HH2  H N N 332 
TRP HXT  H N N 333 
TYR N    N N N 334 
TYR CA   C N S 335 
TYR C    C N N 336 
TYR O    O N N 337 
TYR CB   C N N 338 
TYR CG   C Y N 339 
TYR CD1  C Y N 340 
TYR CD2  C Y N 341 
TYR CE1  C Y N 342 
TYR CE2  C Y N 343 
TYR CZ   C Y N 344 
TYR OH   O N N 345 
TYR OXT  O N N 346 
TYR H    H N N 347 
TYR H2   H N N 348 
TYR HA   H N N 349 
TYR HB2  H N N 350 
TYR HB3  H N N 351 
TYR HD1  H N N 352 
TYR HD2  H N N 353 
TYR HE1  H N N 354 
TYR HE2  H N N 355 
TYR HH   H N N 356 
TYR HXT  H N N 357 
VAL N    N N N 358 
VAL CA   C N S 359 
VAL C    C N N 360 
VAL O    O N N 361 
VAL CB   C N N 362 
VAL CG1  C N N 363 
VAL CG2  C N N 364 
VAL OXT  O N N 365 
VAL H    H N N 366 
VAL H2   H N N 367 
VAL HA   H N N 368 
VAL HB   H N N 369 
VAL HG11 H N N 370 
VAL HG12 H N N 371 
VAL HG13 H N N 372 
VAL HG21 H N N 373 
VAL HG22 H N N 374 
VAL HG23 H N N 375 
VAL HXT  H N N 376 
# 
loop_
_chem_comp_bond.comp_id 
_chem_comp_bond.atom_id_1 
_chem_comp_bond.atom_id_2 
_chem_comp_bond.value_order 
_chem_comp_bond.pdbx_aromatic_flag 
_chem_comp_bond.pdbx_stereo_config 
_chem_comp_bond.pdbx_ordinal 
ALA N   CA   sing N N 1   
ALA N   H    sing N N 2   
ALA N   H2   sing N N 3   
ALA CA  C    sing N N 4   
ALA CA  CB   sing N N 5   
ALA CA  HA   sing N N 6   
ALA C   O    doub N N 7   
ALA C   OXT  sing N N 8   
ALA CB  HB1  sing N N 9   
ALA CB  HB2  sing N N 10  
ALA CB  HB3  sing N N 11  
ALA OXT HXT  sing N N 12  
ARG N   CA   sing N N 13  
ARG N   H    sing N N 14  
ARG N   H2   sing N N 15  
ARG CA  C    sing N N 16  
ARG CA  CB   sing N N 17  
ARG CA  HA   sing N N 18  
ARG C   O    doub N N 19  
ARG C   OXT  sing N N 20  
ARG CB  CG   sing N N 21  
ARG CB  HB2  sing N N 22  
ARG CB  HB3  sing N N 23  
ARG CG  CD   sing N N 24  
ARG CG  HG2  sing N N 25  
ARG CG  HG3  sing N N 26  
ARG CD  NE   sing N N 27  
ARG CD  HD2  sing N N 28  
ARG CD  HD3  sing N N 29  
ARG NE  CZ   sing N N 30  
ARG NE  HE   sing N N 31  
ARG CZ  NH1  sing N N 32  
ARG CZ  NH2  doub N N 33  
ARG NH1 HH11 sing N N 34  
ARG NH1 HH12 sing N N 35  
ARG NH2 HH21 sing N N 36  
ARG NH2 HH22 sing N N 37  
ARG OXT HXT  sing N N 38  
ASN N   CA   sing N N 39  
ASN N   H    sing N N 40  
ASN N   H2   sing N N 41  
ASN CA  C    sing N N 42  
ASN CA  CB   sing N N 43  
ASN CA  HA   sing N N 44  
ASN C   O    doub N N 45  
ASN C   OXT  sing N N 46  
ASN CB  CG   sing N N 47  
ASN CB  HB2  sing N N 48  
ASN CB  HB3  sing N N 49  
ASN CG  OD1  doub N N 50  
ASN CG  ND2  sing N N 51  
ASN ND2 HD21 sing N N 52  
ASN ND2 HD22 sing N N 53  
ASN OXT HXT  sing N N 54  
ASP N   CA   sing N N 55  
ASP N   H    sing N N 56  
ASP N   H2   sing N N 57  
ASP CA  C    sing N N 58  
ASP CA  CB   sing N N 59  
ASP CA  HA   sing N N 60  
ASP C   O    doub N N 61  
ASP C   OXT  sing N N 62  
ASP CB  CG   sing N N 63  
ASP CB  HB2  sing N N 64  
ASP CB  HB3  sing N N 65  
ASP CG  OD1  doub N N 66  
ASP CG  OD2  sing N N 67  
ASP OD2 HD2  sing N N 68  
ASP OXT HXT  sing N N 69  
GLN N   CA   sing N N 70  
GLN N   H    sing N N 71  
GLN N   H2   sing N N 72  
GLN CA  C    sing N N 73  
GLN CA  CB   sing N N 74  
GLN CA  HA   sing N N 75  
GLN C   O    doub N N 76  
GLN C   OXT  sing N N 77  
GLN CB  CG   sing N N 78  
GLN CB  HB2  sing N N 79  
GLN CB  HB3  sing N N 80  
GLN CG  CD   sing N N 81  
GLN CG  HG2  sing N N 82  
GLN CG  HG3  sing N N 83  
GLN CD  OE1  doub N N 84  
GLN CD  NE2  sing N N 85  
GLN NE2 HE21 sing N N 86  
GLN NE2 HE22 sing N N 87  
GLN OXT HXT  sing N N 88  
GLU N   CA   sing N N 89  
GLU N   H    sing N N 90  
GLU N   H2   sing N N 91  
GLU CA  C    sing N N 92  
GLU CA  CB   sing N N 93  
GLU CA  HA   sing N N 94  
GLU C   O    doub N N 95  
GLU C   OXT  sing N N 96  
GLU CB  CG   sing N N 97  
GLU CB  HB2  sing N N 98  
GLU CB  HB3  sing N N 99  
GLU CG  CD   sing N N 100 
GLU CG  HG2  sing N N 101 
GLU CG  HG3  sing N N 102 
GLU CD  OE1  doub N N 103 
GLU CD  OE2  sing N N 104 
GLU OE2 HE2  sing N N 105 
GLU OXT HXT  sing N N 106 
GLY N   CA   sing N N 107 
GLY N   H    sing N N 108 
GLY N   H2   sing N N 109 
GLY CA  C    sing N N 110 
GLY CA  HA2  sing N N 111 
GLY CA  HA3  sing N N 112 
GLY C   O    doub N N 113 
GLY C   OXT  sing N N 114 
GLY OXT HXT  sing N N 115 
HIS N   CA   sing N N 116 
HIS N   H    sing N N 117 
HIS N   H2   sing N N 118 
HIS CA  C    sing N N 119 
HIS CA  CB   sing N N 120 
HIS CA  HA   sing N N 121 
HIS C   O    doub N N 122 
HIS C   OXT  sing N N 123 
HIS CB  CG   sing N N 124 
HIS CB  HB2  sing N N 125 
HIS CB  HB3  sing N N 126 
HIS CG  ND1  sing Y N 127 
HIS CG  CD2  doub Y N 128 
HIS ND1 CE1  doub Y N 129 
HIS ND1 HD1  sing N N 130 
HIS CD2 NE2  sing Y N 131 
HIS CD2 HD2  sing N N 132 
HIS CE1 NE2  sing Y N 133 
HIS CE1 HE1  sing N N 134 
HIS NE2 HE2  sing N N 135 
HIS OXT HXT  sing N N 136 
HOH O   H1   sing N N 137 
HOH O   H2   sing N N 138 
ILE N   CA   sing N N 139 
ILE N   H    sing N N 140 
ILE N   H2   sing N N 141 
ILE CA  C    sing N N 142 
ILE CA  CB   sing N N 143 
ILE CA  HA   sing N N 144 
ILE C   O    doub N N 145 
ILE C   OXT  sing N N 146 
ILE CB  CG1  sing N N 147 
ILE CB  CG2  sing N N 148 
ILE CB  HB   sing N N 149 
ILE CG1 CD1  sing N N 150 
ILE CG1 HG12 sing N N 151 
ILE CG1 HG13 sing N N 152 
ILE CG2 HG21 sing N N 153 
ILE CG2 HG22 sing N N 154 
ILE CG2 HG23 sing N N 155 
ILE CD1 HD11 sing N N 156 
ILE CD1 HD12 sing N N 157 
ILE CD1 HD13 sing N N 158 
ILE OXT HXT  sing N N 159 
LEU N   CA   sing N N 160 
LEU N   H    sing N N 161 
LEU N   H2   sing N N 162 
LEU CA  C    sing N N 163 
LEU CA  CB   sing N N 164 
LEU CA  HA   sing N N 165 
LEU C   O    doub N N 166 
LEU C   OXT  sing N N 167 
LEU CB  CG   sing N N 168 
LEU CB  HB2  sing N N 169 
LEU CB  HB3  sing N N 170 
LEU CG  CD1  sing N N 171 
LEU CG  CD2  sing N N 172 
LEU CG  HG   sing N N 173 
LEU CD1 HD11 sing N N 174 
LEU CD1 HD12 sing N N 175 
LEU CD1 HD13 sing N N 176 
LEU CD2 HD21 sing N N 177 
LEU CD2 HD22 sing N N 178 
LEU CD2 HD23 sing N N 179 
LEU OXT HXT  sing N N 180 
LYS N   CA   sing N N 181 
LYS N   H    sing N N 182 
LYS N   H2   sing N N 183 
LYS CA  C    sing N N 184 
LYS CA  CB   sing N N 185 
LYS CA  HA   sing N N 186 
LYS C   O    doub N N 187 
LYS C   OXT  sing N N 188 
LYS CB  CG   sing N N 189 
LYS CB  HB2  sing N N 190 
LYS CB  HB3  sing N N 191 
LYS CG  CD   sing N N 192 
LYS CG  HG2  sing N N 193 
LYS CG  HG3  sing N N 194 
LYS CD  CE   sing N N 195 
LYS CD  HD2  sing N N 196 
LYS CD  HD3  sing N N 197 
LYS CE  NZ   sing N N 198 
LYS CE  HE2  sing N N 199 
LYS CE  HE3  sing N N 200 
LYS NZ  HZ1  sing N N 201 
LYS NZ  HZ2  sing N N 202 
LYS NZ  HZ3  sing N N 203 
LYS OXT HXT  sing N N 204 
MET N   CA   sing N N 205 
MET N   H    sing N N 206 
MET N   H2   sing N N 207 
MET CA  C    sing N N 208 
MET CA  CB   sing N N 209 
MET CA  HA   sing N N 210 
MET C   O    doub N N 211 
MET C   OXT  sing N N 212 
MET CB  CG   sing N N 213 
MET CB  HB2  sing N N 214 
MET CB  HB3  sing N N 215 
MET CG  SD   sing N N 216 
MET CG  HG2  sing N N 217 
MET CG  HG3  sing N N 218 
MET SD  CE   sing N N 219 
MET CE  HE1  sing N N 220 
MET CE  HE2  sing N N 221 
MET CE  HE3  sing N N 222 
MET OXT HXT  sing N N 223 
PHE N   CA   sing N N 224 
PHE N   H    sing N N 225 
PHE N   H2   sing N N 226 
PHE CA  C    sing N N 227 
PHE CA  CB   sing N N 228 
PHE CA  HA   sing N N 229 
PHE C   O    doub N N 230 
PHE C   OXT  sing N N 231 
PHE CB  CG   sing N N 232 
PHE CB  HB2  sing N N 233 
PHE CB  HB3  sing N N 234 
PHE CG  CD1  doub Y N 235 
PHE CG  CD2  sing Y N 236 
PHE CD1 CE1  sing Y N 237 
PHE CD1 HD1  sing N N 238 
PHE CD2 CE2  doub Y N 239 
PHE CD2 HD2  sing N N 240 
PHE CE1 CZ   doub Y N 241 
PHE CE1 HE1  sing N N 242 
PHE CE2 CZ   sing Y N 243 
PHE CE2 HE2  sing N N 244 
PHE CZ  HZ   sing N N 245 
PHE OXT HXT  sing N N 246 
PRO N   CA   sing N N 247 
PRO N   CD   sing N N 248 
PRO N   H    sing N N 249 
PRO CA  C    sing N N 250 
PRO CA  CB   sing N N 251 
PRO CA  HA   sing N N 252 
PRO C   O    doub N N 253 
PRO C   OXT  sing N N 254 
PRO CB  CG   sing N N 255 
PRO CB  HB2  sing N N 256 
PRO CB  HB3  sing N N 257 
PRO CG  CD   sing N N 258 
PRO CG  HG2  sing N N 259 
PRO CG  HG3  sing N N 260 
PRO CD  HD2  sing N N 261 
PRO CD  HD3  sing N N 262 
PRO OXT HXT  sing N N 263 
SER N   CA   sing N N 264 
SER N   H    sing N N 265 
SER N   H2   sing N N 266 
SER CA  C    sing N N 267 
SER CA  CB   sing N N 268 
SER CA  HA   sing N N 269 
SER C   O    doub N N 270 
SER C   OXT  sing N N 271 
SER CB  OG   sing N N 272 
SER CB  HB2  sing N N 273 
SER CB  HB3  sing N N 274 
SER OG  HG   sing N N 275 
SER OXT HXT  sing N N 276 
THR N   CA   sing N N 277 
THR N   H    sing N N 278 
THR N   H2   sing N N 279 
THR CA  C    sing N N 280 
THR CA  CB   sing N N 281 
THR CA  HA   sing N N 282 
THR C   O    doub N N 283 
THR C   OXT  sing N N 284 
THR CB  OG1  sing N N 285 
THR CB  CG2  sing N N 286 
THR CB  HB   sing N N 287 
THR OG1 HG1  sing N N 288 
THR CG2 HG21 sing N N 289 
THR CG2 HG22 sing N N 290 
THR CG2 HG23 sing N N 291 
THR OXT HXT  sing N N 292 
TRP N   CA   sing N N 293 
TRP N   H    sing N N 294 
TRP N   H2   sing N N 295 
TRP CA  C    sing N N 296 
TRP CA  CB   sing N N 297 
TRP CA  HA   sing N N 298 
TRP C   O    doub N N 299 
TRP C   OXT  sing N N 300 
TRP CB  CG   sing N N 301 
TRP CB  HB2  sing N N 302 
TRP CB  HB3  sing N N 303 
TRP CG  CD1  doub Y N 304 
TRP CG  CD2  sing Y N 305 
TRP CD1 NE1  sing Y N 306 
TRP CD1 HD1  sing N N 307 
TRP CD2 CE2  doub Y N 308 
TRP CD2 CE3  sing Y N 309 
TRP NE1 CE2  sing Y N 310 
TRP NE1 HE1  sing N N 311 
TRP CE2 CZ2  sing Y N 312 
TRP CE3 CZ3  doub Y N 313 
TRP CE3 HE3  sing N N 314 
TRP CZ2 CH2  doub Y N 315 
TRP CZ2 HZ2  sing N N 316 
TRP CZ3 CH2  sing Y N 317 
TRP CZ3 HZ3  sing N N 318 
TRP CH2 HH2  sing N N 319 
TRP OXT HXT  sing N N 320 
TYR N   CA   sing N N 321 
TYR N   H    sing N N 322 
TYR N   H2   sing N N 323 
TYR CA  C    sing N N 324 
TYR CA  CB   sing N N 325 
TYR CA  HA   sing N N 326 
TYR C   O    doub N N 327 
TYR C   OXT  sing N N 328 
TYR CB  CG   sing N N 329 
TYR CB  HB2  sing N N 330 
TYR CB  HB3  sing N N 331 
TYR CG  CD1  doub Y N 332 
TYR CG  CD2  sing Y N 333 
TYR CD1 CE1  sing Y N 334 
TYR CD1 HD1  sing N N 335 
TYR CD2 CE2  doub Y N 336 
TYR CD2 HD2  sing N N 337 
TYR CE1 CZ   doub Y N 338 
TYR CE1 HE1  sing N N 339 
TYR CE2 CZ   sing Y N 340 
TYR CE2 HE2  sing N N 341 
TYR CZ  OH   sing N N 342 
TYR OH  HH   sing N N 343 
TYR OXT HXT  sing N N 344 
VAL N   CA   sing N N 345 
VAL N   H    sing N N 346 
VAL N   H2   sing N N 347 
VAL CA  C    sing N N 348 
VAL CA  CB   sing N N 349 
VAL CA  HA   sing N N 350 
VAL C   O    doub N N 351 
VAL C   OXT  sing N N 352 
VAL CB  CG1  sing N N 353 
VAL CB  CG2  sing N N 354 
VAL CB  HB   sing N N 355 
VAL CG1 HG11 sing N N 356 
VAL CG1 HG12 sing N N 357 
VAL CG1 HG13 sing N N 358 
VAL CG2 HG21 sing N N 359 
VAL CG2 HG22 sing N N 360 
VAL CG2 HG23 sing N N 361 
VAL OXT HXT  sing N N 362 
# 
_pdbx_entity_nonpoly.entity_id   2 
_pdbx_entity_nonpoly.name        water 
_pdbx_entity_nonpoly.comp_id     HOH 
# 
_pdbx_initial_refinement_model.id               1 
_pdbx_initial_refinement_model.entity_id_list   ? 
_pdbx_initial_refinement_model.type             'experimental model' 
_pdbx_initial_refinement_model.source_name      PDB 
_pdbx_initial_refinement_model.accession_code   1SJP 
_pdbx_initial_refinement_model.details          'PDB entry 1SJP' 
# 
